data_7E2Q
#
_entry.id   7E2Q
#
_cell.length_a   76.074
_cell.length_b   106.548
_cell.length_c   128.589
_cell.angle_alpha   90.000
_cell.angle_beta   103.146
_cell.angle_gamma   90.000
#
_symmetry.space_group_name_H-M   'P 1 21 1'
#
loop_
_entity.id
_entity.type
_entity.pdbx_description
1 polymer Enolase
2 non-polymer 'SULFATE ION'
3 water water
#
_entity_poly.entity_id   1
_entity_poly.type   'polypeptide(L)'
_entity_poly.pdbx_seq_one_letter_code
;MSAQTGTDLFKIADLFAYQVFDSRGFPTVACVVKLASGHTGEAMVPSGASTGEKEAIELRDGDPKAYFGKGVSQAVQNVN
QTIAPKLIGLNATDQAAIDALMIQLDGTPNKAKLGANAILAVSLAVAKAAASAQKTSLFKYLANQVMGLNKTEFILTVPM
LNVINGGAHADNNIDFQEFMIMPLGANSMHQALKMASETFHALQKLLKQRGLNTNKGDEGGFAPNLKLAEEALDLMVEAI
KAAGYQPGSDIAIALDVAASEFYDDTTKRYVFKKGIKAKILDEKEWSLTTAQMIAYLKKLTEQYPIISIEDGLSEHDWEG
METLTKTLGQHIQIVGDDLYCTNPAIAEKGVAHKATNSILIKLNQIGTLTETIKAINIAKDANWSQVISHRSGETEDTTI
ADLAVAACTGQIKTGSMSRSERIAKYNRLLQIELELGNNAKYLGWNTFKNIKPQKALEHHHHHH
;
_entity_poly.pdbx_strand_id   A,B,C,D
#
loop_
_chem_comp.id
_chem_comp.type
_chem_comp.name
_chem_comp.formula
SO4 non-polymer 'SULFATE ION' 'O4 S -2'
#
# COMPACT_ATOMS: atom_id res chain seq x y z
N ASP A 8 6.74 19.08 8.78
CA ASP A 8 6.39 19.77 7.54
C ASP A 8 6.06 18.78 6.43
N LEU A 9 4.90 18.98 5.82
CA LEU A 9 4.39 18.07 4.80
C LEU A 9 5.22 18.10 3.52
N PHE A 10 5.94 19.18 3.26
CA PHE A 10 6.63 19.38 1.99
C PHE A 10 8.14 19.41 2.12
N LYS A 11 8.70 19.20 3.31
CA LYS A 11 10.13 19.30 3.49
C LYS A 11 10.83 18.16 2.76
N ILE A 12 11.88 18.47 2.02
CA ILE A 12 12.61 17.44 1.27
C ILE A 12 13.52 16.69 2.23
N ALA A 13 13.34 15.38 2.30
CA ALA A 13 14.03 14.53 3.25
C ALA A 13 15.17 13.75 2.62
N ASP A 14 14.97 13.26 1.41
CA ASP A 14 15.98 12.55 0.65
C ASP A 14 15.82 12.90 -0.80
N LEU A 15 16.92 12.81 -1.53
CA LEU A 15 16.90 13.09 -2.96
C LEU A 15 18.02 12.28 -3.56
N PHE A 16 17.75 11.54 -4.64
CA PHE A 16 18.84 10.78 -5.24
C PHE A 16 18.54 10.53 -6.72
N ALA A 17 19.60 10.31 -7.48
CA ALA A 17 19.51 10.03 -8.90
C ALA A 17 20.19 8.70 -9.19
N TYR A 18 19.79 8.09 -10.29
CA TYR A 18 20.42 6.87 -10.77
C TYR A 18 20.21 6.79 -12.28
N GLN A 19 21.05 5.98 -12.93
CA GLN A 19 21.02 5.87 -14.38
C GLN A 19 19.94 4.89 -14.81
N VAL A 20 19.04 5.32 -15.70
CA VAL A 20 18.03 4.46 -16.32
C VAL A 20 18.21 4.49 -17.83
N PHE A 21 17.30 3.89 -18.57
CA PHE A 21 17.42 3.91 -20.02
C PHE A 21 16.27 4.68 -20.66
N ASP A 22 16.58 5.36 -21.77
CA ASP A 22 15.54 5.97 -22.58
C ASP A 22 15.03 4.98 -23.61
N SER A 23 14.11 5.46 -24.47
CA SER A 23 13.40 4.64 -25.43
C SER A 23 14.28 4.17 -26.57
N ARG A 24 15.49 4.69 -26.68
CA ARG A 24 16.45 4.24 -27.67
C ARG A 24 17.45 3.27 -27.08
N GLY A 25 17.37 2.98 -25.79
CA GLY A 25 18.37 2.16 -25.14
C GLY A 25 19.61 2.90 -24.72
N PHE A 26 19.57 4.25 -24.67
CA PHE A 26 20.70 5.02 -24.18
C PHE A 26 20.48 5.38 -22.72
N PRO A 27 21.55 5.50 -21.94
CA PRO A 27 21.40 5.95 -20.55
C PRO A 27 20.76 7.33 -20.45
N THR A 28 19.94 7.50 -19.42
CA THR A 28 19.51 8.85 -19.04
C THR A 28 19.37 8.88 -17.53
N VAL A 29 18.96 10.04 -17.02
CA VAL A 29 18.92 10.30 -15.58
C VAL A 29 17.50 10.12 -15.08
N ALA A 30 17.36 9.37 -13.98
CA ALA A 30 16.16 9.37 -13.16
C ALA A 30 16.49 10.00 -11.82
N CYS A 31 15.53 10.71 -11.25
CA CYS A 31 15.70 11.31 -9.93
C CYS A 31 14.47 11.00 -9.08
N VAL A 32 14.70 10.71 -7.81
CA VAL A 32 13.63 10.46 -6.84
C VAL A 32 13.78 11.45 -5.71
N VAL A 33 12.69 12.14 -5.39
CA VAL A 33 12.62 13.07 -4.27
C VAL A 33 11.66 12.48 -3.25
N LYS A 34 12.09 12.44 -2.00
CA LYS A 34 11.25 11.92 -0.92
C LYS A 34 11.02 13.03 0.09
N LEU A 35 9.75 13.28 0.41
CA LEU A 35 9.42 14.32 1.37
C LEU A 35 9.37 13.72 2.79
N ALA A 36 9.37 14.61 3.79
CA ALA A 36 9.32 14.16 5.17
C ALA A 36 8.00 13.48 5.49
N SER A 37 6.93 13.85 4.79
CA SER A 37 5.66 13.15 4.91
C SER A 37 5.70 11.75 4.31
N GLY A 38 6.79 11.39 3.62
CA GLY A 38 6.90 10.12 2.95
C GLY A 38 6.48 10.13 1.51
N HIS A 39 5.83 11.18 1.04
CA HIS A 39 5.43 11.25 -0.35
C HIS A 39 6.66 11.38 -1.24
N THR A 40 6.57 10.80 -2.43
CA THR A 40 7.71 10.77 -3.32
C THR A 40 7.30 11.32 -4.67
N GLY A 41 8.30 11.84 -5.38
CA GLY A 41 8.14 12.19 -6.77
C GLY A 41 9.33 11.65 -7.54
N GLU A 42 9.06 11.25 -8.77
CA GLU A 42 10.10 10.65 -9.60
C GLU A 42 9.99 11.17 -11.02
N ALA A 43 11.14 11.47 -11.62
CA ALA A 43 11.17 11.99 -12.98
C ALA A 43 12.32 11.40 -13.76
N MET A 44 12.16 11.35 -15.08
CA MET A 44 13.19 10.92 -16.01
C MET A 44 13.38 12.01 -17.06
N VAL A 45 14.58 12.09 -17.60
CA VAL A 45 14.98 13.15 -18.51
C VAL A 45 15.05 12.58 -19.92
N PRO A 46 14.44 13.22 -20.91
CA PRO A 46 14.57 12.77 -22.30
C PRO A 46 15.87 13.30 -22.92
N SER A 47 16.08 12.94 -24.19
CA SER A 47 17.30 13.33 -24.88
C SER A 47 17.08 13.39 -26.39
N GLY A 48 17.60 14.46 -27.02
CA GLY A 48 17.45 14.62 -28.45
C GLY A 48 18.44 13.80 -29.27
N ALA A 49 18.20 13.77 -30.58
CA ALA A 49 19.03 12.97 -31.48
C ALA A 49 20.40 13.62 -31.68
N THR A 51 21.82 17.06 -30.50
CA THR A 51 22.72 18.04 -29.90
C THR A 51 22.67 19.38 -30.62
N GLY A 52 21.94 20.33 -30.05
CA GLY A 52 21.88 21.67 -30.58
C GLY A 52 23.03 22.53 -30.11
N GLU A 53 23.06 23.76 -30.61
CA GLU A 53 24.13 24.69 -30.24
C GLU A 53 23.74 25.54 -29.04
N LYS A 54 22.53 26.11 -29.07
CA LYS A 54 22.04 26.94 -27.98
C LYS A 54 21.33 26.14 -26.89
N GLU A 55 21.26 24.82 -27.02
CA GLU A 55 20.61 24.01 -26.00
C GLU A 55 21.44 24.01 -24.73
N ALA A 56 20.74 23.92 -23.59
CA ALA A 56 21.41 23.61 -22.34
C ALA A 56 22.15 22.28 -22.49
N ILE A 57 23.31 22.17 -21.83
CA ILE A 57 24.23 21.06 -22.08
C ILE A 57 23.71 19.78 -21.44
N GLU A 58 23.48 18.76 -22.27
CA GLU A 58 23.27 17.40 -21.80
C GLU A 58 24.63 16.79 -21.48
N LEU A 59 24.85 16.41 -20.22
CA LEU A 59 26.16 15.97 -19.79
C LEU A 59 26.27 14.46 -19.97
N ARG A 60 27.22 14.03 -20.82
CA ARG A 60 27.52 12.64 -21.05
C ARG A 60 28.95 12.33 -20.61
N ASP A 61 29.20 11.08 -20.24
CA ASP A 61 30.52 10.71 -19.72
C ASP A 61 31.58 10.70 -20.82
N GLY A 62 31.20 10.32 -22.04
CA GLY A 62 32.18 10.22 -23.10
C GLY A 62 33.24 9.17 -22.86
N ASP A 63 32.89 8.09 -22.17
CA ASP A 63 33.80 6.96 -22.03
C ASP A 63 33.49 5.94 -23.12
N PRO A 64 34.42 5.69 -24.05
CA PRO A 64 34.11 4.79 -25.16
C PRO A 64 33.88 3.34 -24.73
N LYS A 65 34.41 2.94 -23.57
CA LYS A 65 34.20 1.59 -23.06
C LYS A 65 32.89 1.43 -22.27
N ALA A 66 32.12 2.50 -22.08
CA ALA A 66 30.89 2.43 -21.32
C ALA A 66 29.77 3.05 -22.14
N TYR A 67 28.80 2.23 -22.56
CA TYR A 67 27.64 2.72 -23.30
C TYR A 67 28.05 3.60 -24.48
N PHE A 68 29.10 3.18 -25.20
CA PHE A 68 29.52 3.87 -26.42
C PHE A 68 29.60 5.38 -26.21
N GLY A 69 30.13 5.79 -25.05
CA GLY A 69 30.34 7.18 -24.72
C GLY A 69 29.15 7.92 -24.13
N LYS A 70 28.00 7.27 -23.97
CA LYS A 70 26.77 7.96 -23.59
C LYS A 70 26.36 7.73 -22.14
N GLY A 71 27.28 7.29 -21.29
CA GLY A 71 26.94 7.15 -19.89
C GLY A 71 26.57 8.49 -19.27
N VAL A 72 25.77 8.44 -18.21
CA VAL A 72 25.41 9.68 -17.53
C VAL A 72 25.77 9.60 -16.05
N SER A 73 26.80 8.82 -15.73
CA SER A 73 27.21 8.68 -14.34
C SER A 73 27.68 10.02 -13.75
N GLN A 74 28.24 10.91 -14.56
CA GLN A 74 28.68 12.19 -14.03
C GLN A 74 27.49 13.10 -13.69
N ALA A 75 26.47 13.11 -14.54
CA ALA A 75 25.26 13.85 -14.21
C ALA A 75 24.59 13.26 -12.97
N VAL A 76 24.55 11.93 -12.87
CA VAL A 76 23.94 11.29 -11.70
C VAL A 76 24.71 11.67 -10.45
N GLN A 77 26.05 11.61 -10.51
CA GLN A 77 26.86 11.99 -9.37
C GLN A 77 26.64 13.46 -8.99
N ASN A 78 26.43 14.33 -9.98
CA ASN A 78 26.19 15.74 -9.68
C ASN A 78 24.91 15.93 -8.86
N VAL A 79 23.87 15.15 -9.16
CA VAL A 79 22.67 15.17 -8.32
C VAL A 79 23.00 14.67 -6.92
N ASN A 80 23.61 13.49 -6.83
CA ASN A 80 23.77 12.83 -5.54
C ASN A 80 24.72 13.59 -4.63
N GLN A 81 25.84 14.08 -5.16
CA GLN A 81 26.83 14.70 -4.29
C GLN A 81 26.81 16.22 -4.30
N THR A 82 26.33 16.87 -5.36
CA THR A 82 26.37 18.33 -5.39
C THR A 82 25.01 18.98 -5.14
N ILE A 83 23.96 18.55 -5.85
CA ILE A 83 22.65 19.20 -5.73
C ILE A 83 21.93 18.74 -4.46
N ALA A 84 21.82 17.44 -4.25
CA ALA A 84 21.01 16.91 -3.15
C ALA A 84 21.30 17.52 -1.79
N PRO A 85 22.56 17.64 -1.33
CA PRO A 85 22.78 18.24 0.00
C PRO A 85 22.28 19.67 0.10
N LYS A 86 22.24 20.41 -1.01
CA LYS A 86 21.76 21.79 -0.97
C LYS A 86 20.24 21.86 -0.86
N LEU A 87 19.52 20.82 -1.28
CA LEU A 87 18.07 20.89 -1.32
C LEU A 87 17.38 20.24 -0.12
N ILE A 88 18.09 19.38 0.62
CA ILE A 88 17.51 18.73 1.78
C ILE A 88 17.07 19.79 2.77
N GLY A 89 15.83 19.69 3.23
CA GLY A 89 15.30 20.64 4.19
C GLY A 89 14.46 21.74 3.57
N LEU A 90 14.52 21.89 2.25
CA LEU A 90 13.70 22.90 1.57
C LEU A 90 12.28 22.39 1.36
N ASN A 91 11.34 23.32 1.38
CA ASN A 91 9.94 23.04 1.06
C ASN A 91 9.82 22.75 -0.44
N ALA A 92 9.34 21.55 -0.79
CA ALA A 92 9.33 21.13 -2.19
C ALA A 92 8.37 21.95 -3.05
N THR A 93 7.42 22.67 -2.45
CA THR A 93 6.56 23.52 -3.25
C THR A 93 7.23 24.80 -3.70
N ASP A 94 8.43 25.10 -3.21
CA ASP A 94 9.15 26.31 -3.58
C ASP A 94 9.95 26.07 -4.87
N GLN A 95 9.19 25.77 -5.93
CA GLN A 95 9.78 25.38 -7.22
C GLN A 95 10.73 26.44 -7.75
N ALA A 96 10.28 27.69 -7.82
CA ALA A 96 11.10 28.75 -8.38
C ALA A 96 12.39 28.94 -7.58
N ALA A 97 12.31 28.83 -6.25
CA ALA A 97 13.50 29.01 -5.43
C ALA A 97 14.45 27.83 -5.59
N ILE A 98 13.90 26.62 -5.75
CA ILE A 98 14.76 25.45 -5.90
C ILE A 98 15.43 25.47 -7.26
N ASP A 99 14.69 25.83 -8.31
CA ASP A 99 15.29 25.95 -9.64
C ASP A 99 16.34 27.08 -9.65
N ALA A 100 16.02 28.23 -9.06
CA ALA A 100 17.01 29.31 -8.95
C ALA A 100 18.27 28.82 -8.25
N LEU A 101 18.12 28.02 -7.19
CA LEU A 101 19.29 27.54 -6.46
C LEU A 101 20.17 26.70 -7.37
N MET A 102 19.57 25.77 -8.10
CA MET A 102 20.36 24.93 -9.01
C MET A 102 20.95 25.76 -10.14
N ILE A 103 20.23 26.76 -10.61
CA ILE A 103 20.76 27.61 -11.68
C ILE A 103 22.00 28.34 -11.21
N GLN A 104 21.92 28.97 -10.03
CA GLN A 104 23.07 29.69 -9.50
C GLN A 104 24.22 28.74 -9.19
N LEU A 105 23.90 27.55 -8.67
CA LEU A 105 24.92 26.59 -8.27
C LEU A 105 25.70 26.05 -9.47
N ASP A 106 25.04 25.85 -10.60
CA ASP A 106 25.77 25.55 -11.84
C ASP A 106 26.56 26.76 -12.30
N GLY A 107 25.94 27.93 -12.34
CA GLY A 107 26.64 29.17 -12.60
C GLY A 107 26.98 29.47 -14.04
N THR A 108 26.64 28.59 -14.98
CA THR A 108 26.90 28.88 -16.37
C THR A 108 25.58 29.06 -17.12
N PRO A 109 25.54 29.93 -18.13
CA PRO A 109 24.27 30.11 -18.87
C PRO A 109 23.68 28.82 -19.41
N ASN A 110 24.51 27.87 -19.87
CA ASN A 110 24.00 26.69 -20.53
C ASN A 110 24.05 25.44 -19.65
N LYS A 111 24.25 25.60 -18.34
CA LYS A 111 24.21 24.48 -17.40
C LYS A 111 25.25 23.41 -17.77
N ALA A 112 26.42 23.87 -18.20
CA ALA A 112 27.50 22.97 -18.58
C ALA A 112 28.22 22.37 -17.38
N LYS A 113 28.07 22.94 -16.19
CA LYS A 113 28.79 22.43 -15.03
C LYS A 113 28.09 21.21 -14.44
N LEU A 114 26.83 21.36 -14.02
CA LEU A 114 26.10 20.23 -13.46
C LEU A 114 25.42 19.38 -14.52
N GLY A 115 25.08 19.97 -15.67
CA GLY A 115 24.36 19.27 -16.70
C GLY A 115 22.87 19.56 -16.61
N ALA A 116 22.27 19.95 -17.74
CA ALA A 116 20.84 20.17 -17.78
C ALA A 116 20.08 18.90 -17.45
N ASN A 117 20.68 17.72 -17.70
CA ASN A 117 20.00 16.47 -17.41
C ASN A 117 20.03 16.13 -15.91
N ALA A 118 21.04 16.61 -15.18
CA ALA A 118 20.99 16.54 -13.74
C ALA A 118 19.96 17.51 -13.18
N ILE A 119 20.04 18.77 -13.58
CA ILE A 119 19.16 19.81 -13.04
C ILE A 119 17.68 19.50 -13.34
N LEU A 120 17.37 19.11 -14.58
CA LEU A 120 15.96 18.90 -14.93
C LEU A 120 15.37 17.71 -14.18
N ALA A 121 16.14 16.64 -14.01
CA ALA A 121 15.64 15.50 -13.27
C ALA A 121 15.13 15.92 -11.90
N VAL A 122 15.94 16.72 -11.19
CA VAL A 122 15.56 17.22 -9.87
C VAL A 122 14.40 18.18 -9.98
N SER A 123 14.48 19.13 -10.91
CA SER A 123 13.43 20.12 -11.09
C SER A 123 12.06 19.45 -11.22
N LEU A 124 11.97 18.41 -12.07
CA LEU A 124 10.69 17.74 -12.26
C LEU A 124 10.34 16.85 -11.08
N ALA A 125 11.32 16.14 -10.51
CA ALA A 125 11.00 15.23 -9.42
C ALA A 125 10.49 15.99 -8.20
N VAL A 126 10.99 17.21 -7.97
CA VAL A 126 10.52 18.02 -6.84
C VAL A 126 9.05 18.39 -7.03
N ALA A 127 8.68 18.83 -8.24
CA ALA A 127 7.29 19.19 -8.49
C ALA A 127 6.37 17.99 -8.34
N LYS A 128 6.79 16.83 -8.84
CA LYS A 128 5.97 15.62 -8.69
C LYS A 128 5.80 15.23 -7.24
N ALA A 129 6.86 15.38 -6.44
CA ALA A 129 6.73 15.07 -5.01
C ALA A 129 5.75 16.02 -4.33
N ALA A 130 5.84 17.31 -4.66
CA ALA A 130 4.93 18.27 -4.07
C ALA A 130 3.49 17.97 -4.45
N ALA A 131 3.25 17.68 -5.74
CA ALA A 131 1.91 17.32 -6.20
C ALA A 131 1.38 16.11 -5.45
N SER A 132 2.23 15.09 -5.27
CA SER A 132 1.83 13.93 -4.47
C SER A 132 1.46 14.33 -3.06
N ALA A 133 2.25 15.19 -2.43
CA ALA A 133 1.99 15.57 -1.04
C ALA A 133 0.74 16.41 -0.90
N GLN A 134 0.39 17.18 -1.93
CA GLN A 134 -0.87 17.92 -1.95
C GLN A 134 -2.04 17.06 -2.40
N LYS A 135 -1.79 15.80 -2.70
CA LYS A 135 -2.82 14.85 -3.11
C LYS A 135 -3.62 15.38 -4.29
N THR A 136 -2.90 15.85 -5.31
CA THR A 136 -3.56 16.44 -6.46
C THR A 136 -2.84 16.02 -7.73
N SER A 137 -3.61 15.94 -8.82
CA SER A 137 -3.04 15.62 -10.11
C SER A 137 -1.91 16.58 -10.45
N LEU A 138 -0.89 16.08 -11.15
CA LEU A 138 0.24 16.93 -11.48
C LEU A 138 -0.19 18.18 -12.26
N PHE A 139 -1.12 18.05 -13.21
CA PHE A 139 -1.49 19.22 -14.01
C PHE A 139 -2.15 20.29 -13.15
N LYS A 140 -2.94 19.90 -12.16
CA LYS A 140 -3.56 20.88 -11.27
C LYS A 140 -2.52 21.55 -10.39
N TYR A 141 -1.56 20.76 -9.90
CA TYR A 141 -0.49 21.30 -9.07
C TYR A 141 0.35 22.31 -9.86
N LEU A 142 0.72 21.95 -11.10
CA LEU A 142 1.52 22.86 -11.92
C LEU A 142 0.75 24.12 -12.24
N ALA A 143 -0.54 23.98 -12.55
CA ALA A 143 -1.35 25.14 -12.92
C ALA A 143 -1.53 26.09 -11.74
N ASN A 144 -1.97 25.55 -10.61
CA ASN A 144 -2.53 26.36 -9.55
C ASN A 144 -1.56 26.62 -8.41
N GLN A 145 -0.58 25.75 -8.18
CA GLN A 145 0.45 26.03 -7.19
C GLN A 145 1.70 26.62 -7.83
N VAL A 146 2.24 25.97 -8.85
CA VAL A 146 3.47 26.46 -9.47
C VAL A 146 3.21 27.73 -10.26
N MET A 147 2.22 27.72 -11.13
CA MET A 147 1.96 28.86 -12.01
C MET A 147 0.96 29.83 -11.42
N GLY A 148 0.27 29.45 -10.35
CA GLY A 148 -0.68 30.33 -9.68
C GLY A 148 -1.83 30.79 -10.55
N LEU A 149 -2.39 29.90 -11.35
CA LEU A 149 -3.36 30.30 -12.37
C LEU A 149 -4.81 30.18 -11.92
N ASN A 150 -5.08 29.54 -10.77
CA ASN A 150 -6.42 29.40 -10.22
C ASN A 150 -7.44 28.88 -11.25
N LYS A 151 -7.11 27.77 -11.89
CA LYS A 151 -7.94 27.19 -12.94
C LYS A 151 -8.78 26.04 -12.40
N THR A 152 -10.04 26.00 -12.82
CA THR A 152 -10.87 24.82 -12.67
C THR A 152 -11.18 24.14 -13.99
N GLU A 153 -11.14 24.88 -15.10
CA GLU A 153 -11.35 24.32 -16.43
C GLU A 153 -10.04 24.33 -17.19
N PHE A 154 -9.77 23.23 -17.88
CA PHE A 154 -8.49 23.05 -18.55
C PHE A 154 -8.72 22.75 -20.02
N ILE A 155 -7.76 23.16 -20.84
CA ILE A 155 -7.79 22.92 -22.28
C ILE A 155 -6.97 21.67 -22.56
N LEU A 156 -7.55 20.73 -23.28
CA LEU A 156 -6.79 19.55 -23.68
C LEU A 156 -5.95 19.85 -24.92
N THR A 157 -5.00 18.96 -25.21
CA THR A 157 -4.00 19.21 -26.25
C THR A 157 -4.39 18.57 -27.57
N VAL A 158 -4.41 19.37 -28.62
CA VAL A 158 -4.44 18.82 -29.97
C VAL A 158 -3.06 18.25 -30.24
N PRO A 159 -2.94 16.96 -30.52
CA PRO A 159 -1.62 16.38 -30.78
C PRO A 159 -1.20 16.52 -32.24
N MET A 160 0.09 16.70 -32.44
CA MET A 160 0.68 16.54 -33.77
C MET A 160 1.61 15.33 -33.73
N ASN A 162 3.87 12.52 -35.47
CA ASN A 162 4.92 12.26 -36.46
C ASN A 162 4.79 10.87 -37.08
N VAL A 163 4.15 10.75 -38.26
CA VAL A 163 3.91 9.42 -38.82
C VAL A 163 4.86 9.03 -39.93
N ILE A 164 5.56 9.98 -40.55
CA ILE A 164 6.52 9.66 -41.61
C ILE A 164 7.75 10.51 -41.38
N ASN A 165 8.92 9.88 -41.42
CA ASN A 165 10.17 10.55 -41.08
C ASN A 165 11.03 10.72 -42.32
N GLY A 166 11.80 11.81 -42.34
CA GLY A 166 12.87 11.99 -43.29
C GLY A 166 14.05 12.63 -42.57
N GLY A 167 14.97 13.22 -43.33
CA GLY A 167 15.98 14.03 -42.70
C GLY A 167 17.17 13.24 -42.18
N ALA A 168 17.84 13.84 -41.21
CA ALA A 168 19.19 13.40 -40.86
C ALA A 168 19.23 12.00 -40.26
N HIS A 169 18.20 11.58 -39.53
CA HIS A 169 18.23 10.28 -38.87
C HIS A 169 17.27 9.28 -39.50
N ALA A 170 16.77 9.56 -40.70
CA ALA A 170 15.87 8.65 -41.40
C ALA A 170 16.60 7.92 -42.53
N ASP A 171 16.21 6.67 -42.75
CA ASP A 171 16.88 5.75 -43.67
C ASP A 171 16.62 6.05 -45.14
N ASN A 172 15.82 7.05 -45.46
CA ASN A 172 15.32 7.23 -46.80
C ASN A 172 15.96 8.46 -47.42
N ASN A 173 15.42 8.91 -48.56
CA ASN A 173 16.03 9.99 -49.32
C ASN A 173 15.21 11.28 -49.29
N ILE A 174 14.31 11.42 -48.32
CA ILE A 174 13.50 12.62 -48.16
C ILE A 174 14.21 13.59 -47.22
N ASP A 175 14.27 14.86 -47.60
CA ASP A 175 15.03 15.82 -46.81
C ASP A 175 14.26 16.38 -45.61
N PHE A 176 12.95 16.58 -45.71
CA PHE A 176 12.21 17.09 -44.56
C PHE A 176 12.26 16.08 -43.42
N GLN A 177 12.19 16.58 -42.18
CA GLN A 177 12.40 15.67 -41.05
C GLN A 177 11.14 14.96 -40.57
N GLU A 178 10.04 15.69 -40.31
CA GLU A 178 8.86 15.07 -39.73
C GLU A 178 7.60 15.47 -40.50
N PHE A 179 6.78 14.48 -40.83
CA PHE A 179 5.46 14.69 -41.41
C PHE A 179 4.45 14.18 -40.40
N MET A 180 3.58 15.09 -39.91
CA MET A 180 2.72 14.80 -38.78
C MET A 180 1.25 14.96 -39.16
N ILE A 181 0.38 14.23 -38.47
CA ILE A 181 -1.04 14.46 -38.62
C ILE A 181 -1.53 15.17 -37.37
N MET A 182 -2.64 15.89 -37.50
CA MET A 182 -3.15 16.73 -36.41
C MET A 182 -4.68 16.68 -36.42
N PRO A 183 -5.31 15.93 -35.50
CA PRO A 183 -6.79 15.74 -35.55
C PRO A 183 -7.57 16.91 -34.93
N LEU A 184 -7.60 18.00 -35.68
CA LEU A 184 -8.25 19.23 -35.22
C LEU A 184 -9.76 19.15 -35.29
N GLY A 185 -10.32 18.23 -36.07
CA GLY A 185 -11.77 18.13 -36.16
C GLY A 185 -12.42 17.39 -35.02
N ALA A 186 -11.62 16.83 -34.12
CA ALA A 186 -12.18 16.11 -32.98
C ALA A 186 -12.72 17.10 -31.96
N ASN A 187 -13.62 16.61 -31.09
CA ASN A 187 -14.17 17.43 -30.01
C ASN A 187 -13.92 16.83 -28.63
N SER A 188 -12.95 15.93 -28.52
CA SER A 188 -12.57 15.34 -27.24
C SER A 188 -11.20 14.72 -27.45
N MET A 189 -10.49 14.49 -26.35
CA MET A 189 -9.18 13.85 -26.48
C MET A 189 -9.35 12.41 -26.96
N HIS A 190 -10.38 11.71 -26.46
CA HIS A 190 -10.56 10.33 -26.91
C HIS A 190 -10.92 10.29 -28.40
N GLN A 191 -11.73 11.22 -28.90
CA GLN A 191 -12.00 11.19 -30.34
C GLN A 191 -10.76 11.60 -31.15
N ALA A 192 -9.92 12.50 -30.62
CA ALA A 192 -8.70 12.86 -31.34
C ALA A 192 -7.79 11.66 -31.47
N LEU A 193 -7.70 10.84 -30.43
CA LEU A 193 -6.81 9.68 -30.47
C LEU A 193 -7.41 8.53 -31.25
N LYS A 194 -8.74 8.45 -31.30
CA LYS A 194 -9.40 7.56 -32.24
C LYS A 194 -9.03 7.91 -33.68
N MET A 195 -9.21 9.17 -34.06
CA MET A 195 -8.79 9.64 -35.38
C MET A 195 -7.33 9.30 -35.66
N ALA A 196 -6.45 9.56 -34.68
CA ALA A 196 -5.03 9.34 -34.89
C ALA A 196 -4.70 7.85 -34.99
N SER A 197 -5.29 7.04 -34.11
CA SER A 197 -5.05 5.60 -34.15
C SER A 197 -5.51 5.01 -35.48
N GLU A 198 -6.72 5.38 -35.92
CA GLU A 198 -7.26 4.82 -37.15
C GLU A 198 -6.46 5.25 -38.37
N THR A 199 -6.03 6.51 -38.40
CA THR A 199 -5.24 6.99 -39.52
C THR A 199 -3.87 6.33 -39.54
N PHE A 200 -3.26 6.20 -38.36
CA PHE A 200 -1.97 5.53 -38.28
C PHE A 200 -2.05 4.11 -38.83
N HIS A 201 -3.11 3.38 -38.45
CA HIS A 201 -3.19 2.00 -38.91
C HIS A 201 -3.56 1.92 -40.39
N ALA A 202 -4.35 2.86 -40.90
CA ALA A 202 -4.56 2.91 -42.34
C ALA A 202 -3.25 3.20 -43.07
N LEU A 203 -2.43 4.11 -42.53
CA LEU A 203 -1.17 4.43 -43.17
C LEU A 203 -0.25 3.21 -43.17
N GLN A 204 -0.27 2.45 -42.09
CA GLN A 204 0.54 1.25 -42.04
C GLN A 204 0.13 0.26 -43.13
N LYS A 205 -1.19 0.08 -43.33
CA LYS A 205 -1.67 -0.81 -44.37
C LYS A 205 -1.28 -0.29 -45.75
N LEU A 206 -1.37 1.01 -45.97
CA LEU A 206 -0.96 1.62 -47.24
C LEU A 206 0.49 1.31 -47.53
N LEU A 207 1.35 1.59 -46.56
CA LEU A 207 2.79 1.38 -46.74
C LEU A 207 3.08 -0.09 -47.00
N LYS A 208 2.48 -0.97 -46.21
CA LYS A 208 2.74 -2.40 -46.37
C LYS A 208 2.39 -2.87 -47.77
N GLN A 209 1.21 -2.46 -48.27
CA GLN A 209 0.83 -2.94 -49.59
C GLN A 209 1.61 -2.27 -50.71
N ARG A 210 2.19 -1.10 -50.46
CA ARG A 210 3.12 -0.53 -51.42
C ARG A 210 4.48 -1.21 -51.41
N GLY A 211 4.69 -2.19 -50.53
CA GLY A 211 5.99 -2.83 -50.42
C GLY A 211 6.99 -2.07 -49.58
N LEU A 212 6.55 -1.10 -48.80
CA LEU A 212 7.44 -0.28 -47.99
C LEU A 212 7.57 -0.83 -46.57
N ASN A 213 8.69 -0.47 -45.94
CA ASN A 213 9.02 -0.99 -44.62
C ASN A 213 8.14 -0.32 -43.57
N THR A 214 7.52 -1.13 -42.71
CA THR A 214 6.66 -0.61 -41.65
C THR A 214 7.26 -0.75 -40.24
N ASN A 215 8.54 -1.13 -40.11
CA ASN A 215 9.22 -1.02 -38.82
C ASN A 215 9.22 0.45 -38.37
N LYS A 216 9.38 0.68 -37.07
CA LYS A 216 9.12 1.99 -36.51
C LYS A 216 10.41 2.78 -36.31
N GLY A 217 10.35 4.07 -36.66
CA GLY A 217 11.40 5.00 -36.28
C GLY A 217 11.36 5.33 -34.81
N ASP A 218 12.33 6.16 -34.38
CA ASP A 218 12.51 6.42 -32.95
C ASP A 218 11.25 6.98 -32.31
N GLU A 219 10.46 7.77 -33.04
CA GLU A 219 9.26 8.36 -32.49
C GLU A 219 8.00 7.59 -32.82
N GLY A 220 8.12 6.37 -33.34
CA GLY A 220 6.99 5.48 -33.52
C GLY A 220 6.29 5.59 -34.85
N GLY A 221 6.75 6.47 -35.72
CA GLY A 221 6.26 6.58 -37.07
C GLY A 221 7.09 5.73 -38.01
N PHE A 222 6.93 5.99 -39.30
CA PHE A 222 7.53 5.19 -40.35
C PHE A 222 8.63 5.97 -41.03
N ALA A 223 9.64 5.24 -41.53
CA ALA A 223 10.70 5.82 -42.36
C ALA A 223 10.79 4.99 -43.62
N PRO A 224 9.78 5.04 -44.48
CA PRO A 224 9.78 4.21 -45.68
C PRO A 224 10.60 4.84 -46.77
N ASN A 225 10.94 4.03 -47.77
CA ASN A 225 11.75 4.45 -48.90
C ASN A 225 10.88 5.21 -49.89
N LEU A 226 10.55 6.44 -49.53
CA LEU A 226 9.82 7.33 -50.42
C LEU A 226 10.81 8.28 -51.10
N LYS A 227 10.41 8.76 -52.28
CA LYS A 227 11.30 9.60 -53.08
C LYS A 227 11.10 11.10 -52.86
N LEU A 228 9.91 11.55 -52.47
CA LEU A 228 9.56 12.96 -52.45
C LEU A 228 8.68 13.28 -51.26
N ALA A 229 8.83 14.50 -50.73
CA ALA A 229 7.92 14.97 -49.69
C ALA A 229 6.47 14.86 -50.13
N GLU A 230 6.19 15.16 -51.40
CA GLU A 230 4.82 15.08 -51.91
C GLU A 230 4.29 13.66 -51.87
N GLU A 231 5.16 12.67 -52.02
CA GLU A 231 4.73 11.28 -51.94
C GLU A 231 4.32 10.91 -50.52
N ALA A 232 5.09 11.38 -49.53
CA ALA A 232 4.67 11.20 -48.13
C ALA A 232 3.36 11.91 -47.87
N LEU A 233 3.23 13.14 -48.35
CA LEU A 233 2.03 13.94 -48.07
C LEU A 233 0.80 13.34 -48.76
N ASP A 234 0.98 12.82 -49.98
CA ASP A 234 -0.11 12.13 -50.66
C ASP A 234 -0.57 10.91 -49.88
N LEU A 235 0.38 10.16 -49.31
CA LEU A 235 0.03 8.96 -48.56
C LEU A 235 -0.71 9.31 -47.29
N MET A 236 -0.33 10.40 -46.64
CA MET A 236 -1.03 10.81 -45.43
C MET A 236 -2.43 11.26 -45.75
N VAL A 237 -2.63 11.92 -46.89
CA VAL A 237 -3.98 12.31 -47.27
C VAL A 237 -4.83 11.06 -47.50
N GLU A 238 -4.24 10.05 -48.14
CA GLU A 238 -4.97 8.81 -48.39
C GLU A 238 -5.28 8.07 -47.09
N ALA A 239 -4.33 8.08 -46.14
CA ALA A 239 -4.58 7.40 -44.87
C ALA A 239 -5.71 8.07 -44.12
N ILE A 240 -5.76 9.41 -44.17
CA ILE A 240 -6.84 10.13 -43.52
C ILE A 240 -8.17 9.74 -44.14
N LYS A 241 -8.24 9.72 -45.48
CA LYS A 241 -9.47 9.34 -46.16
C LYS A 241 -9.84 7.88 -45.90
N ALA A 242 -8.84 6.98 -45.94
CA ALA A 242 -9.11 5.56 -45.76
C ALA A 242 -9.70 5.27 -44.39
N ALA A 243 -9.27 6.04 -43.39
CA ALA A 243 -9.75 5.93 -42.02
C ALA A 243 -11.15 6.49 -41.86
N GLY A 244 -11.65 7.17 -42.88
CA GLY A 244 -13.00 7.71 -42.86
C GLY A 244 -13.11 9.18 -42.54
N TYR A 245 -12.01 9.94 -42.61
CA TYR A 245 -12.02 11.33 -42.20
C TYR A 245 -11.71 12.26 -43.37
N GLN A 246 -12.02 13.53 -43.17
CA GLN A 246 -11.83 14.53 -44.20
C GLN A 246 -10.48 15.19 -43.99
N PRO A 247 -9.58 15.16 -44.97
CA PRO A 247 -8.32 15.89 -44.82
C PRO A 247 -8.62 17.38 -44.65
N GLY A 248 -7.84 18.02 -43.79
CA GLY A 248 -8.09 19.40 -43.45
C GLY A 248 -9.10 19.52 -42.32
N SER A 249 -10.38 19.40 -42.62
CA SER A 249 -11.39 19.73 -41.61
C SER A 249 -11.34 18.76 -40.42
N ASP A 250 -11.14 17.46 -40.67
CA ASP A 250 -10.99 16.49 -39.59
C ASP A 250 -9.53 16.35 -39.15
N ILE A 251 -8.64 16.05 -40.10
CA ILE A 251 -7.24 15.80 -39.78
C ILE A 251 -6.41 16.65 -40.72
N ALA A 252 -5.58 17.51 -40.15
CA ALA A 252 -4.70 18.36 -40.92
C ALA A 252 -3.29 17.82 -40.81
N ILE A 253 -2.33 18.52 -41.42
CA ILE A 253 -0.95 18.08 -41.47
C ILE A 253 -0.08 19.16 -40.86
N ALA A 254 0.93 18.73 -40.08
CA ALA A 254 1.99 19.61 -39.62
C ALA A 254 3.32 19.09 -40.15
N LEU A 255 4.22 20.00 -40.48
CA LEU A 255 5.57 19.63 -40.91
C LEU A 255 6.59 20.05 -39.86
N ASP A 256 7.63 19.24 -39.68
CA ASP A 256 8.89 19.69 -39.10
C ASP A 256 9.91 19.58 -40.23
N VAL A 257 10.13 20.71 -40.90
CA VAL A 257 11.05 20.73 -42.03
C VAL A 257 12.47 20.46 -41.56
N ALA A 258 12.85 21.05 -40.42
CA ALA A 258 14.21 21.03 -39.92
C ALA A 258 15.19 21.54 -40.99
N ALA A 259 14.89 22.74 -41.48
CA ALA A 259 15.64 23.32 -42.59
C ALA A 259 17.11 23.59 -42.25
N SER A 260 17.43 23.78 -40.97
CA SER A 260 18.84 23.95 -40.60
C SER A 260 19.68 22.79 -41.08
N GLU A 261 19.06 21.61 -41.24
CA GLU A 261 19.79 20.39 -41.57
C GLU A 261 20.27 20.37 -43.02
N PHE A 262 19.59 21.08 -43.92
CA PHE A 262 20.00 21.10 -45.31
C PHE A 262 20.24 22.51 -45.85
N TYR A 263 20.31 23.51 -44.98
CA TYR A 263 20.76 24.84 -45.37
C TYR A 263 22.26 24.81 -45.67
N ASP A 264 22.62 25.20 -46.89
CA ASP A 264 24.01 25.22 -47.34
C ASP A 264 24.59 26.58 -46.96
N ASP A 265 25.41 26.60 -45.90
CA ASP A 265 25.96 27.84 -45.40
C ASP A 265 26.97 28.47 -46.35
N THR A 266 27.58 27.70 -47.26
CA THR A 266 28.49 28.29 -48.23
C THR A 266 27.72 29.19 -49.20
N THR A 267 26.59 28.70 -49.72
CA THR A 267 25.82 29.38 -50.75
C THR A 267 24.58 30.09 -50.23
N LYS A 268 24.25 29.94 -48.95
CA LYS A 268 23.02 30.49 -48.38
C LYS A 268 21.79 29.97 -49.11
N ARG A 269 21.81 28.68 -49.44
CA ARG A 269 20.68 28.07 -50.14
C ARG A 269 20.22 26.82 -49.40
N TYR A 270 18.93 26.52 -49.56
CA TYR A 270 18.32 25.30 -49.04
C TYR A 270 18.54 24.21 -50.08
N VAL A 271 19.48 23.31 -49.80
CA VAL A 271 19.90 22.31 -50.76
C VAL A 271 19.34 20.98 -50.30
N PHE A 272 18.47 20.40 -51.13
CA PHE A 272 17.76 19.17 -50.78
C PHE A 272 18.72 18.00 -51.01
N LYS A 273 19.68 17.91 -50.11
CA LYS A 273 20.88 17.13 -50.37
C LYS A 273 20.59 15.65 -50.49
N LYS A 274 19.63 15.12 -49.71
CA LYS A 274 19.36 13.68 -49.82
C LYS A 274 18.70 13.33 -51.15
N GLY A 275 17.70 14.11 -51.57
CA GLY A 275 17.11 13.86 -52.87
C GLY A 275 18.06 14.10 -54.03
N ILE A 276 18.95 15.08 -53.90
CA ILE A 276 19.93 15.34 -54.95
C ILE A 276 20.90 14.17 -55.05
N LYS A 277 21.47 13.76 -53.91
CA LYS A 277 22.49 12.73 -53.93
C LYS A 277 21.95 11.41 -54.46
N ALA A 278 20.68 11.12 -54.20
CA ALA A 278 20.03 9.90 -54.68
C ALA A 278 19.59 10.02 -56.13
N LYS A 279 19.84 11.15 -56.79
CA LYS A 279 19.48 11.39 -58.19
C LYS A 279 17.98 11.49 -58.39
N ILE A 280 17.24 11.78 -57.33
CA ILE A 280 15.83 12.08 -57.43
C ILE A 280 15.63 13.51 -57.91
N LEU A 281 16.45 14.42 -57.40
CA LEU A 281 16.28 15.85 -57.56
C LEU A 281 17.47 16.45 -58.29
N ASP A 282 17.20 17.36 -59.22
CA ASP A 282 18.27 18.11 -59.88
C ASP A 282 18.89 19.11 -58.91
N GLU A 283 20.22 19.19 -58.92
CA GLU A 283 20.89 19.96 -57.86
C GLU A 283 20.66 21.45 -58.04
N LYS A 284 20.52 21.94 -59.27
CA LYS A 284 20.24 23.36 -59.42
C LYS A 284 18.78 23.67 -59.12
N GLU A 285 17.86 22.82 -59.60
CA GLU A 285 16.44 23.05 -59.36
C GLU A 285 16.10 23.02 -57.88
N TRP A 286 16.83 22.24 -57.09
CA TRP A 286 16.51 22.04 -55.69
C TRP A 286 17.62 22.56 -54.79
N SER A 287 18.32 23.59 -55.25
CA SER A 287 19.13 24.46 -54.41
C SER A 287 18.39 25.79 -54.35
N LEU A 288 17.68 26.02 -53.24
CA LEU A 288 16.68 27.07 -53.16
C LEU A 288 17.21 28.29 -52.42
N THR A 289 17.00 29.48 -53.00
CA THR A 289 17.12 30.70 -52.21
C THR A 289 16.09 30.69 -51.08
N THR A 290 16.28 31.59 -50.11
CA THR A 290 15.28 31.79 -49.08
C THR A 290 13.91 32.06 -49.69
N ALA A 291 13.87 32.95 -50.70
CA ALA A 291 12.60 33.28 -51.33
C ALA A 291 11.98 32.07 -52.01
N GLN A 292 12.80 31.29 -52.71
CA GLN A 292 12.30 30.07 -53.35
C GLN A 292 11.87 29.02 -52.33
N MET A 293 12.55 28.95 -51.19
CA MET A 293 12.13 27.98 -50.17
C MET A 293 10.80 28.38 -49.55
N ILE A 294 10.61 29.66 -49.28
CA ILE A 294 9.32 30.13 -48.77
C ILE A 294 8.22 29.85 -49.79
N ALA A 295 8.48 30.15 -51.08
CA ALA A 295 7.47 29.87 -52.11
C ALA A 295 7.15 28.39 -52.18
N TYR A 296 8.14 27.53 -51.97
CA TYR A 296 7.87 26.10 -51.97
C TYR A 296 7.02 25.69 -50.78
N LEU A 297 7.32 26.19 -49.59
CA LEU A 297 6.50 25.87 -48.42
C LEU A 297 5.07 26.38 -48.61
N LYS A 298 4.94 27.61 -49.13
CA LYS A 298 3.63 28.15 -49.50
C LYS A 298 2.90 27.20 -50.43
N LYS A 299 3.57 26.73 -51.47
CA LYS A 299 2.94 25.84 -52.44
C LYS A 299 2.41 24.58 -51.76
N LEU A 300 3.25 23.95 -50.94
CA LEU A 300 2.80 22.77 -50.21
C LEU A 300 1.55 23.06 -49.36
N THR A 301 1.49 24.24 -48.73
CA THR A 301 0.30 24.56 -47.92
C THR A 301 -0.93 24.76 -48.79
N GLU A 302 -0.75 25.02 -50.08
CA GLU A 302 -1.88 25.13 -50.98
C GLU A 302 -2.27 23.80 -51.58
N GLN A 303 -1.31 22.88 -51.76
CA GLN A 303 -1.58 21.56 -52.29
C GLN A 303 -2.05 20.57 -51.25
N TYR A 304 -1.71 20.80 -49.98
CA TYR A 304 -1.99 19.88 -48.90
C TYR A 304 -2.55 20.64 -47.71
N PRO A 305 -3.33 19.96 -46.86
CA PRO A 305 -3.94 20.59 -45.67
C PRO A 305 -2.94 20.81 -44.54
N ILE A 306 -1.89 21.58 -44.83
CA ILE A 306 -0.80 21.83 -43.88
C ILE A 306 -1.16 23.07 -43.07
N ILE A 307 -1.21 22.90 -41.75
CA ILE A 307 -1.62 23.95 -40.82
C ILE A 307 -0.45 24.47 -40.00
N SER A 308 0.68 23.78 -39.98
CA SER A 308 1.76 24.14 -39.09
C SER A 308 3.07 23.75 -39.75
N ILE A 309 4.06 24.64 -39.69
CA ILE A 309 5.38 24.38 -40.25
C ILE A 309 6.42 24.70 -39.18
N GLU A 310 7.19 23.70 -38.79
CA GLU A 310 8.21 23.86 -37.76
C GLU A 310 9.57 23.95 -38.42
N ASP A 311 10.35 24.96 -38.05
CA ASP A 311 11.71 25.16 -38.55
C ASP A 311 11.75 25.10 -40.09
N GLY A 312 10.82 25.83 -40.71
CA GLY A 312 10.75 25.87 -42.16
C GLY A 312 11.98 26.48 -42.82
N LEU A 313 12.71 27.32 -42.10
CA LEU A 313 13.94 27.91 -42.58
C LEU A 313 15.01 27.70 -41.51
N SER A 314 16.26 27.97 -41.88
CA SER A 314 17.38 27.71 -40.99
C SER A 314 17.39 28.67 -39.81
N GLU A 315 17.88 28.17 -38.66
CA GLU A 315 18.10 29.02 -37.50
C GLU A 315 19.06 30.16 -37.81
N HIS A 316 19.92 30.02 -38.81
CA HIS A 316 20.79 31.07 -39.31
C HIS A 316 20.08 32.05 -40.24
N ASP A 317 18.79 31.87 -40.49
CA ASP A 317 18.10 32.66 -41.49
C ASP A 317 16.96 33.43 -40.84
N TRP A 318 17.30 34.23 -39.81
CA TRP A 318 16.27 34.99 -39.09
C TRP A 318 15.47 35.89 -40.02
N GLU A 319 16.15 36.52 -40.99
CA GLU A 319 15.44 37.38 -41.93
C GLU A 319 14.43 36.59 -42.75
N GLY A 320 14.82 35.40 -43.20
CA GLY A 320 13.86 34.54 -43.87
C GLY A 320 12.73 34.08 -42.97
N MET A 321 13.04 33.73 -41.72
CA MET A 321 11.99 33.32 -40.78
C MET A 321 10.94 34.41 -40.63
N GLU A 322 11.39 35.67 -40.50
CA GLU A 322 10.46 36.79 -40.39
C GLU A 322 9.62 36.96 -41.66
N THR A 323 10.24 36.78 -42.83
CA THR A 323 9.49 36.86 -44.08
C THR A 323 8.47 35.73 -44.19
N LEU A 324 8.86 34.52 -43.79
CA LEU A 324 7.95 33.37 -43.78
C LEU A 324 6.74 33.65 -42.90
N THR A 325 6.97 34.17 -41.69
CA THR A 325 5.86 34.44 -40.79
C THR A 325 4.97 35.56 -41.33
N LYS A 326 5.55 36.53 -42.03
CA LYS A 326 4.73 37.57 -42.67
C LYS A 326 3.92 36.99 -43.83
N THR A 327 4.54 36.15 -44.66
CA THR A 327 3.89 35.64 -45.87
C THR A 327 2.80 34.64 -45.52
N LEU A 328 3.11 33.67 -44.66
CA LEU A 328 2.26 32.53 -44.41
C LEU A 328 1.62 32.54 -43.03
N GLY A 329 2.19 33.28 -42.08
CA GLY A 329 1.81 33.11 -40.69
C GLY A 329 0.47 33.67 -40.29
N GLN A 330 -0.19 34.45 -41.15
CA GLN A 330 -1.52 34.90 -40.79
C GLN A 330 -2.50 33.73 -40.65
N HIS A 331 -2.31 32.67 -41.45
CA HIS A 331 -3.22 31.53 -41.46
C HIS A 331 -2.53 30.20 -41.21
N ILE A 332 -1.20 30.18 -41.15
CA ILE A 332 -0.43 28.95 -40.96
C ILE A 332 0.43 29.15 -39.72
N GLN A 333 0.43 28.15 -38.84
CA GLN A 333 1.30 28.18 -37.67
C GLN A 333 2.75 28.00 -38.10
N ILE A 334 3.61 28.94 -37.70
CA ILE A 334 5.03 28.92 -37.99
C ILE A 334 5.76 28.73 -36.67
N VAL A 335 6.33 27.54 -36.48
CA VAL A 335 6.87 27.13 -35.19
C VAL A 335 8.38 27.32 -35.21
N GLY A 336 8.92 27.94 -34.16
CA GLY A 336 10.34 28.00 -33.94
C GLY A 336 10.77 26.98 -32.91
N ASP A 337 11.67 26.08 -33.32
CA ASP A 337 12.21 25.04 -32.44
C ASP A 337 13.66 25.35 -32.12
N ASP A 338 14.57 24.97 -33.03
CA ASP A 338 15.98 25.28 -32.85
C ASP A 338 16.24 26.78 -32.94
N LEU A 339 15.30 27.56 -33.49
CA LEU A 339 15.42 29.01 -33.50
C LEU A 339 15.61 29.54 -32.09
N TYR A 340 14.89 28.98 -31.13
CA TYR A 340 14.91 29.46 -29.74
C TYR A 340 15.50 28.48 -28.75
N CYS A 341 15.36 27.18 -28.97
CA CYS A 341 15.81 26.15 -28.02
C CYS A 341 15.22 26.37 -26.62
N THR A 342 13.94 26.75 -26.59
CA THR A 342 13.20 26.94 -25.34
C THR A 342 13.93 27.89 -24.39
N ASN A 343 14.67 28.83 -24.96
CA ASN A 343 15.43 29.78 -24.17
C ASN A 343 14.65 31.08 -24.07
N PRO A 344 14.12 31.42 -22.89
CA PRO A 344 13.33 32.66 -22.76
C PRO A 344 14.01 33.88 -23.34
N ALA A 345 15.33 34.02 -23.17
CA ALA A 345 16.03 35.19 -23.70
C ALA A 345 15.96 35.24 -25.22
N ILE A 346 16.05 34.08 -25.87
CA ILE A 346 15.98 34.04 -27.33
C ILE A 346 14.53 34.16 -27.81
N ALA A 347 13.59 33.58 -27.07
CA ALA A 347 12.18 33.71 -27.41
C ALA A 347 11.73 35.17 -27.39
N GLU A 348 12.22 35.95 -26.42
CA GLU A 348 11.90 37.37 -26.40
C GLU A 348 12.37 38.07 -27.66
N LYS A 349 13.58 37.73 -28.13
CA LYS A 349 14.07 38.31 -29.38
C LYS A 349 13.22 37.86 -30.56
N GLY A 350 12.76 36.61 -30.55
CA GLY A 350 11.83 36.16 -31.57
C GLY A 350 10.53 36.93 -31.56
N VAL A 351 10.01 37.24 -30.36
CA VAL A 351 8.77 38.00 -30.25
C VAL A 351 8.95 39.41 -30.82
N ALA A 352 10.07 40.06 -30.48
CA ALA A 352 10.31 41.42 -30.97
C ALA A 352 10.36 41.47 -32.49
N HIS A 353 11.00 40.48 -33.11
CA HIS A 353 11.18 40.46 -34.56
C HIS A 353 10.05 39.78 -35.31
N LYS A 354 9.07 39.21 -34.60
CA LYS A 354 7.98 38.48 -35.23
C LYS A 354 8.55 37.39 -36.14
N ALA A 355 9.46 36.59 -35.57
CA ALA A 355 10.13 35.56 -36.35
C ALA A 355 9.25 34.35 -36.58
N THR A 356 8.41 34.02 -35.60
CA THR A 356 7.48 32.90 -35.67
C THR A 356 6.16 33.36 -35.07
N ASN A 357 5.20 32.44 -34.96
CA ASN A 357 4.01 32.72 -34.17
C ASN A 357 3.73 31.57 -33.20
N SER A 358 4.76 30.80 -32.90
CA SER A 358 4.67 29.56 -32.15
C SER A 358 6.08 29.18 -31.71
N ILE A 359 6.17 28.60 -30.52
CA ILE A 359 7.43 28.10 -30.00
C ILE A 359 7.27 26.64 -29.61
N LEU A 360 8.28 25.85 -29.95
CA LEU A 360 8.36 24.46 -29.52
C LEU A 360 9.08 24.44 -28.18
N ILE A 361 8.44 23.84 -27.18
CA ILE A 361 8.90 23.90 -25.80
C ILE A 361 9.50 22.54 -25.45
N LYS A 362 10.81 22.51 -25.23
CA LYS A 362 11.50 21.29 -24.84
C LYS A 362 12.14 21.54 -23.48
N LEU A 363 11.53 20.96 -22.44
CA LEU A 363 12.05 21.06 -21.09
C LEU A 363 13.57 20.91 -21.03
N ASN A 364 14.11 19.88 -21.68
CA ASN A 364 15.53 19.65 -21.42
C ASN A 364 16.43 20.51 -22.29
N GLN A 365 15.88 21.30 -23.21
CA GLN A 365 16.66 22.32 -23.89
C GLN A 365 16.99 23.51 -23.01
N ILE A 366 16.22 23.76 -21.94
CA ILE A 366 16.50 24.88 -21.06
C ILE A 366 16.87 24.42 -19.66
N GLY A 367 16.22 23.38 -19.14
CA GLY A 367 16.79 22.64 -18.01
C GLY A 367 16.11 22.79 -16.67
N THR A 368 15.20 23.73 -16.48
CA THR A 368 14.38 23.73 -15.27
C THR A 368 12.93 23.93 -15.66
N LEU A 369 12.05 23.49 -14.76
CA LEU A 369 10.62 23.71 -14.98
C LEU A 369 10.30 25.20 -14.93
N THR A 370 10.91 25.93 -13.99
CA THR A 370 10.64 27.34 -13.82
C THR A 370 10.99 28.13 -15.09
N GLU A 371 12.16 27.85 -15.68
CA GLU A 371 12.53 28.57 -16.89
C GLU A 371 11.65 28.20 -18.06
N THR A 372 11.21 26.94 -18.10
CA THR A 372 10.30 26.49 -19.14
C THR A 372 8.97 27.24 -19.05
N ILE A 373 8.49 27.45 -17.82
CA ILE A 373 7.27 28.21 -17.62
C ILE A 373 7.48 29.66 -18.03
N LYS A 374 8.66 30.21 -17.75
CA LYS A 374 8.98 31.55 -18.23
C LYS A 374 8.90 31.64 -19.74
N ALA A 375 9.45 30.65 -20.45
CA ALA A 375 9.36 30.66 -21.91
C ALA A 375 7.91 30.54 -22.38
N ILE A 376 7.13 29.67 -21.73
CA ILE A 376 5.71 29.54 -22.07
C ILE A 376 4.99 30.87 -21.91
N ASN A 377 5.23 31.58 -20.81
CA ASN A 377 4.54 32.83 -20.58
C ASN A 377 5.01 33.93 -21.52
N ILE A 378 6.27 33.93 -21.92
CA ILE A 378 6.71 34.86 -22.95
C ILE A 378 5.90 34.67 -24.21
N ALA A 379 5.69 33.40 -24.60
CA ALA A 379 4.91 33.12 -25.80
C ALA A 379 3.46 33.53 -25.62
N LYS A 380 2.88 33.22 -24.45
CA LYS A 380 1.50 33.61 -24.17
C LYS A 380 1.31 35.09 -24.33
N ASP A 381 2.20 35.89 -23.74
CA ASP A 381 2.09 37.35 -23.84
C ASP A 381 2.10 37.81 -25.29
N ALA A 382 2.84 37.10 -26.14
CA ALA A 382 2.97 37.43 -27.55
C ALA A 382 1.81 36.91 -28.39
N ASN A 383 0.89 36.18 -27.79
CA ASN A 383 -0.17 35.44 -28.50
C ASN A 383 0.44 34.47 -29.52
N TRP A 384 1.58 33.90 -29.15
CA TRP A 384 2.09 32.72 -29.81
C TRP A 384 1.50 31.48 -29.18
N SER A 385 1.41 30.41 -29.97
CA SER A 385 1.09 29.12 -29.39
C SER A 385 2.34 28.52 -28.76
N GLN A 386 2.14 27.62 -27.81
CA GLN A 386 3.24 26.88 -27.19
C GLN A 386 2.99 25.40 -27.44
N VAL A 387 3.85 24.77 -28.23
CA VAL A 387 3.73 23.35 -28.52
C VAL A 387 4.69 22.64 -27.57
N ILE A 388 4.15 22.00 -26.53
CA ILE A 388 4.98 21.23 -25.61
C ILE A 388 5.48 19.99 -26.33
N SER A 389 6.78 19.68 -26.20
CA SER A 389 7.38 18.71 -27.10
C SER A 389 8.15 17.61 -26.38
N HIS A 390 8.08 16.41 -26.95
CA HIS A 390 8.96 15.30 -26.61
C HIS A 390 10.35 15.51 -27.22
N ARG A 391 11.25 14.58 -26.93
CA ARG A 391 12.50 14.42 -27.68
C ARG A 391 12.50 13.06 -28.36
N SER A 392 13.41 12.90 -29.32
CA SER A 392 13.49 11.63 -30.03
C SER A 392 13.83 10.50 -29.08
N GLY A 393 14.62 10.77 -28.03
CA GLY A 393 14.83 9.81 -26.96
C GLY A 393 13.94 10.13 -25.78
N GLU A 394 12.86 9.39 -25.60
CA GLU A 394 11.89 9.69 -24.55
C GLU A 394 11.96 8.64 -23.45
N THR A 395 11.13 8.83 -22.42
CA THR A 395 10.98 7.82 -21.40
C THR A 395 9.50 7.60 -21.14
N GLU A 396 9.21 6.65 -20.27
CA GLU A 396 7.84 6.44 -19.80
C GLU A 396 7.31 7.61 -18.96
N ASP A 397 8.15 8.61 -18.67
CA ASP A 397 7.71 9.78 -17.92
C ASP A 397 6.66 10.56 -18.72
N THR A 398 5.58 10.98 -18.06
CA THR A 398 4.48 11.62 -18.78
C THR A 398 4.32 13.09 -18.39
N THR A 399 5.37 13.69 -17.85
CA THR A 399 5.30 15.07 -17.38
C THR A 399 4.75 16.03 -18.43
N ILE A 400 5.20 15.90 -19.68
CA ILE A 400 4.81 16.92 -20.66
C ILE A 400 3.31 16.91 -20.92
N ALA A 401 2.62 15.79 -20.68
CA ALA A 401 1.17 15.79 -20.81
C ALA A 401 0.55 16.71 -19.75
N ASP A 402 0.98 16.56 -18.49
CA ASP A 402 0.42 17.42 -17.45
C ASP A 402 0.83 18.86 -17.63
N LEU A 403 2.06 19.09 -18.11
CA LEU A 403 2.51 20.45 -18.33
C LEU A 403 1.66 21.13 -19.39
N ALA A 404 1.42 20.44 -20.51
CA ALA A 404 0.69 21.06 -21.60
C ALA A 404 -0.75 21.37 -21.17
N VAL A 405 -1.36 20.48 -20.39
CA VAL A 405 -2.70 20.72 -19.88
C VAL A 405 -2.67 21.84 -18.83
N ALA A 406 -1.68 21.83 -17.93
CA ALA A 406 -1.62 22.84 -16.88
C ALA A 406 -1.49 24.24 -17.46
N ALA A 407 -0.73 24.39 -18.54
CA ALA A 407 -0.54 25.70 -19.14
C ALA A 407 -1.57 25.98 -20.23
N CYS A 408 -2.51 25.07 -20.46
CA CYS A 408 -3.58 25.23 -21.46
C CYS A 408 -3.03 25.67 -22.82
N THR A 409 -1.95 25.00 -23.25
CA THR A 409 -1.38 25.35 -24.54
C THR A 409 -2.24 24.86 -25.69
N GLY A 410 -3.07 23.85 -25.49
CA GLY A 410 -3.89 23.31 -26.54
C GLY A 410 -3.16 22.53 -27.61
N GLN A 411 -1.85 22.29 -27.46
CA GLN A 411 -1.08 21.59 -28.48
C GLN A 411 0.07 20.84 -27.84
N ILE A 412 0.35 19.64 -28.37
CA ILE A 412 1.46 18.83 -27.90
C ILE A 412 2.06 18.09 -29.09
N LYS A 413 3.37 17.88 -29.03
CA LYS A 413 4.06 17.08 -30.04
C LYS A 413 4.77 15.97 -29.30
N THR A 414 4.22 14.78 -29.30
CA THR A 414 4.82 13.75 -28.45
C THR A 414 4.78 12.38 -29.12
N GLY A 415 4.77 12.34 -30.45
CA GLY A 415 5.09 11.12 -31.17
C GLY A 415 3.91 10.51 -31.91
N SER A 416 4.23 9.40 -32.56
CA SER A 416 3.27 8.67 -33.39
C SER A 416 2.37 7.83 -32.49
N MET A 417 1.52 7.01 -33.10
CA MET A 417 0.66 6.09 -32.37
C MET A 417 1.29 4.71 -32.23
N SER A 418 2.59 4.65 -31.95
CA SER A 418 3.21 3.43 -31.49
C SER A 418 4.40 3.80 -30.62
N ARG A 419 4.81 2.86 -29.77
CA ARG A 419 5.91 2.98 -28.80
C ARG A 419 5.43 3.71 -27.55
N SER A 420 5.48 3.05 -26.40
CA SER A 420 4.76 3.60 -25.25
C SER A 420 5.46 4.78 -24.60
N GLU A 421 6.71 5.11 -24.97
CA GLU A 421 7.22 6.40 -24.55
C GLU A 421 6.44 7.54 -25.22
N ARG A 422 5.73 7.25 -26.30
CA ARG A 422 4.81 8.24 -26.85
C ARG A 422 3.41 8.01 -26.32
N ILE A 423 2.95 6.77 -26.42
CA ILE A 423 1.58 6.42 -26.06
C ILE A 423 1.28 6.77 -24.62
N ALA A 424 2.27 6.62 -23.73
CA ALA A 424 2.01 6.92 -22.32
C ALA A 424 1.56 8.36 -22.12
N LYS A 425 2.08 9.30 -22.91
CA LYS A 425 1.56 10.67 -22.81
C LYS A 425 0.09 10.72 -23.22
N TYR A 426 -0.26 10.02 -24.30
CA TYR A 426 -1.65 10.03 -24.78
C TYR A 426 -2.58 9.35 -23.79
N ASN A 427 -2.13 8.24 -23.20
CA ASN A 427 -2.94 7.58 -22.16
C ASN A 427 -3.12 8.48 -20.96
N ARG A 428 -2.07 9.25 -20.62
CA ARG A 428 -2.19 10.17 -19.51
C ARG A 428 -3.18 11.28 -19.83
N LEU A 429 -3.18 11.78 -21.07
CA LEU A 429 -4.16 12.78 -21.48
C LEU A 429 -5.59 12.22 -21.46
N LEU A 430 -5.76 10.96 -21.85
CA LEU A 430 -7.08 10.34 -21.72
C LEU A 430 -7.54 10.35 -20.28
N GLN A 431 -6.63 10.01 -19.36
CA GLN A 431 -6.98 9.95 -17.95
C GLN A 431 -7.29 11.34 -17.41
N ILE A 432 -6.50 12.34 -17.83
CA ILE A 432 -6.79 13.72 -17.42
C ILE A 432 -8.16 14.15 -17.92
N GLU A 433 -8.49 13.84 -19.17
CA GLU A 433 -9.80 14.22 -19.67
C GLU A 433 -10.90 13.55 -18.86
N LEU A 434 -10.75 12.26 -18.57
CA LEU A 434 -11.76 11.53 -17.83
C LEU A 434 -11.91 12.10 -16.42
N GLU A 435 -10.79 12.37 -15.75
CA GLU A 435 -10.82 12.93 -14.40
C GLU A 435 -11.55 14.28 -14.35
N LEU A 436 -11.38 15.10 -15.40
CA LEU A 436 -11.94 16.45 -15.38
C LEU A 436 -13.40 16.50 -15.82
N GLY A 437 -13.85 15.54 -16.62
CA GLY A 437 -15.23 15.57 -17.12
C GLY A 437 -15.52 16.87 -17.85
N ASN A 438 -16.60 17.52 -17.43
CA ASN A 438 -17.03 18.77 -18.05
C ASN A 438 -16.02 19.90 -17.89
N ASN A 439 -15.03 19.73 -17.01
CA ASN A 439 -14.01 20.74 -16.81
C ASN A 439 -12.84 20.61 -17.79
N ALA A 440 -12.93 19.69 -18.76
CA ALA A 440 -11.93 19.54 -19.81
C ALA A 440 -12.58 19.91 -21.14
N LYS A 441 -11.88 20.70 -21.95
CA LYS A 441 -12.37 21.12 -23.26
C LYS A 441 -11.28 20.86 -24.29
N TYR A 442 -11.61 20.06 -25.29
CA TYR A 442 -10.76 19.88 -26.47
C TYR A 442 -11.26 20.86 -27.53
N LEU A 443 -10.44 21.87 -27.85
CA LEU A 443 -10.94 22.97 -28.66
C LEU A 443 -10.89 22.70 -30.16
N GLY A 444 -10.09 21.75 -30.60
CA GLY A 444 -10.05 21.42 -32.01
C GLY A 444 -9.49 22.58 -32.81
N TRP A 445 -10.21 22.97 -33.85
CA TRP A 445 -9.76 24.08 -34.69
C TRP A 445 -9.68 25.39 -33.91
N ASN A 446 -10.48 25.53 -32.85
CA ASN A 446 -10.40 26.73 -32.03
C ASN A 446 -9.22 26.72 -31.06
N THR A 447 -8.37 25.70 -31.13
CA THR A 447 -7.21 25.68 -30.26
C THR A 447 -6.21 26.77 -30.61
N PHE A 448 -6.22 27.22 -31.87
CA PHE A 448 -5.29 28.25 -32.34
C PHE A 448 -5.73 29.63 -31.88
N LYS A 449 -4.85 30.32 -31.17
CA LYS A 449 -5.04 31.73 -30.87
C LYS A 449 -3.97 32.59 -31.53
N ASN A 450 -3.01 31.97 -32.18
CA ASN A 450 -1.87 32.63 -32.81
C ASN A 450 -2.07 32.85 -34.29
N ILE A 451 -3.06 32.21 -34.90
CA ILE A 451 -3.33 32.29 -36.34
C ILE A 451 -4.83 32.33 -36.52
N LYS A 452 -5.25 32.68 -37.74
CA LYS A 452 -6.64 32.57 -38.15
C LYS A 452 -6.71 31.50 -39.25
N PRO A 453 -7.07 30.26 -38.94
CA PRO A 453 -7.06 29.23 -39.98
C PRO A 453 -8.05 29.57 -41.08
N GLN A 454 -7.63 29.29 -42.32
CA GLN A 454 -8.50 29.56 -43.46
C GLN A 454 -9.77 28.73 -43.34
N LYS A 455 -10.90 29.36 -43.67
CA LYS A 455 -12.17 28.66 -43.55
C LYS A 455 -12.25 27.48 -44.50
N ALA A 456 -11.60 27.58 -45.67
CA ALA A 456 -11.57 26.46 -46.61
C ALA A 456 -10.88 25.24 -46.01
N LEU A 457 -9.98 25.45 -45.06
CA LEU A 457 -9.27 24.34 -44.42
C LEU A 457 -10.05 23.78 -43.24
N GLU A 458 -10.68 24.66 -42.45
CA GLU A 458 -11.48 24.23 -41.31
C GLU A 458 -12.71 23.44 -41.74
N HIS A 459 -13.34 23.86 -42.85
CA HIS A 459 -14.30 23.09 -43.66
C HIS A 459 -15.03 24.05 -44.59
N ASP B 8 -12.34 2.06 6.41
CA ASP B 8 -11.31 1.05 6.61
C ASP B 8 -10.25 1.13 5.51
N LEU B 9 -9.02 0.71 5.84
CA LEU B 9 -7.85 1.05 5.04
C LEU B 9 -7.90 0.42 3.65
N PHE B 10 -8.43 -0.79 3.53
CA PHE B 10 -8.36 -1.53 2.27
C PHE B 10 -9.72 -1.65 1.59
N LYS B 11 -10.76 -1.02 2.12
CA LYS B 11 -12.08 -1.15 1.51
C LYS B 11 -12.11 -0.46 0.15
N ILE B 12 -12.57 -1.18 -0.86
CA ILE B 12 -12.71 -0.61 -2.19
C ILE B 12 -13.85 0.42 -2.19
N ALA B 13 -13.52 1.65 -2.56
CA ALA B 13 -14.48 2.75 -2.55
C ALA B 13 -15.04 3.05 -3.93
N ASP B 14 -14.20 2.95 -4.95
CA ASP B 14 -14.59 3.21 -6.33
C ASP B 14 -13.66 2.44 -7.25
N LEU B 15 -14.17 2.17 -8.45
CA LEU B 15 -13.48 1.29 -9.38
C LEU B 15 -14.03 1.58 -10.77
N PHE B 16 -13.17 1.90 -11.71
CA PHE B 16 -13.62 2.19 -13.06
C PHE B 16 -12.55 1.81 -14.06
N ALA B 17 -13.01 1.56 -15.28
CA ALA B 17 -12.14 1.26 -16.40
C ALA B 17 -12.35 2.29 -17.49
N TYR B 18 -11.36 2.41 -18.37
CA TYR B 18 -11.51 3.27 -19.51
C TYR B 18 -10.53 2.78 -20.56
N GLN B 19 -10.77 3.20 -21.79
CA GLN B 19 -10.02 2.71 -22.93
C GLN B 19 -8.74 3.52 -23.09
N VAL B 20 -7.60 2.82 -23.20
CA VAL B 20 -6.31 3.44 -23.47
C VAL B 20 -5.70 2.74 -24.67
N PHE B 21 -4.43 3.02 -24.97
CA PHE B 21 -3.77 2.44 -26.14
C PHE B 21 -2.54 1.65 -25.73
N ASP B 22 -2.33 0.52 -26.39
CA ASP B 22 -1.12 -0.25 -26.16
C ASP B 22 -0.01 0.29 -27.06
N SER B 23 1.14 -0.37 -26.99
CA SER B 23 2.36 0.08 -27.64
C SER B 23 2.31 -0.03 -29.16
N ARG B 24 1.30 -0.70 -29.69
CA ARG B 24 1.09 -0.79 -31.13
C ARG B 24 0.06 0.22 -31.61
N GLY B 25 -0.55 0.99 -30.71
CA GLY B 25 -1.60 1.92 -31.11
C GLY B 25 -2.99 1.32 -31.16
N PHE B 26 -3.19 0.19 -30.53
CA PHE B 26 -4.50 -0.43 -30.50
C PHE B 26 -5.11 -0.27 -29.12
N PRO B 27 -6.45 -0.19 -29.03
CA PRO B 27 -7.09 0.01 -27.74
C PRO B 27 -6.78 -1.14 -26.78
N THR B 28 -6.69 -0.81 -25.50
CA THR B 28 -6.71 -1.82 -24.45
C THR B 28 -7.38 -1.21 -23.21
N VAL B 29 -7.40 -1.97 -22.13
CA VAL B 29 -8.17 -1.62 -20.93
C VAL B 29 -7.23 -1.10 -19.86
N ALA B 30 -7.62 0.02 -19.26
CA ALA B 30 -7.02 0.52 -18.03
C ALA B 30 -8.06 0.45 -16.93
N CYS B 31 -7.62 0.14 -15.72
CA CYS B 31 -8.52 0.12 -14.57
C CYS B 31 -7.87 0.87 -13.42
N VAL B 32 -8.68 1.62 -12.69
CA VAL B 32 -8.27 2.39 -11.54
C VAL B 32 -9.12 1.95 -10.37
N VAL B 33 -8.48 1.56 -9.27
CA VAL B 33 -9.15 1.18 -8.04
C VAL B 33 -8.81 2.23 -6.99
N LYS B 34 -9.84 2.77 -6.33
CA LYS B 34 -9.63 3.71 -5.24
C LYS B 34 -10.18 3.10 -3.96
N LEU B 35 -9.40 3.19 -2.89
CA LEU B 35 -9.81 2.62 -1.61
C LEU B 35 -10.41 3.70 -0.72
N ALA B 36 -11.13 3.26 0.32
CA ALA B 36 -11.72 4.19 1.27
C ALA B 36 -10.68 5.12 1.88
N SER B 37 -9.46 4.61 2.10
CA SER B 37 -8.36 5.41 2.63
C SER B 37 -7.82 6.42 1.63
N GLY B 38 -8.32 6.43 0.39
CA GLY B 38 -7.85 7.35 -0.61
C GLY B 38 -6.72 6.84 -1.48
N HIS B 39 -6.14 5.68 -1.16
CA HIS B 39 -5.08 5.12 -1.97
C HIS B 39 -5.66 4.53 -3.26
N THR B 40 -4.86 4.58 -4.31
CA THR B 40 -5.29 4.15 -5.63
C THR B 40 -4.31 3.16 -6.22
N GLY B 41 -4.84 2.27 -7.02
CA GLY B 41 -4.02 1.42 -7.87
C GLY B 41 -4.53 1.54 -9.29
N GLU B 42 -3.61 1.42 -10.23
CA GLU B 42 -3.96 1.52 -11.63
C GLU B 42 -3.20 0.47 -12.42
N ALA B 43 -3.90 -0.18 -13.34
CA ALA B 43 -3.24 -1.15 -14.20
C ALA B 43 -3.77 -1.02 -15.62
N MET B 44 -2.95 -1.50 -16.55
CA MET B 44 -3.33 -1.63 -17.95
C MET B 44 -2.95 -3.02 -18.42
N VAL B 45 -3.65 -3.49 -19.44
CA VAL B 45 -3.62 -4.90 -19.85
C VAL B 45 -2.89 -5.01 -21.18
N PRO B 46 -1.93 -5.91 -21.32
CA PRO B 46 -1.25 -6.11 -22.60
C PRO B 46 -2.11 -6.92 -23.55
N SER B 47 -1.59 -7.13 -24.76
CA SER B 47 -2.31 -7.85 -25.81
C SER B 47 -1.32 -8.56 -26.73
N GLY B 48 -1.54 -9.85 -26.97
CA GLY B 48 -0.66 -10.62 -27.85
C GLY B 48 -0.97 -10.51 -29.33
N LYS B 54 -6.10 -21.59 -26.64
CA LYS B 54 -6.26 -21.99 -25.23
C LYS B 54 -6.15 -20.80 -24.28
N GLU B 55 -5.98 -19.60 -24.83
CA GLU B 55 -5.89 -18.41 -24.00
C GLU B 55 -7.28 -17.96 -23.56
N ALA B 56 -7.33 -17.35 -22.37
CA ALA B 56 -8.55 -16.66 -21.99
C ALA B 56 -8.87 -15.60 -23.02
N ILE B 57 -10.15 -15.28 -23.16
CA ILE B 57 -10.63 -14.48 -24.27
C ILE B 57 -10.30 -13.01 -24.03
N GLU B 58 -9.58 -12.41 -24.96
CA GLU B 58 -9.48 -10.96 -25.06
C GLU B 58 -10.70 -10.45 -25.82
N LEU B 59 -11.51 -9.61 -25.17
CA LEU B 59 -12.77 -9.15 -25.73
C LEU B 59 -12.59 -7.86 -26.52
N ARG B 60 -12.91 -7.92 -27.82
CA ARG B 60 -12.87 -6.80 -28.74
C ARG B 60 -14.25 -6.52 -29.31
N ASP B 61 -14.51 -5.24 -29.61
CA ASP B 61 -15.88 -4.82 -29.95
C ASP B 61 -16.33 -5.34 -31.32
N GLY B 62 -15.43 -5.36 -32.30
CA GLY B 62 -15.81 -5.75 -33.64
C GLY B 62 -16.65 -4.75 -34.40
N ASP B 63 -16.53 -3.46 -34.07
CA ASP B 63 -17.30 -2.41 -34.74
C ASP B 63 -16.43 -1.85 -35.86
N PRO B 64 -16.82 -2.00 -37.13
CA PRO B 64 -15.98 -1.48 -38.22
C PRO B 64 -15.85 0.04 -38.22
N LYS B 65 -16.77 0.76 -37.58
CA LYS B 65 -16.67 2.21 -37.50
C LYS B 65 -15.57 2.67 -36.55
N ALA B 66 -15.00 1.78 -35.74
CA ALA B 66 -14.15 2.20 -34.63
C ALA B 66 -12.94 1.27 -34.52
N TYR B 67 -11.75 1.85 -34.67
CA TYR B 67 -10.49 1.15 -34.42
C TYR B 67 -10.36 -0.14 -35.23
N PHE B 68 -10.88 -0.12 -36.47
CA PHE B 68 -10.84 -1.31 -37.31
C PHE B 68 -11.34 -2.54 -36.56
N GLY B 69 -12.42 -2.34 -35.79
CA GLY B 69 -13.06 -3.39 -35.01
C GLY B 69 -12.36 -3.79 -33.74
N LYS B 70 -11.29 -3.10 -33.33
CA LYS B 70 -10.50 -3.56 -32.19
C LYS B 70 -10.75 -2.73 -30.93
N GLY B 71 -11.87 -2.01 -30.85
CA GLY B 71 -12.19 -1.32 -29.63
C GLY B 71 -12.41 -2.28 -28.48
N VAL B 72 -12.20 -1.79 -27.26
CA VAL B 72 -12.48 -2.57 -26.04
C VAL B 72 -13.53 -1.88 -25.17
N SER B 73 -14.50 -1.21 -25.80
CA SER B 73 -15.48 -0.51 -24.98
C SER B 73 -16.43 -1.49 -24.30
N GLN B 74 -16.62 -2.68 -24.87
CA GLN B 74 -17.48 -3.64 -24.18
C GLN B 74 -16.81 -4.14 -22.90
N ALA B 75 -15.52 -4.49 -22.99
CA ALA B 75 -14.74 -4.85 -21.82
C ALA B 75 -14.74 -3.73 -20.79
N VAL B 76 -14.53 -2.49 -21.25
CA VAL B 76 -14.53 -1.36 -20.33
C VAL B 76 -15.88 -1.28 -19.62
N GLN B 77 -16.97 -1.42 -20.39
CA GLN B 77 -18.30 -1.38 -19.81
C GLN B 77 -18.53 -2.54 -18.86
N ASN B 78 -17.96 -3.72 -19.15
CA ASN B 78 -18.13 -4.86 -18.25
C ASN B 78 -17.50 -4.57 -16.90
N VAL B 79 -16.37 -3.89 -16.88
CA VAL B 79 -15.80 -3.47 -15.61
C VAL B 79 -16.73 -2.48 -14.92
N ASN B 80 -17.19 -1.48 -15.66
CA ASN B 80 -17.93 -0.39 -15.01
C ASN B 80 -19.32 -0.82 -14.58
N GLN B 81 -20.00 -1.61 -15.40
CA GLN B 81 -21.41 -1.94 -15.14
C GLN B 81 -21.59 -3.25 -14.39
N THR B 82 -20.67 -4.20 -14.56
CA THR B 82 -20.85 -5.52 -13.97
C THR B 82 -19.91 -5.80 -12.81
N ILE B 83 -18.61 -5.57 -12.98
CA ILE B 83 -17.64 -5.93 -11.95
C ILE B 83 -17.61 -4.91 -10.84
N ALA B 84 -17.51 -3.62 -11.20
CA ALA B 84 -17.36 -2.56 -10.20
C ALA B 84 -18.40 -2.62 -9.08
N PRO B 85 -19.71 -2.75 -9.35
CA PRO B 85 -20.67 -2.73 -8.23
C PRO B 85 -20.52 -3.93 -7.29
N LYS B 86 -19.97 -5.05 -7.77
CA LYS B 86 -19.80 -6.22 -6.92
C LYS B 86 -18.56 -6.15 -6.05
N LEU B 87 -17.61 -5.26 -6.37
CA LEU B 87 -16.36 -5.15 -5.62
C LEU B 87 -16.34 -3.99 -4.64
N ILE B 88 -17.23 -3.01 -4.80
CA ILE B 88 -17.35 -1.93 -3.82
C ILE B 88 -17.59 -2.53 -2.45
N GLY B 89 -16.78 -2.10 -1.48
CA GLY B 89 -16.94 -2.55 -0.12
C GLY B 89 -16.13 -3.77 0.25
N LEU B 90 -15.46 -4.39 -0.71
CA LEU B 90 -14.66 -5.56 -0.44
C LEU B 90 -13.25 -5.15 -0.03
N ASN B 91 -12.56 -6.05 0.66
CA ASN B 91 -11.21 -5.84 1.14
C ASN B 91 -10.22 -6.11 0.00
N ALA B 92 -9.54 -5.05 -0.46
CA ALA B 92 -8.65 -5.17 -1.61
C ALA B 92 -7.46 -6.09 -1.35
N THR B 93 -7.12 -6.38 -0.09
CA THR B 93 -6.04 -7.33 0.13
C THR B 93 -6.48 -8.78 -0.06
N ASP B 94 -7.76 -9.03 -0.25
CA ASP B 94 -8.24 -10.40 -0.41
C ASP B 94 -8.26 -10.75 -1.89
N GLN B 95 -7.05 -10.78 -2.45
CA GLN B 95 -6.86 -11.02 -3.87
C GLN B 95 -7.56 -12.29 -4.32
N ALA B 96 -7.38 -13.38 -3.55
CA ALA B 96 -7.95 -14.66 -3.94
C ALA B 96 -9.48 -14.59 -4.02
N ALA B 97 -10.12 -13.88 -3.09
CA ALA B 97 -11.58 -13.80 -3.12
C ALA B 97 -12.05 -12.91 -4.26
N ILE B 98 -11.38 -11.78 -4.47
CA ILE B 98 -11.79 -10.87 -5.54
C ILE B 98 -11.65 -11.56 -6.91
N ASP B 99 -10.54 -12.26 -7.11
CA ASP B 99 -10.35 -12.97 -8.37
C ASP B 99 -11.38 -14.10 -8.53
N ALA B 100 -11.64 -14.85 -7.46
CA ALA B 100 -12.64 -15.91 -7.53
C ALA B 100 -14.01 -15.34 -7.86
N LEU B 101 -14.36 -14.20 -7.28
CA LEU B 101 -15.65 -13.57 -7.55
C LEU B 101 -15.77 -13.14 -9.00
N MET B 102 -14.70 -12.55 -9.57
CA MET B 102 -14.78 -12.14 -10.96
C MET B 102 -14.91 -13.34 -11.88
N ILE B 103 -14.17 -14.42 -11.58
CA ILE B 103 -14.29 -15.65 -12.33
C ILE B 103 -15.73 -16.18 -12.31
N GLN B 104 -16.37 -16.19 -11.14
CA GLN B 104 -17.77 -16.65 -11.10
C GLN B 104 -18.70 -15.65 -11.77
N LEU B 105 -18.40 -14.36 -11.65
CA LEU B 105 -19.21 -13.34 -12.31
C LEU B 105 -19.21 -13.54 -13.82
N ASP B 106 -18.07 -13.97 -14.38
CA ASP B 106 -18.00 -14.26 -15.81
C ASP B 106 -18.71 -15.56 -16.15
N GLY B 107 -18.45 -16.62 -15.38
CA GLY B 107 -19.20 -17.86 -15.48
C GLY B 107 -18.81 -18.78 -16.60
N THR B 108 -17.84 -18.41 -17.44
CA THR B 108 -17.37 -19.26 -18.52
C THR B 108 -15.98 -19.78 -18.20
N PRO B 109 -15.58 -20.90 -18.80
CA PRO B 109 -14.22 -21.42 -18.54
C PRO B 109 -13.10 -20.53 -19.04
N ASN B 110 -13.34 -19.66 -20.03
CA ASN B 110 -12.25 -18.91 -20.62
C ASN B 110 -12.48 -17.41 -20.58
N LYS B 111 -13.31 -16.93 -19.65
CA LYS B 111 -13.58 -15.51 -19.44
C LYS B 111 -14.20 -14.87 -20.67
N ALA B 112 -14.97 -15.65 -21.44
CA ALA B 112 -15.54 -15.16 -22.69
C ALA B 112 -16.64 -14.13 -22.47
N LYS B 113 -17.28 -14.11 -21.29
CA LYS B 113 -18.42 -13.21 -21.09
C LYS B 113 -17.96 -11.80 -20.75
N LEU B 114 -17.13 -11.65 -19.73
CA LEU B 114 -16.68 -10.32 -19.34
C LEU B 114 -15.43 -9.89 -20.09
N GLY B 115 -14.63 -10.85 -20.55
CA GLY B 115 -13.34 -10.59 -21.18
C GLY B 115 -12.20 -10.74 -20.18
N ALA B 116 -11.18 -11.52 -20.55
CA ALA B 116 -9.96 -11.55 -19.75
C ALA B 116 -9.33 -10.17 -19.61
N ASN B 117 -9.48 -9.31 -20.61
CA ASN B 117 -8.87 -7.98 -20.47
C ASN B 117 -9.63 -7.12 -19.47
N ALA B 118 -10.94 -7.34 -19.31
CA ALA B 118 -11.64 -6.64 -18.25
C ALA B 118 -11.22 -7.15 -16.89
N ILE B 119 -11.22 -8.48 -16.72
CA ILE B 119 -10.95 -9.07 -15.42
C ILE B 119 -9.51 -8.82 -14.98
N LEU B 120 -8.54 -8.99 -15.87
CA LEU B 120 -7.16 -8.81 -15.46
C LEU B 120 -6.89 -7.37 -15.03
N ALA B 121 -7.46 -6.39 -15.74
CA ALA B 121 -7.26 -4.99 -15.39
C ALA B 121 -7.68 -4.74 -13.94
N VAL B 122 -8.82 -5.30 -13.54
CA VAL B 122 -9.27 -5.15 -12.16
C VAL B 122 -8.36 -5.90 -11.21
N SER B 123 -8.08 -7.17 -11.55
CA SER B 123 -7.25 -8.01 -10.70
C SER B 123 -5.95 -7.31 -10.35
N LEU B 124 -5.26 -6.78 -11.36
CA LEU B 124 -4.01 -6.08 -11.13
C LEU B 124 -4.20 -4.76 -10.39
N ALA B 125 -5.23 -3.98 -10.77
CA ALA B 125 -5.42 -2.68 -10.12
C ALA B 125 -5.78 -2.85 -8.65
N VAL B 126 -6.47 -3.93 -8.30
CA VAL B 126 -6.80 -4.19 -6.90
C VAL B 126 -5.53 -4.43 -6.10
N ALA B 127 -4.62 -5.26 -6.63
CA ALA B 127 -3.39 -5.55 -5.91
C ALA B 127 -2.53 -4.30 -5.75
N LYS B 128 -2.44 -3.49 -6.79
CA LYS B 128 -1.64 -2.27 -6.70
C LYS B 128 -2.22 -1.28 -5.70
N ALA B 129 -3.56 -1.21 -5.64
CA ALA B 129 -4.20 -0.35 -4.66
C ALA B 129 -3.88 -0.83 -3.24
N ALA B 130 -3.97 -2.14 -3.02
CA ALA B 130 -3.67 -2.69 -1.70
C ALA B 130 -2.20 -2.47 -1.33
N ALA B 131 -1.30 -2.61 -2.30
CA ALA B 131 0.12 -2.35 -2.03
C ALA B 131 0.34 -0.89 -1.67
N SER B 132 -0.30 0.02 -2.40
CA SER B 132 -0.26 1.44 -2.07
C SER B 132 -0.76 1.69 -0.65
N ALA B 133 -1.87 1.05 -0.28
CA ALA B 133 -2.43 1.27 1.05
C ALA B 133 -1.53 0.67 2.13
N GLN B 134 -0.77 -0.37 1.79
CA GLN B 134 0.20 -0.90 2.73
C GLN B 134 1.53 -0.14 2.71
N LYS B 135 1.65 0.90 1.89
CA LYS B 135 2.88 1.69 1.81
C LYS B 135 4.09 0.79 1.56
N THR B 136 3.93 -0.15 0.64
CA THR B 136 5.00 -1.10 0.36
C THR B 136 5.14 -1.26 -1.15
N SER B 137 6.35 -1.60 -1.58
CA SER B 137 6.61 -1.85 -2.99
C SER B 137 5.70 -2.98 -3.49
N LEU B 138 5.31 -2.90 -4.75
CA LEU B 138 4.41 -3.91 -5.29
C LEU B 138 5.01 -5.32 -5.19
N PHE B 139 6.31 -5.46 -5.47
CA PHE B 139 6.92 -6.80 -5.40
C PHE B 139 6.93 -7.33 -3.99
N LYS B 140 7.08 -6.46 -2.97
CA LYS B 140 6.99 -6.92 -1.59
C LYS B 140 5.58 -7.32 -1.23
N TYR B 141 4.59 -6.53 -1.67
CA TYR B 141 3.20 -6.87 -1.42
C TYR B 141 2.84 -8.22 -2.05
N LEU B 142 3.21 -8.40 -3.33
CA LEU B 142 2.93 -9.65 -4.01
C LEU B 142 3.62 -10.82 -3.32
N ALA B 143 4.87 -10.63 -2.89
CA ALA B 143 5.59 -11.74 -2.28
C ALA B 143 5.06 -12.07 -0.88
N ASN B 144 4.81 -11.04 -0.06
CA ASN B 144 4.61 -11.30 1.37
C ASN B 144 3.15 -11.25 1.80
N GLN B 145 2.29 -10.58 1.05
CA GLN B 145 0.86 -10.59 1.33
C GLN B 145 0.10 -11.55 0.42
N VAL B 146 0.28 -11.45 -0.89
CA VAL B 146 -0.48 -12.32 -1.78
C VAL B 146 0.07 -13.74 -1.73
N MET B 147 1.38 -13.91 -1.87
CA MET B 147 1.96 -15.25 -1.90
C MET B 147 2.43 -15.74 -0.54
N GLY B 148 2.38 -14.88 0.48
CA GLY B 148 2.74 -15.25 1.85
C GLY B 148 4.11 -15.86 2.04
N LEU B 149 5.12 -15.34 1.34
CA LEU B 149 6.46 -15.94 1.29
C LEU B 149 7.41 -15.44 2.36
N ASN B 150 7.05 -14.39 3.10
CA ASN B 150 7.87 -13.85 4.19
C ASN B 150 9.31 -13.56 3.76
N LYS B 151 9.46 -12.92 2.60
CA LYS B 151 10.78 -12.67 2.04
C LYS B 151 11.31 -11.31 2.43
N THR B 152 12.60 -11.26 2.75
CA THR B 152 13.34 -10.00 2.78
C THR B 152 14.41 -9.92 1.70
N GLU B 153 14.90 -11.04 1.20
CA GLU B 153 15.89 -11.10 0.13
C GLU B 153 15.23 -11.54 -1.17
N PHE B 154 15.53 -10.84 -2.25
CA PHE B 154 14.87 -11.12 -3.52
C PHE B 154 15.91 -11.37 -4.61
N ILE B 155 15.53 -12.18 -5.58
CA ILE B 155 16.34 -12.52 -6.74
C ILE B 155 15.94 -11.58 -7.88
N LEU B 156 16.92 -10.97 -8.53
CA LEU B 156 16.61 -10.15 -9.69
C LEU B 156 16.53 -11.04 -10.93
N THR B 157 15.98 -10.49 -12.01
CA THR B 157 15.63 -11.25 -13.20
C THR B 157 16.73 -11.13 -14.25
N VAL B 158 17.26 -12.27 -14.67
CA VAL B 158 18.05 -12.31 -15.89
C VAL B 158 17.11 -12.08 -17.07
N PRO B 159 17.29 -11.02 -17.84
CA PRO B 159 16.39 -10.77 -18.97
C PRO B 159 16.82 -11.56 -20.21
N MET B 160 15.84 -11.98 -20.99
CA MET B 160 16.10 -12.45 -22.34
C MET B 160 15.47 -11.44 -23.29
N LEU B 161 16.28 -10.81 -24.13
CA LEU B 161 15.89 -9.61 -24.86
C LEU B 161 15.82 -9.93 -26.36
N ASN B 162 14.66 -9.69 -26.95
CA ASN B 162 14.39 -10.05 -28.34
C ASN B 162 15.02 -9.03 -29.29
N VAL B 163 16.18 -9.36 -29.86
CA VAL B 163 16.88 -8.37 -30.69
C VAL B 163 16.70 -8.59 -32.19
N ILE B 164 16.42 -9.82 -32.62
CA ILE B 164 16.12 -10.11 -34.01
C ILE B 164 14.83 -10.91 -34.08
N ASN B 165 13.91 -10.50 -34.96
CA ASN B 165 12.59 -11.10 -35.12
C ASN B 165 12.49 -11.90 -36.42
N GLY B 166 11.64 -12.92 -36.39
CA GLY B 166 11.25 -13.65 -37.58
C GLY B 166 9.82 -14.14 -37.40
N GLY B 167 9.43 -15.16 -38.15
CA GLY B 167 8.13 -15.76 -37.92
C GLY B 167 6.98 -14.91 -38.41
N ALA B 168 5.85 -15.07 -37.73
CA ALA B 168 4.54 -14.74 -38.32
C ALA B 168 4.38 -13.25 -38.59
N HIS B 169 4.91 -12.38 -37.73
CA HIS B 169 4.66 -10.96 -37.85
C HIS B 169 5.92 -10.15 -38.15
N ALA B 170 6.98 -10.82 -38.59
CA ALA B 170 8.19 -10.14 -39.06
C ALA B 170 8.21 -10.15 -40.58
N ASP B 171 8.65 -9.03 -41.16
CA ASP B 171 8.75 -8.92 -42.62
C ASP B 171 10.16 -9.33 -43.06
N ASN B 172 10.44 -10.61 -42.88
CA ASN B 172 11.59 -11.26 -43.49
C ASN B 172 11.18 -12.69 -43.77
N ASN B 173 12.16 -13.52 -44.11
CA ASN B 173 11.91 -14.88 -44.53
C ASN B 173 12.36 -15.91 -43.49
N ILE B 174 12.57 -15.48 -42.25
CA ILE B 174 12.98 -16.37 -41.15
C ILE B 174 11.73 -16.98 -40.54
N ASP B 175 11.76 -18.30 -40.33
CA ASP B 175 10.60 -18.95 -39.73
C ASP B 175 10.59 -18.83 -38.20
N PHE B 176 11.76 -18.95 -37.55
CA PHE B 176 11.80 -18.80 -36.09
C PHE B 176 11.35 -17.39 -35.70
N GLN B 177 10.69 -17.28 -34.56
CA GLN B 177 10.02 -16.02 -34.21
C GLN B 177 10.92 -15.03 -33.48
N GLU B 178 11.62 -15.44 -32.43
CA GLU B 178 12.40 -14.49 -31.64
C GLU B 178 13.82 -14.99 -31.41
N PHE B 179 14.78 -14.09 -31.60
CA PHE B 179 16.18 -14.37 -31.32
C PHE B 179 16.60 -13.42 -30.20
N MET B 180 17.04 -13.99 -29.08
CA MET B 180 17.22 -13.21 -27.86
C MET B 180 18.63 -13.36 -27.30
N ILE B 181 19.14 -12.26 -26.72
CA ILE B 181 20.35 -12.32 -25.93
C ILE B 181 19.97 -12.37 -24.46
N MET B 182 20.83 -13.00 -23.67
CA MET B 182 20.60 -13.21 -22.25
C MET B 182 21.90 -12.95 -21.48
N PRO B 183 22.01 -11.82 -20.74
CA PRO B 183 23.29 -11.42 -20.11
C PRO B 183 23.55 -12.16 -18.79
N LEU B 184 23.81 -13.46 -18.92
CA LEU B 184 23.96 -14.32 -17.76
C LEU B 184 25.27 -14.08 -17.02
N GLY B 185 26.26 -13.45 -17.65
CA GLY B 185 27.53 -13.22 -17.00
C GLY B 185 27.56 -12.06 -16.03
N ALA B 186 26.54 -11.20 -16.08
CA ALA B 186 26.50 -10.05 -15.18
C ALA B 186 26.30 -10.48 -13.73
N ASN B 187 26.68 -9.59 -12.81
CA ASN B 187 26.46 -9.83 -11.39
C ASN B 187 25.56 -8.77 -10.77
N SER B 188 24.83 -8.02 -11.59
CA SER B 188 23.87 -7.03 -11.12
C SER B 188 22.91 -6.74 -12.25
N MET B 189 21.75 -6.18 -11.90
CA MET B 189 20.81 -5.78 -12.93
C MET B 189 21.40 -4.68 -13.79
N HIS B 190 22.07 -3.70 -13.16
CA HIS B 190 22.62 -2.61 -13.94
C HIS B 190 23.75 -3.09 -14.86
N GLN B 191 24.57 -4.03 -14.40
CA GLN B 191 25.58 -4.56 -15.32
C GLN B 191 24.93 -5.39 -16.42
N ALA B 192 23.87 -6.13 -16.09
CA ALA B 192 23.16 -6.90 -17.10
C ALA B 192 22.63 -5.99 -18.20
N LEU B 193 22.10 -4.84 -17.82
CA LEU B 193 21.52 -3.94 -18.82
C LEU B 193 22.61 -3.15 -19.56
N LYS B 194 23.75 -2.88 -18.92
CA LYS B 194 24.92 -2.38 -19.65
C LYS B 194 25.32 -3.34 -20.76
N MET B 195 25.44 -4.63 -20.44
CA MET B 195 25.75 -5.63 -21.46
C MET B 195 24.69 -5.64 -22.56
N ALA B 196 23.41 -5.61 -22.18
CA ALA B 196 22.33 -5.63 -23.16
C ALA B 196 22.36 -4.38 -24.03
N SER B 197 22.44 -3.20 -23.40
CA SER B 197 22.48 -1.93 -24.12
C SER B 197 23.64 -1.89 -25.11
N GLU B 198 24.85 -2.24 -24.65
CA GLU B 198 26.00 -2.12 -25.53
C GLU B 198 25.94 -3.13 -26.66
N THR B 199 25.43 -4.33 -26.38
CA THR B 199 25.28 -5.33 -27.44
C THR B 199 24.23 -4.91 -28.44
N PHE B 200 23.14 -4.31 -27.97
CA PHE B 200 22.08 -3.87 -28.88
C PHE B 200 22.59 -2.78 -29.82
N HIS B 201 23.33 -1.83 -29.27
CA HIS B 201 23.90 -0.77 -30.11
C HIS B 201 24.93 -1.33 -31.08
N ALA B 202 25.74 -2.30 -30.64
CA ALA B 202 26.70 -2.91 -31.55
C ALA B 202 25.98 -3.62 -32.70
N LEU B 203 24.89 -4.32 -32.37
CA LEU B 203 24.12 -5.00 -33.40
C LEU B 203 23.54 -4.01 -34.40
N GLN B 204 23.07 -2.87 -33.90
CA GLN B 204 22.55 -1.82 -34.78
C GLN B 204 23.60 -1.34 -35.76
N LYS B 205 24.82 -1.06 -35.27
CA LYS B 205 25.92 -0.66 -36.16
C LYS B 205 26.23 -1.73 -37.20
N LEU B 206 26.23 -3.00 -36.78
CA LEU B 206 26.50 -4.11 -37.68
C LEU B 206 25.43 -4.21 -38.76
N LEU B 207 24.16 -4.02 -38.39
CA LEU B 207 23.10 -4.10 -39.40
C LEU B 207 23.24 -2.98 -40.42
N LYS B 208 23.52 -1.76 -39.95
CA LYS B 208 23.69 -0.63 -40.86
C LYS B 208 24.85 -0.87 -41.82
N GLN B 209 25.95 -1.42 -41.32
CA GLN B 209 27.09 -1.74 -42.18
C GLN B 209 26.72 -2.75 -43.26
N ARG B 210 25.80 -3.65 -42.96
CA ARG B 210 25.34 -4.65 -43.92
C ARG B 210 24.18 -4.16 -44.77
N GLY B 211 23.84 -2.87 -44.68
CA GLY B 211 22.73 -2.34 -45.45
C GLY B 211 21.37 -2.84 -45.04
N LEU B 212 21.19 -3.22 -43.77
CA LEU B 212 19.92 -3.76 -43.31
C LEU B 212 19.16 -2.73 -42.50
N ASN B 213 17.83 -2.85 -42.52
CA ASN B 213 16.96 -1.90 -41.86
C ASN B 213 17.13 -1.99 -40.34
N THR B 214 17.25 -0.83 -39.69
CA THR B 214 17.43 -0.79 -38.24
C THR B 214 16.24 -0.17 -37.52
N ASN B 215 15.13 0.05 -38.20
CA ASN B 215 13.96 0.47 -37.45
C ASN B 215 13.32 -0.75 -36.77
N LYS B 216 12.41 -0.48 -35.85
CA LYS B 216 12.16 -1.47 -34.80
C LYS B 216 10.90 -2.29 -35.06
N GLY B 217 10.97 -3.57 -34.72
CA GLY B 217 9.79 -4.39 -34.63
C GLY B 217 8.96 -4.04 -33.40
N ASP B 218 7.83 -4.74 -33.25
CA ASP B 218 6.90 -4.42 -32.17
C ASP B 218 7.55 -4.51 -30.79
N GLU B 219 8.52 -5.41 -30.60
CA GLU B 219 9.13 -5.59 -29.28
C GLU B 219 10.45 -4.86 -29.13
N GLY B 220 10.77 -3.95 -30.05
CA GLY B 220 11.95 -3.15 -29.92
C GLY B 220 13.19 -3.74 -30.55
N GLY B 221 13.12 -4.97 -31.05
CA GLY B 221 14.21 -5.57 -31.78
C GLY B 221 14.24 -5.12 -33.23
N PHE B 222 15.17 -5.71 -33.98
CA PHE B 222 15.24 -5.48 -35.41
C PHE B 222 14.54 -6.61 -36.17
N ALA B 223 14.00 -6.27 -37.34
CA ALA B 223 13.44 -7.26 -38.25
C ALA B 223 14.10 -7.08 -39.62
N PRO B 224 15.38 -7.41 -39.73
CA PRO B 224 16.07 -7.19 -41.00
C PRO B 224 15.75 -8.29 -42.01
N ASN B 225 16.01 -7.99 -43.28
CA ASN B 225 15.72 -8.92 -44.37
C ASN B 225 16.84 -9.96 -44.46
N LEU B 226 16.82 -10.88 -43.51
CA LEU B 226 17.77 -11.99 -43.45
C LEU B 226 17.15 -13.24 -44.04
N LYS B 227 18.00 -14.12 -44.54
CA LYS B 227 17.54 -15.34 -45.20
C LYS B 227 17.49 -16.56 -44.28
N LEU B 228 18.38 -16.66 -43.29
CA LEU B 228 18.48 -17.86 -42.45
C LEU B 228 18.54 -17.51 -40.97
N ALA B 229 18.02 -18.41 -40.14
CA ALA B 229 18.18 -18.27 -38.70
C ALA B 229 19.65 -18.21 -38.32
N GLU B 230 20.50 -18.97 -39.02
CA GLU B 230 21.93 -18.93 -38.74
C GLU B 230 22.51 -17.55 -38.99
N GLU B 231 21.97 -16.81 -39.97
CA GLU B 231 22.42 -15.44 -40.22
C GLU B 231 22.14 -14.54 -39.03
N ALA B 232 20.95 -14.67 -38.45
CA ALA B 232 20.60 -13.89 -37.27
C ALA B 232 21.49 -14.25 -36.08
N LEU B 233 21.69 -15.55 -35.87
CA LEU B 233 22.56 -16.00 -34.77
C LEU B 233 24.01 -15.56 -34.98
N ASP B 234 24.51 -15.66 -36.22
CA ASP B 234 25.84 -15.14 -36.55
C ASP B 234 25.98 -13.67 -36.15
N LEU B 235 24.98 -12.86 -36.50
CA LEU B 235 25.06 -11.43 -36.24
C LEU B 235 25.02 -11.15 -34.75
N MET B 236 24.24 -11.94 -34.00
CA MET B 236 24.16 -11.74 -32.56
C MET B 236 25.46 -12.10 -31.88
N VAL B 237 26.08 -13.20 -32.29
CA VAL B 237 27.39 -13.54 -31.72
C VAL B 237 28.40 -12.47 -32.06
N GLU B 238 28.39 -11.97 -33.31
CA GLU B 238 29.33 -10.92 -33.67
C GLU B 238 29.09 -9.66 -32.85
N ALA B 239 27.81 -9.31 -32.64
CA ALA B 239 27.50 -8.11 -31.86
C ALA B 239 27.95 -8.27 -30.42
N ILE B 240 27.79 -9.47 -29.85
CA ILE B 240 28.27 -9.71 -28.50
C ILE B 240 29.78 -9.45 -28.42
N LYS B 241 30.53 -10.00 -29.37
CA LYS B 241 31.97 -9.79 -29.35
C LYS B 241 32.32 -8.34 -29.63
N ALA B 242 31.64 -7.71 -30.59
CA ALA B 242 31.92 -6.31 -30.90
C ALA B 242 31.67 -5.40 -29.71
N ALA B 243 30.71 -5.78 -28.85
CA ALA B 243 30.45 -5.01 -27.64
C ALA B 243 31.49 -5.26 -26.57
N GLY B 244 32.38 -6.21 -26.77
CA GLY B 244 33.44 -6.50 -25.82
C GLY B 244 33.15 -7.63 -24.86
N TYR B 245 32.20 -8.49 -25.17
CA TYR B 245 31.77 -9.55 -24.27
C TYR B 245 32.00 -10.91 -24.92
N GLN B 246 31.90 -11.95 -24.10
CA GLN B 246 32.17 -13.31 -24.53
C GLN B 246 30.84 -14.01 -24.79
N PRO B 247 30.58 -14.48 -26.01
CA PRO B 247 29.36 -15.27 -26.23
C PRO B 247 29.39 -16.50 -25.33
N GLY B 248 28.24 -16.82 -24.76
CA GLY B 248 28.18 -17.88 -23.78
C GLY B 248 28.40 -17.40 -22.36
N SER B 249 29.66 -17.25 -21.94
CA SER B 249 29.92 -16.97 -20.54
C SER B 249 29.39 -15.61 -20.10
N ASP B 250 29.43 -14.61 -20.97
CA ASP B 250 28.86 -13.30 -20.65
C ASP B 250 27.43 -13.17 -21.14
N ILE B 251 27.21 -13.42 -22.42
CA ILE B 251 25.89 -13.24 -23.02
C ILE B 251 25.57 -14.51 -23.80
N ALA B 252 24.54 -15.22 -23.38
CA ALA B 252 24.05 -16.38 -24.09
C ALA B 252 22.87 -15.99 -24.96
N ILE B 253 22.33 -16.96 -25.69
CA ILE B 253 21.24 -16.73 -26.62
C ILE B 253 20.04 -17.55 -26.18
N ALA B 254 18.84 -16.97 -26.29
CA ALA B 254 17.62 -17.73 -26.14
C ALA B 254 16.80 -17.62 -27.43
N LEU B 255 16.11 -18.69 -27.77
CA LEU B 255 15.23 -18.71 -28.93
C LEU B 255 13.77 -18.84 -28.49
N ASP B 256 12.87 -18.15 -29.20
CA ASP B 256 11.45 -18.50 -29.22
C ASP B 256 11.19 -18.97 -30.65
N VAL B 257 11.21 -20.30 -30.82
CA VAL B 257 11.01 -20.87 -32.14
C VAL B 257 9.59 -20.64 -32.61
N ALA B 258 8.62 -20.79 -31.71
CA ALA B 258 7.21 -20.66 -32.06
C ALA B 258 6.86 -21.69 -33.14
N ALA B 259 7.29 -22.94 -32.89
CA ALA B 259 7.14 -24.03 -33.86
C ALA B 259 5.70 -24.31 -34.21
N SER B 260 4.75 -23.97 -33.32
CA SER B 260 3.35 -24.17 -33.65
C SER B 260 2.96 -23.40 -34.90
N GLU B 261 3.65 -22.29 -35.19
CA GLU B 261 3.29 -21.47 -36.34
C GLU B 261 3.59 -22.16 -37.67
N PHE B 262 4.55 -23.08 -37.71
CA PHE B 262 4.88 -23.72 -38.98
C PHE B 262 4.81 -25.24 -38.91
N TYR B 263 4.20 -25.81 -37.87
CA TYR B 263 3.97 -27.25 -37.82
C TYR B 263 2.77 -27.59 -38.69
N ASP B 264 2.94 -28.57 -39.58
CA ASP B 264 1.90 -29.01 -40.50
C ASP B 264 1.22 -30.23 -39.89
N ASP B 265 0.00 -30.05 -39.38
CA ASP B 265 -0.68 -31.16 -38.72
C ASP B 265 -1.08 -32.26 -39.69
N THR B 266 -1.14 -31.97 -40.99
CA THR B 266 -1.49 -33.00 -41.96
C THR B 266 -0.36 -34.00 -42.13
N THR B 267 0.84 -33.50 -42.41
CA THR B 267 2.01 -34.35 -42.63
C THR B 267 2.78 -34.63 -41.36
N LYS B 268 2.42 -34.01 -40.23
CA LYS B 268 3.16 -34.10 -38.98
C LYS B 268 4.62 -33.72 -39.19
N ARG B 269 4.85 -32.63 -39.91
CA ARG B 269 6.19 -32.16 -40.17
C ARG B 269 6.29 -30.67 -39.90
N TYR B 270 7.49 -30.26 -39.52
CA TYR B 270 7.81 -28.85 -39.30
C TYR B 270 8.27 -28.28 -40.64
N VAL B 271 7.37 -27.55 -41.29
CA VAL B 271 7.57 -27.05 -42.64
C VAL B 271 7.98 -25.58 -42.55
N PHE B 272 9.23 -25.30 -42.94
CA PHE B 272 9.80 -23.95 -42.83
C PHE B 272 9.25 -23.11 -43.97
N LYS B 273 7.99 -22.70 -43.79
CA LYS B 273 7.20 -22.20 -44.91
C LYS B 273 7.73 -20.87 -45.43
N LYS B 274 8.17 -19.98 -44.55
CA LYS B 274 8.64 -18.67 -45.02
C LYS B 274 9.91 -18.83 -45.85
N GLY B 275 10.85 -19.65 -45.39
CA GLY B 275 12.05 -19.88 -46.18
C GLY B 275 11.79 -20.66 -47.46
N ILE B 276 10.79 -21.54 -47.44
CA ILE B 276 10.44 -22.28 -48.64
C ILE B 276 9.75 -21.38 -49.65
N LYS B 277 8.76 -20.59 -49.19
CA LYS B 277 8.08 -19.69 -50.11
C LYS B 277 9.02 -18.68 -50.73
N ALA B 278 10.05 -18.25 -50.00
CA ALA B 278 11.02 -17.31 -50.51
C ALA B 278 12.10 -17.97 -51.37
N LYS B 279 11.96 -19.27 -51.65
CA LYS B 279 12.91 -20.04 -52.46
C LYS B 279 14.30 -20.05 -51.84
N ILE B 280 14.37 -19.87 -50.52
CA ILE B 280 15.61 -19.99 -49.78
C ILE B 280 15.88 -21.44 -49.38
N LEU B 281 14.83 -22.17 -49.04
CA LEU B 281 14.95 -23.54 -48.55
C LEU B 281 14.24 -24.48 -49.50
N ASP B 282 14.86 -25.63 -49.78
CA ASP B 282 14.20 -26.68 -50.52
C ASP B 282 13.13 -27.32 -49.66
N GLU B 283 11.94 -27.53 -50.22
CA GLU B 283 10.80 -27.89 -49.38
C GLU B 283 10.94 -29.30 -48.81
N LYS B 284 11.57 -30.22 -49.55
CA LYS B 284 11.76 -31.57 -49.01
C LYS B 284 12.76 -31.55 -47.84
N GLU B 285 13.89 -30.88 -48.03
CA GLU B 285 14.90 -30.85 -46.97
C GLU B 285 14.43 -30.10 -45.73
N TRP B 286 13.46 -29.19 -45.85
CA TRP B 286 13.04 -28.38 -44.72
C TRP B 286 11.58 -28.61 -44.36
N SER B 287 11.12 -29.84 -44.54
CA SER B 287 9.88 -30.35 -43.97
C SER B 287 10.32 -31.45 -43.03
N LEU B 288 10.52 -31.11 -41.76
CA LEU B 288 11.21 -31.96 -40.82
C LEU B 288 10.24 -32.75 -39.96
N THR B 289 10.50 -34.04 -39.81
CA THR B 289 9.87 -34.83 -38.77
C THR B 289 10.21 -34.26 -37.40
N THR B 290 9.47 -34.69 -36.38
CA THR B 290 9.79 -34.30 -35.02
C THR B 290 11.26 -34.61 -34.69
N ALA B 291 11.72 -35.81 -35.07
CA ALA B 291 13.09 -36.21 -34.77
C ALA B 291 14.10 -35.35 -35.51
N GLN B 292 13.80 -34.96 -36.76
CA GLN B 292 14.73 -34.09 -37.48
C GLN B 292 14.72 -32.68 -36.92
N MET B 293 13.56 -32.19 -36.45
CA MET B 293 13.48 -30.89 -35.80
C MET B 293 14.30 -30.86 -34.52
N ILE B 294 14.18 -31.90 -33.70
CA ILE B 294 14.98 -32.00 -32.48
C ILE B 294 16.46 -32.03 -32.85
N ALA B 295 16.82 -32.86 -33.85
CA ALA B 295 18.21 -32.91 -34.29
C ALA B 295 18.69 -31.56 -34.77
N TYR B 296 17.82 -30.78 -35.42
CA TYR B 296 18.23 -29.46 -35.89
C TYR B 296 18.47 -28.52 -34.71
N LEU B 297 17.55 -28.51 -33.75
CA LEU B 297 17.72 -27.66 -32.57
C LEU B 297 18.96 -28.05 -31.79
N LYS B 298 19.18 -29.35 -31.59
CA LYS B 298 20.40 -29.80 -30.94
C LYS B 298 21.64 -29.23 -31.64
N LYS B 299 21.70 -29.38 -32.97
CA LYS B 299 22.83 -28.85 -33.72
C LYS B 299 22.99 -27.35 -33.50
N LEU B 300 21.87 -26.61 -33.50
CA LEU B 300 21.95 -25.18 -33.24
C LEU B 300 22.56 -24.89 -31.88
N THR B 301 22.20 -25.65 -30.84
CA THR B 301 22.78 -25.41 -29.52
C THR B 301 24.25 -25.79 -29.49
N GLU B 302 24.73 -26.56 -30.47
CA GLU B 302 26.15 -26.87 -30.53
C GLU B 302 26.94 -25.83 -31.32
N GLN B 303 26.32 -25.19 -32.30
CA GLN B 303 26.99 -24.19 -33.09
C GLN B 303 26.94 -22.81 -32.46
N TYR B 304 25.98 -22.57 -31.58
CA TYR B 304 25.70 -21.26 -31.02
C TYR B 304 25.46 -21.40 -29.53
N PRO B 305 25.77 -20.37 -28.75
CA PRO B 305 25.63 -20.47 -27.29
C PRO B 305 24.19 -20.29 -26.82
N ILE B 306 23.33 -21.21 -27.25
CA ILE B 306 21.90 -21.18 -26.94
C ILE B 306 21.68 -21.90 -25.62
N ILE B 307 21.05 -21.21 -24.67
CA ILE B 307 20.80 -21.76 -23.34
C ILE B 307 19.32 -22.06 -23.13
N SER B 308 18.44 -21.58 -24.00
CA SER B 308 17.01 -21.67 -23.77
C SER B 308 16.28 -21.70 -25.10
N ILE B 309 15.32 -22.61 -25.23
CA ILE B 309 14.49 -22.77 -26.41
C ILE B 309 13.03 -22.75 -25.95
N GLU B 310 12.26 -21.83 -26.52
CA GLU B 310 10.84 -21.72 -26.22
C GLU B 310 10.04 -22.25 -27.41
N ASP B 311 9.02 -23.05 -27.11
CA ASP B 311 8.13 -23.62 -28.14
C ASP B 311 8.92 -24.15 -29.32
N GLY B 312 9.94 -24.96 -29.02
CA GLY B 312 10.74 -25.57 -30.07
C GLY B 312 10.00 -26.60 -30.88
N LEU B 313 8.93 -27.16 -30.33
CA LEU B 313 8.03 -28.05 -31.06
C LEU B 313 6.60 -27.55 -30.86
N SER B 314 5.69 -28.11 -31.65
CA SER B 314 4.32 -27.63 -31.65
C SER B 314 3.58 -28.02 -30.36
N GLU B 315 2.60 -27.17 -29.99
CA GLU B 315 1.69 -27.49 -28.89
C GLU B 315 0.88 -28.75 -29.17
N HIS B 316 0.82 -29.20 -30.42
CA HIS B 316 0.16 -30.45 -30.80
C HIS B 316 1.13 -31.62 -30.82
N ASP B 317 2.32 -31.46 -30.26
CA ASP B 317 3.38 -32.46 -30.34
C ASP B 317 3.99 -32.64 -28.95
N TRP B 318 3.13 -33.06 -28.01
CA TRP B 318 3.57 -33.28 -26.63
C TRP B 318 4.62 -34.38 -26.55
N GLU B 319 4.46 -35.44 -27.35
CA GLU B 319 5.49 -36.48 -27.40
C GLU B 319 6.82 -35.90 -27.84
N GLY B 320 6.80 -35.02 -28.85
CA GLY B 320 8.03 -34.37 -29.26
C GLY B 320 8.62 -33.53 -28.15
N MET B 321 7.79 -32.72 -27.49
CA MET B 321 8.26 -31.86 -26.41
C MET B 321 8.90 -32.68 -25.30
N GLU B 322 8.29 -33.83 -24.98
CA GLU B 322 8.88 -34.71 -23.96
C GLU B 322 10.23 -35.25 -24.42
N THR B 323 10.34 -35.66 -25.68
CA THR B 323 11.62 -36.13 -26.20
C THR B 323 12.66 -35.01 -26.22
N LEU B 324 12.26 -33.81 -26.66
CA LEU B 324 13.19 -32.69 -26.65
C LEU B 324 13.67 -32.40 -25.24
N THR B 325 12.76 -32.43 -24.26
CA THR B 325 13.15 -32.14 -22.89
C THR B 325 14.08 -33.23 -22.34
N LYS B 326 13.89 -34.48 -22.76
CA LYS B 326 14.77 -35.55 -22.33
C LYS B 326 16.11 -35.54 -23.06
N THR B 327 16.16 -35.00 -24.27
CA THR B 327 17.37 -35.02 -25.07
C THR B 327 18.30 -33.85 -24.72
N LEU B 328 17.74 -32.66 -24.61
CA LEU B 328 18.52 -31.45 -24.39
C LEU B 328 18.26 -30.81 -23.03
N GLY B 329 17.14 -31.13 -22.40
CA GLY B 329 16.66 -30.44 -21.21
C GLY B 329 17.54 -30.59 -19.99
N GLN B 330 18.50 -31.52 -20.00
CA GLN B 330 19.40 -31.62 -18.85
C GLN B 330 20.26 -30.36 -18.72
N HIS B 331 20.64 -29.78 -19.86
CA HIS B 331 21.53 -28.62 -19.87
C HIS B 331 21.00 -27.43 -20.66
N ILE B 332 19.87 -27.57 -21.35
CA ILE B 332 19.23 -26.49 -22.10
C ILE B 332 17.84 -26.26 -21.51
N GLN B 333 17.49 -25.01 -21.28
CA GLN B 333 16.16 -24.70 -20.80
C GLN B 333 15.14 -24.86 -21.91
N ILE B 334 14.09 -25.62 -21.64
CA ILE B 334 13.04 -25.89 -22.60
C ILE B 334 11.77 -25.25 -22.04
N VAL B 335 11.30 -24.20 -22.70
CA VAL B 335 10.22 -23.35 -22.21
C VAL B 335 8.93 -23.71 -22.93
N GLY B 336 7.88 -23.98 -22.15
CA GLY B 336 6.56 -24.11 -22.72
C GLY B 336 5.82 -22.79 -22.62
N ASP B 337 5.37 -22.28 -23.76
CA ASP B 337 4.62 -21.05 -23.81
C ASP B 337 3.21 -21.42 -24.22
N ASP B 338 2.91 -21.50 -25.52
CA ASP B 338 1.55 -21.85 -25.93
C ASP B 338 1.19 -23.29 -25.56
N LEU B 339 2.18 -24.11 -25.18
CA LEU B 339 1.88 -25.45 -24.68
C LEU B 339 0.96 -25.41 -23.47
N TYR B 340 1.15 -24.41 -22.62
CA TYR B 340 0.36 -24.27 -21.40
C TYR B 340 -0.56 -23.06 -21.40
N CYS B 341 -0.18 -21.97 -22.08
CA CYS B 341 -0.96 -20.73 -22.08
C CYS B 341 -1.22 -20.27 -20.64
N THR B 342 -0.22 -20.40 -19.78
CA THR B 342 -0.29 -19.95 -18.39
C THR B 342 -1.52 -20.54 -17.67
N ASN B 343 -1.97 -21.71 -18.14
CA ASN B 343 -3.14 -22.36 -17.57
C ASN B 343 -2.70 -23.37 -16.52
N PRO B 344 -3.06 -23.18 -15.25
CA PRO B 344 -2.57 -24.11 -14.20
C PRO B 344 -2.98 -25.56 -14.44
N ALA B 345 -4.19 -25.82 -14.95
CA ALA B 345 -4.59 -27.20 -15.21
C ALA B 345 -3.72 -27.84 -16.28
N ILE B 346 -3.34 -27.08 -17.31
CA ILE B 346 -2.50 -27.64 -18.37
C ILE B 346 -1.04 -27.73 -17.92
N ALA B 347 -0.58 -26.76 -17.11
CA ALA B 347 0.77 -26.83 -16.56
C ALA B 347 0.97 -28.10 -15.73
N GLU B 348 -0.04 -28.51 -14.97
CA GLU B 348 0.09 -29.71 -14.15
C GLU B 348 0.27 -30.95 -15.02
N LYS B 349 -0.36 -31.00 -16.20
CA LYS B 349 -0.13 -32.11 -17.12
C LYS B 349 1.28 -32.05 -17.69
N GLY B 350 1.79 -30.84 -17.97
CA GLY B 350 3.16 -30.72 -18.41
C GLY B 350 4.13 -31.28 -17.37
N VAL B 351 3.87 -31.00 -16.09
CA VAL B 351 4.72 -31.50 -15.03
C VAL B 351 4.72 -33.03 -15.04
N ALA B 352 3.53 -33.63 -15.04
CA ALA B 352 3.39 -35.08 -14.95
C ALA B 352 4.03 -35.77 -16.15
N HIS B 353 3.98 -35.15 -17.32
CA HIS B 353 4.56 -35.72 -18.53
C HIS B 353 6.00 -35.26 -18.76
N LYS B 354 6.51 -34.33 -17.96
CA LYS B 354 7.85 -33.75 -18.15
C LYS B 354 8.00 -33.21 -19.58
N ALA B 355 7.01 -32.42 -19.99
CA ALA B 355 7.01 -31.90 -21.36
C ALA B 355 8.06 -30.81 -21.54
N THR B 356 8.28 -29.99 -20.51
CA THR B 356 9.26 -28.91 -20.52
C THR B 356 9.97 -28.90 -19.18
N ASN B 357 10.92 -27.97 -19.01
CA ASN B 357 11.48 -27.70 -17.68
C ASN B 357 11.33 -26.23 -17.31
N SER B 358 10.41 -25.55 -17.97
CA SER B 358 10.21 -24.12 -17.78
C SER B 358 8.85 -23.79 -18.37
N ILE B 359 8.24 -22.73 -17.85
CA ILE B 359 6.95 -22.25 -18.33
C ILE B 359 7.04 -20.75 -18.54
N LEU B 360 6.52 -20.28 -19.67
CA LEU B 360 6.37 -18.86 -19.93
C LEU B 360 5.04 -18.40 -19.33
N ILE B 361 5.10 -17.40 -18.45
CA ILE B 361 3.96 -16.91 -17.68
C ILE B 361 3.46 -15.61 -18.30
N LYS B 362 2.26 -15.64 -18.87
CA LYS B 362 1.60 -14.48 -19.47
C LYS B 362 0.31 -14.23 -18.70
N LEU B 363 0.29 -13.17 -17.89
CA LEU B 363 -0.88 -12.85 -17.07
C LEU B 363 -2.17 -12.82 -17.90
N ASN B 364 -2.16 -12.22 -19.09
CA ASN B 364 -3.44 -12.06 -19.78
C ASN B 364 -3.87 -13.33 -20.52
N GLN B 365 -3.03 -14.38 -20.55
CA GLN B 365 -3.46 -15.66 -21.09
C GLN B 365 -4.41 -16.38 -20.15
N ILE B 366 -4.33 -16.12 -18.85
CA ILE B 366 -5.17 -16.80 -17.88
C ILE B 366 -6.18 -15.84 -17.25
N GLY B 367 -5.80 -14.60 -16.99
CA GLY B 367 -6.77 -13.55 -16.77
C GLY B 367 -6.91 -13.03 -15.36
N THR B 368 -6.36 -13.71 -14.35
CA THR B 368 -6.31 -13.16 -13.01
C THR B 368 -4.92 -13.34 -12.43
N LEU B 369 -4.60 -12.49 -11.45
CA LEU B 369 -3.36 -12.62 -10.71
C LEU B 369 -3.33 -13.92 -9.91
N THR B 370 -4.45 -14.29 -9.29
CA THR B 370 -4.49 -15.49 -8.48
C THR B 370 -4.17 -16.74 -9.30
N GLU B 371 -4.80 -16.87 -10.48
CA GLU B 371 -4.53 -18.02 -11.33
C GLU B 371 -3.10 -17.98 -11.87
N THR B 372 -2.57 -16.79 -12.12
CA THR B 372 -1.19 -16.71 -12.57
C THR B 372 -0.24 -17.23 -11.50
N ILE B 373 -0.47 -16.84 -10.24
CA ILE B 373 0.40 -17.31 -9.16
C ILE B 373 0.25 -18.82 -9.00
N LYS B 374 -0.96 -19.34 -9.19
CA LYS B 374 -1.16 -20.79 -9.17
C LYS B 374 -0.27 -21.48 -10.21
N ALA B 375 -0.28 -20.98 -11.45
CA ALA B 375 0.60 -21.52 -12.48
C ALA B 375 2.06 -21.45 -12.06
N ILE B 376 2.47 -20.32 -11.48
CA ILE B 376 3.87 -20.17 -11.07
C ILE B 376 4.24 -21.21 -10.01
N ASN B 377 3.35 -21.42 -9.04
CA ASN B 377 3.66 -22.35 -7.94
C ASN B 377 3.64 -23.80 -8.41
N ILE B 378 2.82 -24.12 -9.41
CA ILE B 378 2.89 -25.45 -10.01
C ILE B 378 4.27 -25.68 -10.62
N ALA B 379 4.79 -24.68 -11.33
CA ALA B 379 6.13 -24.78 -11.89
C ALA B 379 7.19 -24.85 -10.81
N LYS B 380 7.07 -24.02 -9.77
CA LYS B 380 8.03 -24.07 -8.67
C LYS B 380 8.10 -25.46 -8.05
N ASP B 381 6.94 -26.10 -7.88
CA ASP B 381 6.91 -27.41 -7.23
C ASP B 381 7.54 -28.49 -8.09
N ALA B 382 7.54 -28.31 -9.40
CA ALA B 382 8.14 -29.25 -10.31
C ALA B 382 9.63 -28.97 -10.56
N ASN B 383 10.19 -27.95 -9.90
CA ASN B 383 11.55 -27.48 -10.17
C ASN B 383 11.69 -27.02 -11.62
N TRP B 384 10.66 -26.36 -12.12
CA TRP B 384 10.75 -25.63 -13.38
C TRP B 384 11.10 -24.18 -13.11
N SER B 385 11.66 -23.53 -14.11
CA SER B 385 11.77 -22.09 -14.02
C SER B 385 10.47 -21.44 -14.49
N GLN B 386 10.25 -20.20 -14.08
CA GLN B 386 9.11 -19.44 -14.57
C GLN B 386 9.65 -18.19 -15.24
N VAL B 387 9.34 -18.02 -16.52
CA VAL B 387 9.77 -16.82 -17.25
C VAL B 387 8.57 -15.91 -17.35
N ILE B 388 8.55 -14.84 -16.55
CA ILE B 388 7.48 -13.86 -16.65
C ILE B 388 7.63 -13.09 -17.96
N SER B 389 6.55 -13.01 -18.74
CA SER B 389 6.67 -12.55 -20.11
C SER B 389 5.75 -11.36 -20.39
N HIS B 390 6.22 -10.47 -21.26
CA HIS B 390 5.40 -9.44 -21.87
C HIS B 390 4.52 -10.05 -22.96
N ARG B 391 3.70 -9.20 -23.58
CA ARG B 391 3.07 -9.51 -24.86
C ARG B 391 3.62 -8.55 -25.91
N SER B 392 3.38 -8.88 -27.18
CA SER B 392 3.90 -8.03 -28.24
C SER B 392 3.24 -6.65 -28.19
N GLY B 393 1.98 -6.60 -27.76
CA GLY B 393 1.34 -5.33 -27.47
C GLY B 393 1.42 -5.06 -25.98
N GLU B 394 2.35 -4.21 -25.57
CA GLU B 394 2.55 -3.89 -24.16
C GLU B 394 2.04 -2.50 -23.86
N THR B 395 2.15 -2.12 -22.58
CA THR B 395 1.87 -0.76 -22.16
C THR B 395 3.03 -0.32 -21.30
N GLU B 396 2.96 0.94 -20.86
CA GLU B 396 3.89 1.46 -19.86
C GLU B 396 3.71 0.82 -18.47
N ASP B 397 2.75 -0.09 -18.29
CA ASP B 397 2.56 -0.79 -17.02
C ASP B 397 3.77 -1.69 -16.74
N THR B 398 4.32 -1.63 -15.53
CA THR B 398 5.51 -2.41 -15.19
C THR B 398 5.23 -3.58 -14.24
N THR B 399 3.98 -4.08 -14.20
CA THR B 399 3.62 -5.12 -13.24
C THR B 399 4.52 -6.34 -13.34
N ILE B 400 4.91 -6.76 -14.56
CA ILE B 400 5.63 -8.02 -14.67
C ILE B 400 6.99 -7.94 -13.99
N ALA B 401 7.60 -6.75 -13.93
CA ALA B 401 8.87 -6.62 -13.22
C ALA B 401 8.71 -6.94 -11.74
N ASP B 402 7.71 -6.35 -11.10
CA ASP B 402 7.47 -6.65 -9.69
C ASP B 402 7.01 -8.09 -9.49
N LEU B 403 6.24 -8.63 -10.43
CA LEU B 403 5.80 -10.02 -10.29
C LEU B 403 6.97 -10.98 -10.37
N ALA B 404 7.86 -10.77 -11.33
CA ALA B 404 9.02 -11.64 -11.48
C ALA B 404 9.96 -11.55 -10.28
N VAL B 405 10.12 -10.34 -9.72
CA VAL B 405 10.93 -10.22 -8.50
C VAL B 405 10.21 -10.84 -7.31
N ALA B 406 8.90 -10.59 -7.17
CA ALA B 406 8.16 -11.15 -6.04
C ALA B 406 8.22 -12.67 -6.03
N ALA B 407 8.08 -13.30 -7.19
CA ALA B 407 8.10 -14.75 -7.23
C ALA B 407 9.52 -15.31 -7.32
N CYS B 408 10.53 -14.44 -7.36
CA CYS B 408 11.94 -14.86 -7.43
C CYS B 408 12.15 -15.86 -8.57
N THR B 409 11.55 -15.55 -9.72
CA THR B 409 11.74 -16.42 -10.87
C THR B 409 13.18 -16.33 -11.39
N GLY B 410 13.84 -15.20 -11.19
CA GLY B 410 15.17 -14.97 -11.73
C GLY B 410 15.24 -14.85 -13.24
N GLN B 411 14.10 -14.77 -13.93
CA GLN B 411 14.07 -14.68 -15.39
C GLN B 411 12.89 -13.85 -15.84
N ILE B 412 13.09 -13.03 -16.88
CA ILE B 412 12.00 -12.25 -17.44
C ILE B 412 12.21 -12.15 -18.95
N LYS B 413 11.11 -12.09 -19.69
CA LYS B 413 11.15 -11.85 -21.13
C LYS B 413 10.28 -10.63 -21.39
N THR B 414 10.91 -9.45 -21.52
CA THR B 414 10.08 -8.25 -21.66
C THR B 414 10.61 -7.28 -22.70
N GLY B 415 11.37 -7.75 -23.67
CA GLY B 415 11.58 -7.00 -24.90
C GLY B 415 13.03 -6.60 -25.11
N SER B 416 13.24 -5.87 -26.19
CA SER B 416 14.58 -5.45 -26.60
C SER B 416 14.99 -4.18 -25.82
N MET B 417 16.11 -3.60 -26.21
CA MET B 417 16.60 -2.37 -25.60
C MET B 417 16.14 -1.14 -26.35
N SER B 418 14.91 -1.16 -26.86
CA SER B 418 14.28 0.07 -27.32
C SER B 418 12.78 -0.08 -27.12
N ARG B 419 12.09 1.07 -27.11
CA ARG B 419 10.64 1.24 -26.93
C ARG B 419 10.29 1.14 -25.45
N SER B 420 9.74 2.20 -24.86
CA SER B 420 9.69 2.21 -23.42
C SER B 420 8.60 1.32 -22.83
N GLU B 421 7.71 0.72 -23.64
CA GLU B 421 6.86 -0.34 -23.06
C GLU B 421 7.70 -1.55 -22.67
N ARG B 422 8.90 -1.68 -23.24
CA ARG B 422 9.90 -2.64 -22.80
C ARG B 422 10.82 -2.01 -21.76
N ILE B 423 11.40 -0.84 -22.09
CA ILE B 423 12.41 -0.23 -21.23
C ILE B 423 11.85 0.08 -19.84
N ALA B 424 10.56 0.44 -19.76
CA ALA B 424 9.98 0.76 -18.45
C ALA B 424 10.14 -0.39 -17.47
N LYS B 425 10.03 -1.63 -17.96
CA LYS B 425 10.23 -2.78 -17.06
C LYS B 425 11.67 -2.83 -16.59
N TYR B 426 12.63 -2.60 -17.51
CA TYR B 426 14.03 -2.63 -17.11
C TYR B 426 14.33 -1.49 -16.13
N ASN B 427 13.75 -0.33 -16.36
CA ASN B 427 13.98 0.79 -15.44
C ASN B 427 13.42 0.49 -14.07
N ARG B 428 12.27 -0.20 -14.02
CA ARG B 428 11.70 -0.59 -12.74
C ARG B 428 12.58 -1.61 -12.03
N LEU B 429 13.15 -2.55 -12.80
CA LEU B 429 14.08 -3.51 -12.22
C LEU B 429 15.32 -2.82 -11.66
N LEU B 430 15.85 -1.82 -12.38
CA LEU B 430 16.94 -1.03 -11.82
C LEU B 430 16.53 -0.37 -10.50
N GLN B 431 15.33 0.21 -10.47
CA GLN B 431 14.87 0.87 -9.25
C GLN B 431 14.72 -0.12 -8.10
N ILE B 432 14.25 -1.34 -8.40
CA ILE B 432 14.08 -2.35 -7.36
C ILE B 432 15.43 -2.76 -6.80
N GLU B 433 16.40 -2.97 -7.68
CA GLU B 433 17.75 -3.32 -7.24
C GLU B 433 18.33 -2.24 -6.35
N LEU B 434 18.19 -0.98 -6.76
CA LEU B 434 18.70 0.13 -5.94
C LEU B 434 18.01 0.18 -4.58
N GLU B 435 16.69 0.02 -4.57
CA GLU B 435 15.91 0.02 -3.33
C GLU B 435 16.38 -1.07 -2.37
N LEU B 436 16.59 -2.27 -2.89
CA LEU B 436 16.86 -3.41 -2.02
C LEU B 436 18.31 -3.45 -1.57
N GLY B 437 19.22 -2.87 -2.33
CA GLY B 437 20.63 -2.90 -1.95
C GLY B 437 21.10 -4.34 -1.79
N ASN B 438 21.70 -4.63 -0.63
CA ASN B 438 22.22 -5.97 -0.36
C ASN B 438 21.14 -7.04 -0.27
N ASN B 439 19.86 -6.65 -0.21
CA ASN B 439 18.77 -7.62 -0.20
C ASN B 439 18.35 -8.03 -1.60
N ALA B 440 19.05 -7.57 -2.64
CA ALA B 440 18.79 -8.00 -4.01
C ALA B 440 20.02 -8.72 -4.55
N LYS B 441 19.80 -9.84 -5.25
CA LYS B 441 20.89 -10.60 -5.86
C LYS B 441 20.53 -10.94 -7.30
N TYR B 442 21.43 -10.59 -8.22
CA TYR B 442 21.35 -11.05 -9.60
C TYR B 442 22.21 -12.31 -9.69
N LEU B 443 21.58 -13.44 -9.98
CA LEU B 443 22.29 -14.71 -9.87
C LEU B 443 23.10 -15.05 -11.11
N GLY B 444 22.84 -14.38 -12.23
CA GLY B 444 23.56 -14.70 -13.45
C GLY B 444 23.34 -16.16 -13.82
N TRP B 445 24.44 -16.86 -14.10
CA TRP B 445 24.34 -18.26 -14.51
C TRP B 445 23.72 -19.13 -13.42
N ASN B 446 23.85 -18.73 -12.16
CA ASN B 446 23.25 -19.48 -11.06
C ASN B 446 21.75 -19.28 -10.96
N THR B 447 21.16 -18.42 -11.79
CA THR B 447 19.72 -18.21 -11.75
C THR B 447 18.96 -19.48 -12.16
N PHE B 448 19.60 -20.39 -12.90
CA PHE B 448 18.95 -21.60 -13.37
C PHE B 448 18.96 -22.63 -12.25
N LYS B 449 17.78 -23.03 -11.79
CA LYS B 449 17.67 -24.18 -10.91
C LYS B 449 17.05 -25.38 -11.60
N ASN B 450 16.55 -25.20 -12.82
CA ASN B 450 15.85 -26.24 -13.56
C ASN B 450 16.77 -27.02 -14.48
N ILE B 451 17.99 -26.53 -14.70
CA ILE B 451 18.97 -27.14 -15.59
C ILE B 451 20.35 -27.02 -14.96
N LYS B 452 21.27 -27.84 -15.44
CA LYS B 452 22.67 -27.67 -15.12
C LYS B 452 23.39 -27.25 -16.39
N PRO B 453 23.67 -25.97 -16.58
CA PRO B 453 24.31 -25.53 -17.83
C PRO B 453 25.66 -26.21 -18.03
N GLN B 454 26.02 -26.43 -19.29
CA GLN B 454 27.33 -27.01 -19.59
C GLN B 454 28.42 -26.04 -19.13
N LYS B 455 29.43 -26.58 -18.45
CA LYS B 455 30.50 -25.73 -17.97
C LYS B 455 31.22 -25.06 -19.12
N ALA B 456 31.35 -25.75 -20.26
CA ALA B 456 31.95 -25.15 -21.45
C ALA B 456 31.22 -23.89 -21.86
N LEU B 457 29.90 -23.89 -21.73
CA LEU B 457 29.11 -22.72 -22.12
C LEU B 457 29.32 -21.56 -21.15
N GLU B 458 29.30 -21.83 -19.85
CA GLU B 458 29.28 -20.74 -18.87
C GLU B 458 30.66 -20.35 -18.37
N HIS B 459 31.71 -21.07 -18.73
CA HIS B 459 33.06 -20.71 -18.30
C HIS B 459 33.64 -19.56 -19.11
N ASP C 8 -3.06 -15.07 7.12
CA ASP C 8 -2.80 -16.43 7.60
C ASP C 8 -3.63 -16.77 8.82
N LEU C 9 -3.76 -15.79 9.73
CA LEU C 9 -4.59 -15.98 10.91
C LEU C 9 -6.04 -16.30 10.53
N PHE C 10 -6.51 -15.76 9.42
CA PHE C 10 -7.91 -15.88 9.02
C PHE C 10 -8.11 -16.73 7.77
N LYS C 11 -7.05 -17.32 7.24
CA LYS C 11 -7.19 -18.09 6.01
C LYS C 11 -8.04 -19.34 6.27
N ILE C 12 -9.06 -19.53 5.45
CA ILE C 12 -9.92 -20.70 5.61
C ILE C 12 -9.14 -21.94 5.20
N ALA C 13 -8.99 -22.89 6.13
CA ALA C 13 -8.25 -24.12 5.87
C ALA C 13 -9.15 -25.27 5.46
N ASP C 14 -10.35 -25.34 6.01
CA ASP C 14 -11.29 -26.40 5.71
C ASP C 14 -12.67 -25.90 6.08
N LEU C 15 -13.68 -26.41 5.37
CA LEU C 15 -15.04 -26.19 5.80
C LEU C 15 -15.89 -27.33 5.25
N PHE C 16 -16.87 -27.73 6.05
CA PHE C 16 -17.74 -28.82 5.66
C PHE C 16 -19.10 -28.62 6.29
N ALA C 17 -20.10 -29.25 5.70
CA ALA C 17 -21.45 -29.23 6.24
C ALA C 17 -21.90 -30.65 6.49
N TYR C 18 -22.92 -30.78 7.35
CA TYR C 18 -23.54 -32.07 7.61
C TYR C 18 -24.96 -31.82 8.09
N GLN C 19 -25.76 -32.88 8.07
CA GLN C 19 -27.18 -32.77 8.40
C GLN C 19 -27.37 -32.91 9.90
N VAL C 20 -28.10 -31.97 10.49
CA VAL C 20 -28.48 -32.05 11.89
C VAL C 20 -30.00 -31.91 11.96
N PHE C 21 -30.53 -31.70 13.15
CA PHE C 21 -31.98 -31.56 13.31
C PHE C 21 -32.33 -30.23 13.97
N ASP C 22 -33.48 -29.68 13.55
CA ASP C 22 -34.00 -28.48 14.16
C ASP C 22 -34.91 -28.86 15.34
N SER C 23 -35.53 -27.84 15.94
CA SER C 23 -36.35 -28.01 17.13
C SER C 23 -37.63 -28.78 16.90
N ARG C 24 -38.04 -28.98 15.65
CA ARG C 24 -39.21 -29.79 15.35
C ARG C 24 -38.84 -31.21 14.92
N GLY C 25 -37.56 -31.57 14.95
CA GLY C 25 -37.17 -32.89 14.50
C GLY C 25 -37.02 -33.03 13.01
N PHE C 26 -36.90 -31.90 12.27
CA PHE C 26 -36.67 -31.91 10.83
C PHE C 26 -35.19 -31.69 10.55
N PRO C 27 -34.68 -32.27 9.47
CA PRO C 27 -33.29 -32.02 9.10
C PRO C 27 -33.06 -30.54 8.80
N THR C 28 -31.84 -30.09 9.09
CA THR C 28 -31.35 -28.80 8.63
C THR C 28 -29.83 -28.88 8.49
N VAL C 29 -29.23 -27.78 8.08
CA VAL C 29 -27.83 -27.75 7.69
C VAL C 29 -27.01 -27.20 8.85
N ALA C 30 -25.91 -27.87 9.14
CA ALA C 30 -24.86 -27.35 10.01
C ALA C 30 -23.60 -27.18 9.18
N CYS C 31 -22.85 -26.13 9.46
CA CYS C 31 -21.59 -25.93 8.76
C CYS C 31 -20.50 -25.60 9.77
N VAL C 32 -19.30 -26.13 9.54
CA VAL C 32 -18.13 -25.90 10.38
C VAL C 32 -17.03 -25.32 9.50
N VAL C 33 -16.49 -24.17 9.89
CA VAL C 33 -15.35 -23.55 9.21
C VAL C 33 -14.14 -23.64 10.12
N LYS C 34 -13.00 -24.04 9.56
CA LYS C 34 -11.75 -24.12 10.30
C LYS C 34 -10.70 -23.25 9.62
N LEU C 35 -10.05 -22.39 10.40
CA LEU C 35 -9.06 -21.46 9.88
C LEU C 35 -7.67 -22.08 9.95
N ALA C 36 -6.71 -21.45 9.26
CA ALA C 36 -5.33 -21.93 9.33
C ALA C 36 -4.81 -21.90 10.76
N SER C 37 -5.30 -20.97 11.57
CA SER C 37 -4.91 -20.85 12.97
C SER C 37 -5.45 -21.97 13.85
N GLY C 38 -6.35 -22.80 13.33
CA GLY C 38 -7.01 -23.79 14.15
C GLY C 38 -8.32 -23.34 14.77
N HIS C 39 -8.61 -22.04 14.77
CA HIS C 39 -9.90 -21.57 15.25
C HIS C 39 -11.03 -22.08 14.34
N THR C 40 -12.20 -22.29 14.93
CA THR C 40 -13.36 -22.81 14.21
C THR C 40 -14.58 -21.96 14.48
N GLY C 41 -15.50 -21.97 13.53
CA GLY C 41 -16.85 -21.48 13.76
C GLY C 41 -17.83 -22.52 13.27
N GLU C 42 -18.98 -22.61 13.94
CA GLU C 42 -20.02 -23.54 13.53
C GLU C 42 -21.37 -22.84 13.58
N ALA C 43 -22.21 -23.14 12.59
CA ALA C 43 -23.51 -22.51 12.50
C ALA C 43 -24.55 -23.55 12.08
N MET C 44 -25.78 -23.33 12.51
CA MET C 44 -26.91 -24.12 12.05
C MET C 44 -27.99 -23.19 11.56
N VAL C 45 -28.76 -23.64 10.59
CA VAL C 45 -29.73 -22.75 9.96
C VAL C 45 -31.13 -23.17 10.38
N PRO C 46 -32.02 -22.20 10.58
CA PRO C 46 -33.40 -22.51 10.96
C PRO C 46 -34.29 -22.67 9.73
N SER C 47 -35.54 -23.05 9.99
CA SER C 47 -36.52 -23.25 8.94
C SER C 47 -37.90 -22.85 9.42
N GLY C 48 -38.65 -22.12 8.56
CA GLY C 48 -40.01 -21.73 8.88
C GLY C 48 -41.02 -22.82 8.55
N ALA C 49 -42.27 -22.57 8.96
CA ALA C 49 -43.34 -23.53 8.72
C ALA C 49 -44.14 -23.19 7.46
N GLY C 52 -43.48 -19.45 1.95
CA GLY C 52 -44.02 -18.44 1.08
C GLY C 52 -43.00 -17.94 0.06
N GLU C 53 -43.21 -18.30 -1.20
CA GLU C 53 -42.22 -18.02 -2.24
C GLU C 53 -42.05 -16.52 -2.48
N LYS C 54 -41.19 -15.93 -1.67
CA LYS C 54 -40.64 -14.59 -1.85
C LYS C 54 -39.29 -14.66 -1.15
N GLU C 55 -39.25 -15.54 -0.16
CA GLU C 55 -38.02 -15.86 0.54
C GLU C 55 -37.02 -16.52 -0.40
N ALA C 56 -35.74 -16.42 -0.04
CA ALA C 56 -34.74 -17.26 -0.66
C ALA C 56 -35.11 -18.73 -0.46
N ILE C 57 -34.68 -19.58 -1.39
CA ILE C 57 -35.15 -20.96 -1.44
C ILE C 57 -34.43 -21.79 -0.39
N GLU C 58 -35.20 -22.43 0.47
CA GLU C 58 -34.70 -23.49 1.34
C GLU C 58 -34.74 -24.78 0.53
N LEU C 59 -33.57 -25.33 0.25
CA LEU C 59 -33.46 -26.52 -0.61
C LEU C 59 -33.72 -27.78 0.21
N ARG C 60 -34.79 -28.50 -0.15
CA ARG C 60 -35.10 -29.81 0.43
C ARG C 60 -34.92 -30.88 -0.63
N ASP C 61 -34.65 -32.10 -0.17
CA ASP C 61 -34.40 -33.21 -1.10
C ASP C 61 -35.67 -33.69 -1.78
N GLY C 62 -36.80 -33.58 -1.10
CA GLY C 62 -38.06 -34.07 -1.66
C GLY C 62 -38.09 -35.56 -1.90
N ASP C 63 -37.28 -36.32 -1.18
CA ASP C 63 -37.31 -37.78 -1.21
C ASP C 63 -38.42 -38.25 -0.27
N PRO C 64 -39.53 -38.77 -0.80
CA PRO C 64 -40.63 -39.20 0.08
C PRO C 64 -40.27 -40.33 1.02
N LYS C 65 -39.22 -41.10 0.74
CA LYS C 65 -38.81 -42.18 1.62
C LYS C 65 -37.84 -41.73 2.70
N ALA C 66 -37.40 -40.47 2.68
CA ALA C 66 -36.40 -39.97 3.62
C ALA C 66 -36.91 -38.71 4.29
N TYR C 67 -37.07 -38.77 5.62
CA TYR C 67 -37.55 -37.64 6.40
C TYR C 67 -38.78 -37.00 5.76
N PHE C 68 -39.68 -37.84 5.25
CA PHE C 68 -40.93 -37.41 4.59
C PHE C 68 -40.68 -36.22 3.67
N GLY C 69 -39.63 -36.36 2.85
CA GLY C 69 -39.29 -35.36 1.84
C GLY C 69 -38.50 -34.17 2.32
N LYS C 70 -38.14 -34.11 3.61
CA LYS C 70 -37.51 -32.92 4.18
C LYS C 70 -36.00 -33.06 4.39
N GLY C 71 -35.37 -34.05 3.76
CA GLY C 71 -33.93 -34.15 3.86
C GLY C 71 -33.23 -32.94 3.27
N VAL C 72 -32.03 -32.66 3.79
CA VAL C 72 -31.21 -31.57 3.26
C VAL C 72 -29.87 -32.09 2.77
N SER C 73 -29.82 -33.34 2.31
CA SER C 73 -28.57 -33.91 1.83
C SER C 73 -28.05 -33.16 0.60
N GLN C 74 -28.93 -32.63 -0.25
CA GLN C 74 -28.47 -31.87 -1.41
C GLN C 74 -27.83 -30.54 -1.00
N ALA C 75 -28.45 -29.84 -0.04
CA ALA C 75 -27.86 -28.59 0.42
C ALA C 75 -26.50 -28.85 1.07
N VAL C 76 -26.41 -29.91 1.88
CA VAL C 76 -25.14 -30.27 2.51
C VAL C 76 -24.10 -30.59 1.43
N GLN C 77 -24.50 -31.36 0.42
CA GLN C 77 -23.55 -31.68 -0.64
C GLN C 77 -23.11 -30.43 -1.39
N ASN C 78 -24.02 -29.46 -1.56
CA ASN C 78 -23.64 -28.23 -2.25
C ASN C 78 -22.57 -27.47 -1.47
N VAL C 79 -22.68 -27.46 -0.13
CA VAL C 79 -21.60 -26.88 0.68
C VAL C 79 -20.29 -27.62 0.43
N ASN C 80 -20.32 -28.95 0.57
CA ASN C 80 -19.07 -29.71 0.59
C ASN C 80 -18.43 -29.79 -0.77
N GLN C 81 -19.22 -29.87 -1.84
CA GLN C 81 -18.68 -30.08 -3.18
C GLN C 81 -18.53 -28.79 -3.97
N THR C 82 -19.38 -27.79 -3.74
CA THR C 82 -19.39 -26.61 -4.59
C THR C 82 -18.84 -25.38 -3.88
N ILE C 83 -19.31 -25.10 -2.66
CA ILE C 83 -18.91 -23.89 -1.95
C ILE C 83 -17.53 -24.06 -1.36
N ALA C 84 -17.30 -25.16 -0.65
CA ALA C 84 -16.08 -25.32 0.15
C ALA C 84 -14.81 -25.18 -0.68
N PRO C 85 -14.68 -25.82 -1.85
CA PRO C 85 -13.41 -25.67 -2.61
C PRO C 85 -13.15 -24.25 -3.04
N LYS C 86 -14.21 -23.45 -3.23
CA LYS C 86 -14.07 -22.06 -3.66
C LYS C 86 -13.67 -21.14 -2.52
N LEU C 87 -13.90 -21.56 -1.27
CA LEU C 87 -13.62 -20.73 -0.10
C LEU C 87 -12.30 -21.08 0.58
N ILE C 88 -11.73 -22.25 0.32
CA ILE C 88 -10.42 -22.59 0.89
C ILE C 88 -9.39 -21.55 0.45
N GLY C 89 -8.64 -21.02 1.41
CA GLY C 89 -7.63 -20.02 1.13
C GLY C 89 -8.09 -18.59 1.22
N LEU C 90 -9.40 -18.34 1.37
CA LEU C 90 -9.89 -16.97 1.44
C LEU C 90 -9.80 -16.45 2.87
N ASN C 91 -9.86 -15.12 2.99
CA ASN C 91 -9.78 -14.41 4.27
C ASN C 91 -11.16 -14.44 4.93
N ALA C 92 -11.28 -15.17 6.04
CA ALA C 92 -12.59 -15.32 6.67
C ALA C 92 -13.17 -14.00 7.16
N THR C 93 -12.35 -12.96 7.36
CA THR C 93 -12.93 -11.68 7.77
C THR C 93 -13.56 -10.91 6.63
N ASP C 94 -13.39 -11.35 5.38
CA ASP C 94 -13.98 -10.65 4.25
C ASP C 94 -15.38 -11.20 4.00
N GLN C 95 -16.27 -10.89 4.95
CA GLN C 95 -17.63 -11.40 4.90
C GLN C 95 -18.32 -11.03 3.59
N ALA C 96 -18.13 -9.79 3.13
CA ALA C 96 -18.86 -9.31 1.95
C ALA C 96 -18.35 -9.98 0.68
N ALA C 97 -17.05 -10.23 0.57
CA ALA C 97 -16.56 -10.94 -0.62
C ALA C 97 -17.01 -12.39 -0.61
N ILE C 98 -16.95 -13.04 0.56
CA ILE C 98 -17.35 -14.44 0.63
C ILE C 98 -18.85 -14.58 0.36
N ASP C 99 -19.65 -13.66 0.88
CA ASP C 99 -21.08 -13.70 0.58
C ASP C 99 -21.35 -13.38 -0.89
N ALA C 100 -20.65 -12.39 -1.45
CA ALA C 100 -20.81 -12.11 -2.89
C ALA C 100 -20.44 -13.33 -3.72
N LEU C 101 -19.34 -14.00 -3.37
CA LEU C 101 -18.90 -15.16 -4.11
C LEU C 101 -19.92 -16.29 -4.05
N MET C 102 -20.54 -16.53 -2.89
CA MET C 102 -21.55 -17.58 -2.84
C MET C 102 -22.78 -17.20 -3.65
N ILE C 103 -23.14 -15.92 -3.63
CA ILE C 103 -24.31 -15.48 -4.40
C ILE C 103 -24.06 -15.70 -5.89
N GLN C 104 -22.84 -15.45 -6.36
CA GLN C 104 -22.50 -15.69 -7.76
C GLN C 104 -22.28 -17.16 -8.09
N LEU C 105 -21.79 -17.95 -7.12
CA LEU C 105 -21.70 -19.41 -7.32
C LEU C 105 -23.08 -20.02 -7.54
N ASP C 106 -24.09 -19.49 -6.86
CA ASP C 106 -25.45 -19.96 -7.05
C ASP C 106 -26.07 -19.41 -8.33
N GLY C 107 -25.82 -18.15 -8.65
CA GLY C 107 -26.21 -17.59 -9.93
C GLY C 107 -27.69 -17.31 -10.11
N THR C 108 -28.53 -17.61 -9.13
CA THR C 108 -29.96 -17.33 -9.24
C THR C 108 -30.35 -16.20 -8.29
N PRO C 109 -31.45 -15.50 -8.58
CA PRO C 109 -31.87 -14.42 -7.67
C PRO C 109 -32.32 -14.91 -6.29
N ASN C 110 -32.91 -16.10 -6.18
CA ASN C 110 -33.48 -16.57 -4.92
C ASN C 110 -32.73 -17.77 -4.35
N LYS C 111 -31.47 -17.96 -4.75
CA LYS C 111 -30.62 -19.02 -4.21
C LYS C 111 -31.21 -20.41 -4.42
N ALA C 112 -31.95 -20.58 -5.53
CA ALA C 112 -32.62 -21.83 -5.83
C ALA C 112 -31.66 -22.95 -6.21
N LYS C 113 -30.45 -22.63 -6.66
CA LYS C 113 -29.55 -23.69 -7.08
C LYS C 113 -28.84 -24.34 -5.90
N LEU C 114 -28.07 -23.55 -5.14
CA LEU C 114 -27.34 -24.11 -4.01
C LEU C 114 -28.19 -24.23 -2.76
N GLY C 115 -29.26 -23.43 -2.64
CA GLY C 115 -30.09 -23.41 -1.45
C GLY C 115 -29.67 -22.31 -0.50
N ALA C 116 -30.64 -21.53 -0.03
CA ALA C 116 -30.34 -20.53 0.98
C ALA C 116 -29.86 -21.16 2.29
N ASN C 117 -30.23 -22.41 2.54
CA ASN C 117 -29.78 -23.06 3.77
C ASN C 117 -28.33 -23.50 3.68
N ALA C 118 -27.86 -23.90 2.50
CA ALA C 118 -26.43 -24.12 2.30
C ALA C 118 -25.66 -22.82 2.47
N ILE C 119 -26.08 -21.78 1.77
CA ILE C 119 -25.30 -20.54 1.73
C ILE C 119 -25.27 -19.88 3.11
N LEU C 120 -26.43 -19.82 3.79
CA LEU C 120 -26.46 -19.16 5.09
C LEU C 120 -25.60 -19.88 6.11
N ALA C 121 -25.61 -21.22 6.07
CA ALA C 121 -24.80 -21.99 7.02
C ALA C 121 -23.33 -21.59 6.92
N VAL C 122 -22.82 -21.52 5.69
CA VAL C 122 -21.44 -21.11 5.46
C VAL C 122 -21.25 -19.67 5.91
N SER C 123 -22.16 -18.79 5.48
CA SER C 123 -22.04 -17.36 5.77
C SER C 123 -21.90 -17.12 7.27
N LEU C 124 -22.74 -17.76 8.06
CA LEU C 124 -22.67 -17.60 9.52
C LEU C 124 -21.43 -18.28 10.10
N ALA C 125 -21.10 -19.49 9.62
CA ALA C 125 -19.97 -20.18 10.21
C ALA C 125 -18.67 -19.45 9.92
N VAL C 126 -18.57 -18.81 8.76
CA VAL C 126 -17.38 -18.03 8.43
C VAL C 126 -17.24 -16.87 9.42
N ALA C 127 -18.34 -16.15 9.66
CA ALA C 127 -18.32 -15.04 10.60
C ALA C 127 -17.92 -15.49 12.00
N LYS C 128 -18.46 -16.63 12.46
CA LYS C 128 -18.12 -17.10 13.79
C LYS C 128 -16.68 -17.58 13.86
N ALA C 129 -16.17 -18.18 12.78
CA ALA C 129 -14.76 -18.56 12.76
C ALA C 129 -13.87 -17.31 12.86
N ALA C 130 -14.23 -16.26 12.12
CA ALA C 130 -13.42 -15.05 12.16
C ALA C 130 -13.49 -14.39 13.53
N ALA C 131 -14.67 -14.41 14.15
CA ALA C 131 -14.83 -13.91 15.52
C ALA C 131 -13.95 -14.68 16.50
N SER C 132 -13.88 -16.01 16.36
CA SER C 132 -13.04 -16.78 17.27
C SER C 132 -11.57 -16.43 17.08
N ALA C 133 -11.12 -16.30 15.84
CA ALA C 133 -9.71 -16.01 15.59
C ALA C 133 -9.33 -14.63 16.10
N GLN C 134 -10.25 -13.67 16.10
CA GLN C 134 -9.99 -12.37 16.69
C GLN C 134 -10.10 -12.35 18.21
N LYS C 135 -10.46 -13.47 18.83
CA LYS C 135 -10.68 -13.54 20.28
C LYS C 135 -11.66 -12.47 20.73
N THR C 136 -12.76 -12.37 19.99
CA THR C 136 -13.78 -11.36 20.23
C THR C 136 -15.14 -12.04 20.28
N SER C 137 -16.04 -11.49 21.09
CA SER C 137 -17.40 -12.00 21.10
C SER C 137 -18.05 -11.73 19.74
N LEU C 138 -19.00 -12.60 19.37
CA LEU C 138 -19.57 -12.53 18.04
C LEU C 138 -20.24 -11.17 17.78
N PHE C 139 -20.98 -10.64 18.77
CA PHE C 139 -21.66 -9.37 18.54
C PHE C 139 -20.66 -8.24 18.32
N LYS C 140 -19.55 -8.25 19.06
CA LYS C 140 -18.52 -7.24 18.84
C LYS C 140 -17.87 -7.40 17.48
N TYR C 141 -17.62 -8.65 17.08
CA TYR C 141 -17.10 -8.90 15.74
C TYR C 141 -18.06 -8.39 14.68
N LEU C 142 -19.34 -8.74 14.80
CA LEU C 142 -20.33 -8.28 13.83
C LEU C 142 -20.42 -6.76 13.79
N ALA C 143 -20.46 -6.13 14.96
CA ALA C 143 -20.64 -4.68 15.00
C ALA C 143 -19.43 -3.96 14.46
N ASN C 144 -18.23 -4.33 14.93
CA ASN C 144 -17.05 -3.53 14.71
C ASN C 144 -16.18 -3.99 13.56
N GLN C 145 -16.30 -5.24 13.12
CA GLN C 145 -15.57 -5.74 11.97
C GLN C 145 -16.45 -5.80 10.71
N VAL C 146 -17.56 -6.54 10.76
CA VAL C 146 -18.38 -6.69 9.57
C VAL C 146 -19.13 -5.40 9.26
N MET C 147 -19.85 -4.87 10.25
CA MET C 147 -20.50 -3.60 10.07
C MET C 147 -19.49 -2.48 10.26
N GLY C 148 -19.91 -1.23 10.07
CA GLY C 148 -19.00 -0.13 10.25
C GLY C 148 -18.61 0.01 11.70
N LEU C 149 -19.16 1.02 12.38
CA LEU C 149 -19.41 0.97 13.81
C LEU C 149 -18.15 0.82 14.67
N ASN C 150 -17.86 1.81 15.50
CA ASN C 150 -16.77 1.71 16.46
C ASN C 150 -17.39 1.59 17.84
N LYS C 151 -18.30 0.64 18.01
CA LYS C 151 -19.14 0.59 19.19
C LYS C 151 -18.42 -0.02 20.37
N THR C 152 -18.55 0.61 21.54
CA THR C 152 -18.24 -0.02 22.81
C THR C 152 -19.45 -0.15 23.71
N GLU C 153 -20.51 0.63 23.48
CA GLU C 153 -21.76 0.52 24.21
C GLU C 153 -22.81 -0.11 23.29
N PHE C 154 -23.57 -1.05 23.83
CA PHE C 154 -24.51 -1.82 23.03
C PHE C 154 -25.88 -1.79 23.67
N ILE C 155 -26.91 -1.81 22.82
CA ILE C 155 -28.29 -1.83 23.27
C ILE C 155 -28.74 -3.28 23.32
N LEU C 156 -29.24 -3.71 24.48
CA LEU C 156 -29.83 -5.03 24.61
C LEU C 156 -31.22 -5.03 24.00
N THR C 157 -31.71 -6.22 23.72
CA THR C 157 -32.95 -6.40 22.97
C THR C 157 -34.11 -6.57 23.92
N VAL C 158 -35.14 -5.74 23.75
CA VAL C 158 -36.46 -6.00 24.35
C VAL C 158 -37.06 -7.20 23.64
N PRO C 159 -37.38 -8.28 24.34
CA PRO C 159 -37.96 -9.45 23.67
C PRO C 159 -39.46 -9.35 23.53
N MET C 160 -39.98 -9.85 22.41
CA MET C 160 -41.40 -10.12 22.29
C MET C 160 -41.57 -11.64 22.26
N LEU C 161 -42.29 -12.17 23.23
CA LEU C 161 -42.32 -13.62 23.50
C LEU C 161 -43.71 -14.17 23.17
N ASN C 162 -43.75 -15.16 22.28
CA ASN C 162 -44.98 -15.76 21.77
C ASN C 162 -45.53 -16.75 22.78
N VAL C 163 -46.48 -16.31 23.62
CA VAL C 163 -46.99 -17.17 24.69
C VAL C 163 -48.32 -17.87 24.37
N ILE C 164 -49.10 -17.36 23.41
CA ILE C 164 -50.32 -18.03 22.96
C ILE C 164 -50.32 -18.02 21.43
N ASN C 165 -50.62 -19.16 20.83
CA ASN C 165 -50.57 -19.35 19.39
C ASN C 165 -51.96 -19.57 18.81
N GLY C 166 -52.10 -19.24 17.53
CA GLY C 166 -53.25 -19.56 16.71
C GLY C 166 -52.81 -19.74 15.29
N GLY C 167 -53.72 -19.57 14.34
CA GLY C 167 -53.28 -19.51 12.96
C GLY C 167 -53.01 -20.88 12.36
N ALA C 168 -52.21 -20.88 11.29
CA ALA C 168 -52.14 -22.02 10.38
C ALA C 168 -51.76 -23.32 11.08
N HIS C 169 -50.85 -23.25 12.05
CA HIS C 169 -50.29 -24.47 12.62
C HIS C 169 -50.69 -24.74 14.07
N ALA C 170 -51.52 -23.90 14.67
CA ALA C 170 -52.03 -24.19 16.00
C ALA C 170 -53.27 -25.08 15.92
N ASP C 171 -53.42 -25.94 16.93
CA ASP C 171 -54.56 -26.83 17.04
C ASP C 171 -55.71 -26.20 17.82
N ASN C 172 -56.05 -24.97 17.46
CA ASN C 172 -57.21 -24.30 18.04
C ASN C 172 -57.97 -23.60 16.93
N ASN C 173 -58.90 -22.73 17.32
CA ASN C 173 -59.82 -22.07 16.40
C ASN C 173 -59.55 -20.58 16.27
N ILE C 174 -58.36 -20.14 16.64
CA ILE C 174 -57.97 -18.74 16.61
C ILE C 174 -57.29 -18.44 15.28
N ASP C 175 -57.69 -17.36 14.63
CA ASP C 175 -57.12 -17.07 13.32
C ASP C 175 -55.80 -16.30 13.40
N PHE C 176 -55.66 -15.38 14.35
CA PHE C 176 -54.38 -14.72 14.56
C PHE C 176 -53.29 -15.72 14.93
N GLN C 177 -52.04 -15.44 14.58
CA GLN C 177 -51.02 -16.47 14.70
C GLN C 177 -50.23 -16.43 16.01
N GLU C 178 -49.80 -15.25 16.46
CA GLU C 178 -48.93 -15.14 17.63
C GLU C 178 -49.41 -14.03 18.56
N PHE C 179 -49.54 -14.35 19.84
CA PHE C 179 -49.88 -13.38 20.88
C PHE C 179 -48.68 -13.30 21.80
N MET C 180 -48.07 -12.12 21.87
CA MET C 180 -46.77 -11.99 22.53
C MET C 180 -46.81 -10.98 23.66
N ILE C 181 -45.97 -11.21 24.66
CA ILE C 181 -45.76 -10.24 25.72
C ILE C 181 -44.40 -9.60 25.51
N MET C 182 -44.27 -8.35 25.97
CA MET C 182 -43.12 -7.52 25.67
C MET C 182 -42.77 -6.72 26.92
N PRO C 183 -41.75 -7.15 27.67
CA PRO C 183 -41.47 -6.51 28.98
C PRO C 183 -40.71 -5.20 28.84
N LEU C 184 -41.41 -4.18 28.36
CA LEU C 184 -40.79 -2.89 28.12
C LEU C 184 -40.52 -2.12 29.39
N GLY C 185 -41.19 -2.45 30.50
CA GLY C 185 -40.96 -1.74 31.74
C GLY C 185 -39.70 -2.12 32.48
N ALA C 186 -39.02 -3.17 32.05
CA ALA C 186 -37.78 -3.56 32.70
C ALA C 186 -36.65 -2.58 32.34
N ASN C 187 -35.60 -2.60 33.16
CA ASN C 187 -34.43 -1.77 32.91
C ASN C 187 -33.15 -2.59 32.74
N SER C 188 -33.30 -3.89 32.51
CA SER C 188 -32.16 -4.78 32.32
C SER C 188 -32.67 -6.04 31.63
N MET C 189 -31.75 -6.75 30.97
CA MET C 189 -32.15 -8.01 30.34
C MET C 189 -32.57 -9.02 31.39
N HIS C 190 -31.84 -9.07 32.52
CA HIS C 190 -32.20 -10.06 33.53
C HIS C 190 -33.55 -9.74 34.15
N GLN C 191 -33.87 -8.46 34.33
CA GLN C 191 -35.20 -8.13 34.84
C GLN C 191 -36.28 -8.34 33.78
N ALA C 192 -35.95 -8.09 32.51
CA ALA C 192 -36.93 -8.37 31.46
C ALA C 192 -37.29 -9.84 31.43
N LEU C 193 -36.30 -10.72 31.63
CA LEU C 193 -36.58 -12.15 31.59
C LEU C 193 -37.18 -12.65 32.91
N LYS C 194 -36.91 -11.96 34.01
CA LYS C 194 -37.68 -12.19 35.22
C LYS C 194 -39.16 -11.92 34.98
N MET C 195 -39.45 -10.76 34.39
CA MET C 195 -40.85 -10.44 34.08
C MET C 195 -41.46 -11.48 33.15
N ALA C 196 -40.71 -11.91 32.13
CA ALA C 196 -41.25 -12.86 31.17
C ALA C 196 -41.41 -14.24 31.79
N SER C 197 -40.42 -14.67 32.58
CA SER C 197 -40.51 -15.98 33.23
C SER C 197 -41.73 -16.07 34.14
N GLU C 198 -41.90 -15.08 35.01
CA GLU C 198 -42.99 -15.14 35.98
C GLU C 198 -44.34 -15.02 35.32
N THR C 199 -44.45 -14.18 34.28
CA THR C 199 -45.69 -14.06 33.53
C THR C 199 -46.03 -15.37 32.82
N PHE C 200 -45.02 -16.02 32.22
CA PHE C 200 -45.23 -17.30 31.57
C PHE C 200 -45.73 -18.35 32.55
N HIS C 201 -45.12 -18.41 33.75
CA HIS C 201 -45.55 -19.37 34.75
C HIS C 201 -46.94 -19.04 35.28
N ALA C 202 -47.25 -17.76 35.45
CA ALA C 202 -48.60 -17.41 35.89
C ALA C 202 -49.63 -17.76 34.82
N LEU C 203 -49.30 -17.54 33.55
CA LEU C 203 -50.21 -17.91 32.47
C LEU C 203 -50.47 -19.41 32.48
N GLN C 204 -49.41 -20.21 32.69
CA GLN C 204 -49.55 -21.66 32.71
C GLN C 204 -50.49 -22.11 33.83
N LYS C 205 -50.31 -21.53 35.02
CA LYS C 205 -51.15 -21.84 36.16
C LYS C 205 -52.60 -21.46 35.86
N LEU C 206 -52.78 -20.32 35.21
CA LEU C 206 -54.11 -19.84 34.85
C LEU C 206 -54.74 -20.75 33.80
N LEU C 207 -53.96 -21.22 32.82
CA LEU C 207 -54.50 -22.16 31.85
C LEU C 207 -54.97 -23.43 32.54
N LYS C 208 -54.15 -23.98 33.45
CA LYS C 208 -54.55 -25.20 34.14
C LYS C 208 -55.80 -24.98 34.99
N GLN C 209 -55.89 -23.84 35.67
CA GLN C 209 -57.08 -23.57 36.48
C GLN C 209 -58.32 -23.54 35.59
N ARG C 210 -58.16 -23.17 34.32
CA ARG C 210 -59.28 -23.09 33.41
C ARG C 210 -59.49 -24.36 32.61
N GLY C 211 -58.76 -25.43 32.94
CA GLY C 211 -58.92 -26.68 32.24
C GLY C 211 -58.40 -26.70 30.83
N LEU C 212 -57.46 -25.81 30.50
CA LEU C 212 -56.88 -25.71 29.17
C LEU C 212 -55.52 -26.39 29.11
N ASN C 213 -55.15 -26.81 27.90
CA ASN C 213 -53.92 -27.58 27.73
C ASN C 213 -52.70 -26.68 27.90
N THR C 214 -51.69 -27.19 28.62
CA THR C 214 -50.47 -26.43 28.88
C THR C 214 -49.24 -27.01 28.20
N ASN C 215 -49.40 -27.98 27.32
CA ASN C 215 -48.23 -28.39 26.57
C ASN C 215 -47.92 -27.36 25.48
N LYS C 216 -46.73 -27.46 24.90
CA LYS C 216 -46.14 -26.34 24.19
C LYS C 216 -46.28 -26.51 22.69
N GLY C 217 -46.56 -25.39 22.00
CA GLY C 217 -46.46 -25.33 20.57
C GLY C 217 -45.02 -25.19 20.15
N ASP C 218 -44.83 -25.00 18.84
CA ASP C 218 -43.49 -25.08 18.24
C ASP C 218 -42.53 -24.06 18.85
N GLU C 219 -43.03 -22.89 19.26
CA GLU C 219 -42.19 -21.80 19.75
C GLU C 219 -42.18 -21.68 21.27
N GLY C 220 -42.68 -22.68 21.99
CA GLY C 220 -42.61 -22.70 23.44
C GLY C 220 -43.80 -22.12 24.15
N GLY C 221 -44.73 -21.51 23.41
CA GLY C 221 -45.95 -20.97 23.99
C GLY C 221 -47.04 -22.03 24.07
N PHE C 222 -48.23 -21.57 24.43
CA PHE C 222 -49.38 -22.45 24.58
C PHE C 222 -50.29 -22.33 23.37
N ALA C 223 -50.98 -23.43 23.08
CA ALA C 223 -52.01 -23.45 22.04
C ALA C 223 -53.27 -24.04 22.65
N PRO C 224 -53.93 -23.30 23.55
CA PRO C 224 -55.12 -23.82 24.22
C PRO C 224 -56.34 -23.65 23.35
N ASN C 225 -57.37 -24.44 23.65
CA ASN C 225 -58.60 -24.44 22.85
C ASN C 225 -59.45 -23.23 23.26
N LEU C 226 -59.11 -22.08 22.68
CA LEU C 226 -59.82 -20.83 22.92
C LEU C 226 -60.73 -20.50 21.73
N LYS C 227 -61.76 -19.71 22.01
CA LYS C 227 -62.72 -19.34 20.97
C LYS C 227 -62.36 -18.04 20.25
N LEU C 228 -61.77 -17.07 20.94
CA LEU C 228 -61.61 -15.72 20.40
C LEU C 228 -60.24 -15.17 20.72
N ALA C 229 -59.77 -14.29 19.85
CA ALA C 229 -58.51 -13.60 20.11
C ALA C 229 -58.58 -12.79 21.39
N GLU C 230 -59.74 -12.19 21.67
CA GLU C 230 -59.86 -11.39 22.88
C GLU C 230 -59.71 -12.26 24.13
N GLU C 231 -60.12 -13.53 24.04
CA GLU C 231 -59.93 -14.48 25.12
C GLU C 231 -58.45 -14.73 25.39
N ALA C 232 -57.67 -14.92 24.33
CA ALA C 232 -56.22 -15.03 24.49
C ALA C 232 -55.65 -13.75 25.10
N LEU C 233 -56.10 -12.60 24.62
CA LEU C 233 -55.59 -11.33 25.15
C LEU C 233 -55.99 -11.14 26.61
N ASP C 234 -57.22 -11.53 26.96
CA ASP C 234 -57.70 -11.46 28.35
C ASP C 234 -56.82 -12.29 29.28
N LEU C 235 -56.46 -13.49 28.84
CA LEU C 235 -55.62 -14.35 29.66
C LEU C 235 -54.23 -13.74 29.86
N MET C 236 -53.69 -13.12 28.82
CA MET C 236 -52.37 -12.53 28.94
C MET C 236 -52.39 -11.35 29.90
N VAL C 237 -53.41 -10.49 29.80
CA VAL C 237 -53.53 -9.39 30.74
C VAL C 237 -53.63 -9.92 32.16
N GLU C 238 -54.45 -10.96 32.38
CA GLU C 238 -54.56 -11.53 33.71
C GLU C 238 -53.24 -12.10 34.20
N ALA C 239 -52.52 -12.82 33.32
CA ALA C 239 -51.25 -13.41 33.70
C ALA C 239 -50.25 -12.35 34.11
N ILE C 240 -50.18 -11.26 33.34
CA ILE C 240 -49.32 -10.13 33.69
C ILE C 240 -49.64 -9.65 35.10
N LYS C 241 -50.91 -9.39 35.38
CA LYS C 241 -51.28 -8.92 36.72
C LYS C 241 -51.02 -9.97 37.78
N ALA C 242 -51.31 -11.24 37.47
CA ALA C 242 -51.12 -12.29 38.48
C ALA C 242 -49.65 -12.43 38.83
N ALA C 243 -48.76 -12.22 37.86
CA ALA C 243 -47.33 -12.23 38.13
C ALA C 243 -46.89 -11.00 38.90
N GLY C 244 -47.79 -10.03 39.11
CA GLY C 244 -47.49 -8.85 39.89
C GLY C 244 -47.04 -7.64 39.10
N TYR C 245 -47.33 -7.60 37.80
CA TYR C 245 -46.88 -6.51 36.95
C TYR C 245 -48.07 -5.74 36.39
N GLN C 246 -47.79 -4.56 35.84
CA GLN C 246 -48.85 -3.73 35.29
C GLN C 246 -48.91 -3.95 33.78
N PRO C 247 -50.06 -4.37 33.24
CA PRO C 247 -50.19 -4.44 31.79
C PRO C 247 -49.98 -3.06 31.16
N GLY C 248 -49.29 -3.06 30.03
CA GLY C 248 -48.91 -1.82 29.37
C GLY C 248 -47.59 -1.29 29.90
N SER C 249 -47.64 -0.65 31.07
CA SER C 249 -46.47 0.00 31.66
C SER C 249 -45.30 -0.98 31.82
N ASP C 250 -45.54 -2.11 32.48
CA ASP C 250 -44.48 -3.11 32.67
C ASP C 250 -44.38 -4.08 31.48
N ILE C 251 -45.48 -4.70 31.10
CA ILE C 251 -45.49 -5.70 30.04
C ILE C 251 -46.60 -5.34 29.06
N ALA C 252 -46.21 -5.03 27.82
CA ALA C 252 -47.15 -4.75 26.76
C ALA C 252 -47.33 -6.02 25.93
N ILE C 253 -48.17 -5.93 24.91
CA ILE C 253 -48.52 -7.06 24.07
C ILE C 253 -48.14 -6.74 22.63
N ALA C 254 -47.60 -7.73 21.93
CA ALA C 254 -47.35 -7.62 20.51
C ALA C 254 -48.14 -8.71 19.79
N LEU C 255 -48.62 -8.41 18.59
CA LEU C 255 -49.37 -9.38 17.81
C LEU C 255 -48.63 -9.71 16.53
N ASP C 256 -48.63 -10.99 16.16
CA ASP C 256 -48.34 -11.41 14.79
C ASP C 256 -49.66 -11.91 14.23
N VAL C 257 -50.34 -11.06 13.46
CA VAL C 257 -51.66 -11.41 12.95
C VAL C 257 -51.54 -12.47 11.85
N ALA C 258 -50.48 -12.40 11.04
CA ALA C 258 -50.30 -13.29 9.89
C ALA C 258 -51.52 -13.24 8.99
N ALA C 259 -51.92 -12.01 8.64
CA ALA C 259 -53.17 -11.82 7.92
C ALA C 259 -53.14 -12.43 6.53
N SER C 260 -51.95 -12.57 5.92
CA SER C 260 -51.88 -13.19 4.61
C SER C 260 -52.46 -14.60 4.62
N GLU C 261 -52.42 -15.26 5.77
CA GLU C 261 -52.91 -16.64 5.88
C GLU C 261 -54.43 -16.74 5.73
N PHE C 262 -55.18 -15.68 6.05
CA PHE C 262 -56.63 -15.76 5.90
C PHE C 262 -57.20 -14.64 5.04
N TYR C 263 -56.37 -14.03 4.18
CA TYR C 263 -56.85 -13.04 3.22
C TYR C 263 -57.28 -13.77 1.95
N ASP C 264 -58.52 -13.54 1.52
CA ASP C 264 -59.03 -14.06 0.27
C ASP C 264 -58.72 -13.02 -0.81
N ASP C 265 -57.75 -13.31 -1.66
CA ASP C 265 -57.33 -12.30 -2.62
C ASP C 265 -58.30 -12.18 -3.80
N THR C 266 -59.25 -13.10 -3.95
CA THR C 266 -60.23 -12.97 -5.03
C THR C 266 -61.40 -12.09 -4.61
N THR C 267 -61.88 -12.25 -3.38
CA THR C 267 -62.95 -11.40 -2.87
C THR C 267 -62.45 -10.17 -2.13
N LYS C 268 -61.14 -10.05 -1.94
CA LYS C 268 -60.53 -8.89 -1.28
C LYS C 268 -61.11 -8.70 0.13
N ARG C 269 -61.23 -9.80 0.87
CA ARG C 269 -61.73 -9.79 2.23
C ARG C 269 -60.78 -10.57 3.13
N TYR C 270 -60.72 -10.15 4.39
CA TYR C 270 -60.04 -10.91 5.44
C TYR C 270 -61.08 -11.81 6.09
N VAL C 271 -61.01 -13.11 5.78
CA VAL C 271 -62.03 -14.07 6.17
C VAL C 271 -61.45 -14.96 7.27
N PHE C 272 -62.04 -14.91 8.46
CA PHE C 272 -61.51 -15.61 9.64
C PHE C 272 -61.93 -17.07 9.57
N LYS C 273 -61.22 -17.82 8.72
CA LYS C 273 -61.67 -19.15 8.33
C LYS C 273 -61.77 -20.12 9.51
N LYS C 274 -60.82 -20.05 10.45
CA LYS C 274 -60.84 -21.02 11.55
C LYS C 274 -62.03 -20.79 12.47
N GLY C 275 -62.29 -19.54 12.85
CA GLY C 275 -63.46 -19.26 13.66
C GLY C 275 -64.77 -19.50 12.93
N ILE C 276 -64.79 -19.30 11.61
CA ILE C 276 -66.00 -19.56 10.84
C ILE C 276 -66.25 -21.07 10.76
N LYS C 277 -65.20 -21.84 10.47
CA LYS C 277 -65.34 -23.27 10.32
C LYS C 277 -65.77 -23.91 11.64
N ALA C 278 -65.26 -23.42 12.77
CA ALA C 278 -65.64 -23.94 14.07
C ALA C 278 -67.02 -23.45 14.53
N LYS C 279 -67.75 -22.72 13.69
CA LYS C 279 -69.06 -22.17 14.02
C LYS C 279 -68.99 -21.15 15.15
N ILE C 280 -67.81 -20.58 15.40
CA ILE C 280 -67.70 -19.53 16.40
C ILE C 280 -68.07 -18.18 15.81
N LEU C 281 -67.70 -17.95 14.56
CA LEU C 281 -67.85 -16.66 13.88
C LEU C 281 -68.83 -16.79 12.73
N ASP C 282 -69.72 -15.81 12.61
CA ASP C 282 -70.62 -15.78 11.47
C ASP C 282 -69.82 -15.44 10.22
N GLU C 283 -70.02 -16.23 9.15
CA GLU C 283 -69.19 -16.12 7.95
C GLU C 283 -69.29 -14.74 7.31
N LYS C 284 -70.45 -14.08 7.42
CA LYS C 284 -70.59 -12.78 6.80
C LYS C 284 -70.04 -11.68 7.69
N GLU C 285 -70.28 -11.76 9.00
CA GLU C 285 -69.74 -10.77 9.93
C GLU C 285 -68.22 -10.73 9.93
N TRP C 286 -67.57 -11.88 9.69
CA TRP C 286 -66.12 -11.96 9.77
C TRP C 286 -65.49 -12.23 8.41
N SER C 287 -66.07 -11.64 7.38
CA SER C 287 -65.44 -11.44 6.08
C SER C 287 -65.25 -9.93 5.96
N LEU C 288 -64.09 -9.45 6.37
CA LEU C 288 -63.84 -8.02 6.53
C LEU C 288 -63.19 -7.41 5.31
N THR C 289 -63.66 -6.23 4.90
CA THR C 289 -62.88 -5.43 3.97
C THR C 289 -61.59 -4.96 4.66
N THR C 290 -60.66 -4.46 3.85
CA THR C 290 -59.44 -3.86 4.39
C THR C 290 -59.76 -2.84 5.48
N ALA C 291 -60.71 -1.95 5.19
CA ALA C 291 -61.05 -0.90 6.15
C ALA C 291 -61.58 -1.49 7.44
N GLN C 292 -62.37 -2.55 7.33
CA GLN C 292 -62.91 -3.21 8.52
C GLN C 292 -61.82 -3.90 9.32
N MET C 293 -60.89 -4.57 8.63
CA MET C 293 -59.76 -5.20 9.32
C MET C 293 -58.92 -4.16 10.05
N ILE C 294 -58.64 -3.03 9.40
CA ILE C 294 -57.93 -1.95 10.07
C ILE C 294 -58.71 -1.45 11.27
N ALA C 295 -60.02 -1.28 11.11
CA ALA C 295 -60.84 -0.83 12.23
C ALA C 295 -60.80 -1.81 13.38
N TYR C 296 -60.79 -3.12 13.08
CA TYR C 296 -60.78 -4.13 14.14
C TYR C 296 -59.47 -4.08 14.90
N LEU C 297 -58.35 -4.02 14.18
CA LEU C 297 -57.05 -3.88 14.83
C LEU C 297 -57.01 -2.63 15.71
N LYS C 298 -57.47 -1.51 15.17
CA LYS C 298 -57.51 -0.27 15.95
C LYS C 298 -58.28 -0.48 17.24
N LYS C 299 -59.45 -1.14 17.16
CA LYS C 299 -60.23 -1.40 18.36
C LYS C 299 -59.45 -2.27 19.34
N LEU C 300 -58.74 -3.29 18.85
CA LEU C 300 -57.95 -4.13 19.74
C LEU C 300 -56.88 -3.33 20.46
N THR C 301 -56.28 -2.35 19.78
CA THR C 301 -55.23 -1.56 20.41
C THR C 301 -55.78 -0.57 21.43
N GLU C 302 -57.09 -0.33 21.40
CA GLU C 302 -57.76 0.45 22.42
C GLU C 302 -58.24 -0.41 23.59
N GLN C 303 -58.54 -1.68 23.35
CA GLN C 303 -59.02 -2.58 24.40
C GLN C 303 -57.90 -3.24 25.17
N TYR C 304 -56.71 -3.33 24.58
CA TYR C 304 -55.59 -4.08 25.12
C TYR C 304 -54.31 -3.30 24.91
N PRO C 305 -53.30 -3.50 25.76
CA PRO C 305 -52.04 -2.73 25.67
C PRO C 305 -51.13 -3.24 24.56
N ILE C 306 -51.63 -3.17 23.32
CA ILE C 306 -50.91 -3.65 22.15
C ILE C 306 -50.00 -2.55 21.62
N ILE C 307 -48.71 -2.83 21.53
CA ILE C 307 -47.72 -1.86 21.08
C ILE C 307 -47.16 -2.21 19.70
N SER C 308 -47.35 -3.43 19.22
CA SER C 308 -46.76 -3.82 17.95
C SER C 308 -47.69 -4.80 17.25
N ILE C 309 -47.86 -4.61 15.94
CA ILE C 309 -48.70 -5.46 15.10
C ILE C 309 -47.86 -5.86 13.87
N GLU C 310 -47.61 -7.15 13.73
CA GLU C 310 -46.88 -7.70 12.61
C GLU C 310 -47.85 -8.35 11.63
N ASP C 311 -47.69 -8.03 10.34
CA ASP C 311 -48.51 -8.57 9.26
C ASP C 311 -50.01 -8.49 9.61
N GLY C 312 -50.41 -7.32 10.10
CA GLY C 312 -51.83 -7.11 10.38
C GLY C 312 -52.70 -7.12 9.15
N LEU C 313 -52.10 -6.93 7.99
CA LEU C 313 -52.77 -7.00 6.70
C LEU C 313 -51.92 -7.83 5.75
N SER C 314 -52.53 -8.24 4.64
CA SER C 314 -51.91 -9.18 3.72
C SER C 314 -50.76 -8.54 2.96
N GLU C 315 -49.77 -9.38 2.63
CA GLU C 315 -48.72 -9.00 1.69
C GLU C 315 -49.27 -8.59 0.33
N HIS C 316 -50.46 -9.05 -0.03
CA HIS C 316 -51.11 -8.67 -1.29
C HIS C 316 -51.95 -7.40 -1.14
N ASP C 317 -51.81 -6.68 -0.03
CA ASP C 317 -52.66 -5.54 0.30
C ASP C 317 -51.77 -4.37 0.72
N TRP C 318 -50.86 -3.98 -0.18
CA TRP C 318 -49.91 -2.91 0.12
C TRP C 318 -50.64 -1.60 0.40
N GLU C 319 -51.72 -1.33 -0.33
CA GLU C 319 -52.52 -0.15 -0.06
C GLU C 319 -53.12 -0.18 1.34
N GLY C 320 -53.46 -1.38 1.82
CA GLY C 320 -53.99 -1.49 3.17
C GLY C 320 -52.93 -1.30 4.24
N MET C 321 -51.72 -1.82 3.99
CA MET C 321 -50.64 -1.68 4.96
C MET C 321 -50.23 -0.21 5.10
N GLU C 322 -50.17 0.53 3.99
CA GLU C 322 -49.92 1.96 4.07
C GLU C 322 -50.97 2.66 4.91
N THR C 323 -52.24 2.33 4.68
CA THR C 323 -53.32 2.91 5.48
C THR C 323 -53.20 2.51 6.95
N LEU C 324 -52.87 1.25 7.23
CA LEU C 324 -52.67 0.83 8.62
C LEU C 324 -51.57 1.65 9.27
N THR C 325 -50.45 1.81 8.57
CA THR C 325 -49.31 2.53 9.13
C THR C 325 -49.63 4.02 9.31
N LYS C 326 -50.47 4.58 8.44
CA LYS C 326 -50.86 5.97 8.61
C LYS C 326 -51.86 6.12 9.76
N THR C 327 -52.78 5.15 9.90
CA THR C 327 -53.85 5.26 10.89
C THR C 327 -53.32 5.01 12.30
N LEU C 328 -52.43 4.04 12.46
CA LEU C 328 -51.97 3.60 13.77
C LEU C 328 -50.49 3.77 14.00
N GLY C 329 -49.69 3.94 12.94
CA GLY C 329 -48.25 3.81 13.03
C GLY C 329 -47.55 4.92 13.80
N GLN C 330 -48.26 5.99 14.10
CA GLN C 330 -47.66 7.08 14.88
C GLN C 330 -47.28 6.60 16.27
N HIS C 331 -48.10 5.73 16.88
CA HIS C 331 -47.87 5.27 18.25
C HIS C 331 -47.79 3.76 18.39
N ILE C 332 -48.08 3.01 17.33
CA ILE C 332 -48.05 1.55 17.36
C ILE C 332 -47.04 1.09 16.32
N GLN C 333 -46.23 0.10 16.68
CA GLN C 333 -45.27 -0.44 15.74
C GLN C 333 -45.99 -1.34 14.74
N ILE C 334 -45.77 -1.08 13.45
CA ILE C 334 -46.34 -1.87 12.37
C ILE C 334 -45.19 -2.60 11.71
N VAL C 335 -45.17 -3.94 11.82
CA VAL C 335 -44.03 -4.74 11.42
C VAL C 335 -44.35 -5.43 10.09
N GLY C 336 -43.51 -5.20 9.09
CA GLY C 336 -43.57 -5.98 7.87
C GLY C 336 -42.71 -7.22 7.99
N ASP C 337 -43.33 -8.39 7.82
CA ASP C 337 -42.64 -9.68 7.86
C ASP C 337 -42.67 -10.31 6.47
N ASP C 338 -43.78 -10.95 6.11
CA ASP C 338 -43.85 -11.49 4.76
C ASP C 338 -43.98 -10.40 3.71
N LEU C 339 -44.32 -9.17 4.12
CA LEU C 339 -44.35 -8.06 3.17
C LEU C 339 -42.99 -7.86 2.50
N TYR C 340 -41.91 -8.07 3.25
CA TYR C 340 -40.56 -7.88 2.73
C TYR C 340 -39.77 -9.16 2.60
N CYS C 341 -39.98 -10.13 3.49
CA CYS C 341 -39.15 -11.34 3.55
C CYS C 341 -37.66 -10.97 3.64
N THR C 342 -37.36 -9.95 4.45
CA THR C 342 -35.99 -9.54 4.74
C THR C 342 -35.21 -9.25 3.45
N ASN C 343 -35.94 -8.88 2.40
CA ASN C 343 -35.35 -8.68 1.08
C ASN C 343 -35.04 -7.20 0.91
N PRO C 344 -33.76 -6.82 0.76
CA PRO C 344 -33.42 -5.39 0.66
C PRO C 344 -34.20 -4.63 -0.40
N ALA C 345 -34.37 -5.21 -1.60
CA ALA C 345 -35.07 -4.52 -2.69
C ALA C 345 -36.52 -4.24 -2.31
N ILE C 346 -37.23 -5.23 -1.76
CA ILE C 346 -38.63 -5.02 -1.39
C ILE C 346 -38.72 -4.10 -0.16
N ALA C 347 -37.77 -4.20 0.77
CA ALA C 347 -37.75 -3.29 1.90
C ALA C 347 -37.62 -1.84 1.46
N GLU C 348 -36.90 -1.59 0.36
CA GLU C 348 -36.81 -0.23 -0.18
C GLU C 348 -38.16 0.23 -0.73
N LYS C 349 -38.91 -0.68 -1.36
CA LYS C 349 -40.25 -0.33 -1.82
C LYS C 349 -41.15 0.00 -0.64
N GLY C 350 -41.01 -0.73 0.47
CA GLY C 350 -41.78 -0.42 1.65
C GLY C 350 -41.40 0.92 2.24
N VAL C 351 -40.10 1.23 2.24
CA VAL C 351 -39.63 2.52 2.75
C VAL C 351 -40.24 3.67 1.94
N ALA C 352 -40.10 3.61 0.62
CA ALA C 352 -40.63 4.67 -0.23
C ALA C 352 -42.14 4.80 -0.11
N HIS C 353 -42.84 3.67 0.06
CA HIS C 353 -44.30 3.68 0.15
C HIS C 353 -44.82 3.88 1.57
N LYS C 354 -43.95 3.91 2.58
CA LYS C 354 -44.35 4.03 3.98
C LYS C 354 -45.31 2.89 4.37
N ALA C 355 -44.94 1.66 4.00
CA ALA C 355 -45.86 0.55 4.19
C ALA C 355 -45.91 0.07 5.63
N THR C 356 -44.81 0.22 6.36
CA THR C 356 -44.69 -0.18 7.76
C THR C 356 -43.79 0.85 8.44
N ASN C 357 -43.51 0.64 9.73
CA ASN C 357 -42.47 1.41 10.39
C ASN C 357 -41.47 0.49 11.07
N SER C 358 -41.38 -0.75 10.61
CA SER C 358 -40.58 -1.79 11.24
C SER C 358 -40.48 -2.96 10.27
N ILE C 359 -39.36 -3.68 10.36
CA ILE C 359 -39.13 -4.82 9.49
C ILE C 359 -38.71 -6.00 10.35
N LEU C 360 -39.25 -7.17 10.05
CA LEU C 360 -38.84 -8.39 10.71
C LEU C 360 -37.71 -9.02 9.91
N ILE C 361 -36.61 -9.32 10.58
CA ILE C 361 -35.35 -9.71 9.94
C ILE C 361 -35.12 -11.19 10.18
N LYS C 362 -35.28 -11.99 9.13
CA LYS C 362 -35.06 -13.43 9.17
C LYS C 362 -33.89 -13.76 8.26
N LEU C 363 -32.74 -14.08 8.88
CA LEU C 363 -31.53 -14.40 8.14
C LEU C 363 -31.79 -15.35 6.98
N ASN C 364 -32.52 -16.43 7.23
CA ASN C 364 -32.65 -17.45 6.20
C ASN C 364 -33.69 -17.11 5.13
N GLN C 365 -34.44 -16.02 5.28
CA GLN C 365 -35.28 -15.58 4.17
C GLN C 365 -34.49 -14.91 3.06
N ILE C 366 -33.27 -14.45 3.36
CA ILE C 366 -32.46 -13.76 2.38
C ILE C 366 -31.17 -14.53 2.08
N GLY C 367 -30.54 -15.12 3.09
CA GLY C 367 -29.59 -16.19 2.86
C GLY C 367 -28.14 -15.88 3.13
N THR C 368 -27.76 -14.62 3.32
CA THR C 368 -26.39 -14.30 3.70
C THR C 368 -26.41 -13.24 4.78
N LEU C 369 -25.38 -13.28 5.63
CA LEU C 369 -25.18 -12.23 6.61
C LEU C 369 -25.08 -10.86 5.95
N THR C 370 -24.35 -10.76 4.83
CA THR C 370 -24.15 -9.46 4.20
C THR C 370 -25.48 -8.86 3.72
N GLU C 371 -26.31 -9.67 3.06
CA GLU C 371 -27.61 -9.18 2.61
C GLU C 371 -28.52 -8.82 3.78
N THR C 372 -28.43 -9.57 4.88
CA THR C 372 -29.25 -9.25 6.05
C THR C 372 -28.87 -7.90 6.63
N ILE C 373 -27.57 -7.63 6.73
CA ILE C 373 -27.09 -6.34 7.22
C ILE C 373 -27.55 -5.22 6.31
N LYS C 374 -27.57 -5.48 4.99
CA LYS C 374 -28.04 -4.46 4.05
C LYS C 374 -29.50 -4.12 4.32
N ALA C 375 -30.33 -5.15 4.56
CA ALA C 375 -31.73 -4.90 4.91
C ALA C 375 -31.85 -4.13 6.21
N ILE C 376 -31.04 -4.50 7.21
CA ILE C 376 -31.05 -3.80 8.50
C ILE C 376 -30.70 -2.33 8.31
N ASN C 377 -29.67 -2.04 7.52
CA ASN C 377 -29.27 -0.65 7.30
C ASN C 377 -30.28 0.11 6.46
N ILE C 378 -30.96 -0.56 5.52
CA ILE C 378 -32.05 0.09 4.80
C ILE C 378 -33.13 0.54 5.77
N ALA C 379 -33.46 -0.32 6.75
CA ALA C 379 -34.46 0.04 7.74
C ALA C 379 -33.95 1.15 8.66
N LYS C 380 -32.68 1.07 9.07
CA LYS C 380 -32.10 2.09 9.94
C LYS C 380 -32.20 3.47 9.30
N ASP C 381 -31.84 3.57 8.02
CA ASP C 381 -31.90 4.83 7.31
C ASP C 381 -33.32 5.40 7.27
N ALA C 382 -34.33 4.53 7.17
CA ALA C 382 -35.73 4.93 7.12
C ALA C 382 -36.32 5.21 8.48
N ASN C 383 -35.55 5.09 9.56
CA ASN C 383 -36.05 5.18 10.93
C ASN C 383 -37.11 4.11 11.21
N TRP C 384 -36.93 2.94 10.63
CA TRP C 384 -37.69 1.77 11.01
C TRP C 384 -36.96 0.98 12.08
N SER C 385 -37.72 0.38 12.98
CA SER C 385 -37.10 -0.61 13.86
C SER C 385 -36.78 -1.87 13.06
N GLN C 386 -35.80 -2.64 13.54
CA GLN C 386 -35.49 -3.95 12.97
C GLN C 386 -35.66 -5.00 14.06
N VAL C 387 -36.65 -5.86 13.91
CA VAL C 387 -36.91 -6.93 14.87
C VAL C 387 -36.22 -8.18 14.35
N ILE C 388 -35.12 -8.59 15.00
CA ILE C 388 -34.44 -9.80 14.60
C ILE C 388 -35.25 -11.00 15.05
N SER C 389 -35.47 -11.95 14.15
CA SER C 389 -36.49 -12.98 14.35
C SER C 389 -35.93 -14.39 14.20
N HIS C 390 -36.40 -15.28 15.08
CA HIS C 390 -36.30 -16.72 14.89
C HIS C 390 -37.25 -17.20 13.79
N ARG C 391 -37.14 -18.48 13.47
CA ARG C 391 -38.16 -19.20 12.72
C ARG C 391 -38.82 -20.22 13.66
N SER C 392 -39.94 -20.77 13.22
CA SER C 392 -40.65 -21.72 14.07
C SER C 392 -39.85 -23.02 14.22
N GLY C 393 -39.08 -23.38 13.20
CA GLY C 393 -38.07 -24.41 13.37
C GLY C 393 -36.74 -23.76 13.67
N GLU C 394 -36.30 -23.79 14.93
CA GLU C 394 -35.05 -23.18 15.35
C GLU C 394 -34.04 -24.27 15.72
N THR C 395 -32.84 -23.84 16.08
CA THR C 395 -31.82 -24.75 16.60
C THR C 395 -31.20 -24.12 17.84
N GLU C 396 -30.25 -24.85 18.44
CA GLU C 396 -29.52 -24.33 19.59
C GLU C 396 -28.56 -23.20 19.21
N ASP C 397 -28.46 -22.87 17.93
CA ASP C 397 -27.64 -21.74 17.48
C ASP C 397 -28.20 -20.43 18.01
N THR C 398 -27.32 -19.57 18.53
CA THR C 398 -27.75 -18.31 19.15
C THR C 398 -27.33 -17.08 18.36
N THR C 399 -27.02 -17.24 17.07
CA THR C 399 -26.52 -16.12 16.27
C THR C 399 -27.43 -14.90 16.36
N ILE C 400 -28.76 -15.10 16.35
CA ILE C 400 -29.64 -13.95 16.25
C ILE C 400 -29.53 -13.06 17.48
N ALA C 401 -29.15 -13.63 18.64
CA ALA C 401 -28.93 -12.80 19.81
C ALA C 401 -27.76 -11.84 19.58
N ASP C 402 -26.64 -12.37 19.08
CA ASP C 402 -25.48 -11.52 18.82
C ASP C 402 -25.75 -10.53 17.71
N LEU C 403 -26.45 -10.97 16.66
CA LEU C 403 -26.78 -10.04 15.57
C LEU C 403 -27.61 -8.87 16.09
N ALA C 404 -28.64 -9.15 16.91
CA ALA C 404 -29.54 -8.11 17.38
C ALA C 404 -28.81 -7.12 18.27
N VAL C 405 -27.88 -7.61 19.10
CA VAL C 405 -27.08 -6.71 19.91
C VAL C 405 -26.08 -5.95 19.05
N ALA C 406 -25.43 -6.64 18.12
CA ALA C 406 -24.43 -5.98 17.27
C ALA C 406 -25.04 -4.84 16.49
N ALA C 407 -26.27 -5.02 15.99
CA ALA C 407 -26.93 -3.98 15.20
C ALA C 407 -27.71 -3.01 16.08
N CYS C 408 -27.65 -3.19 17.39
CA CYS C 408 -28.36 -2.36 18.37
C CYS C 408 -29.82 -2.13 17.95
N THR C 409 -30.48 -3.21 17.55
CA THR C 409 -31.88 -3.14 17.17
C THR C 409 -32.77 -2.83 18.36
N GLY C 410 -32.39 -3.28 19.55
CA GLY C 410 -33.21 -3.09 20.72
C GLY C 410 -34.46 -3.93 20.79
N GLN C 411 -34.68 -4.83 19.83
CA GLN C 411 -35.85 -5.71 19.80
C GLN C 411 -35.48 -7.05 19.18
N ILE C 412 -36.06 -8.11 19.73
CA ILE C 412 -35.86 -9.46 19.21
C ILE C 412 -37.16 -10.23 19.36
N LYS C 413 -37.39 -11.15 18.44
CA LYS C 413 -38.55 -12.05 18.51
C LYS C 413 -37.99 -13.46 18.42
N THR C 414 -37.84 -14.12 19.57
CA THR C 414 -37.18 -15.43 19.50
C THR C 414 -37.83 -16.47 20.42
N GLY C 415 -39.11 -16.32 20.76
CA GLY C 415 -39.88 -17.44 21.29
C GLY C 415 -40.37 -17.20 22.71
N SER C 416 -41.10 -18.19 23.20
CA SER C 416 -41.69 -18.16 24.53
C SER C 416 -40.62 -18.50 25.56
N MET C 417 -41.03 -18.62 26.83
CA MET C 417 -40.14 -18.99 27.91
C MET C 417 -40.09 -20.50 28.14
N SER C 418 -40.18 -21.30 27.08
CA SER C 418 -39.86 -22.71 27.17
C SER C 418 -39.26 -23.16 25.85
N ARG C 419 -38.57 -24.31 25.89
CA ARG C 419 -37.86 -24.95 24.78
C ARG C 419 -36.53 -24.24 24.54
N SER C 420 -35.42 -24.97 24.71
CA SER C 420 -34.14 -24.26 24.70
C SER C 420 -33.69 -23.76 23.31
N GLU C 421 -34.34 -24.13 22.20
CA GLU C 421 -34.01 -23.42 20.97
C GLU C 421 -34.47 -21.97 21.03
N ARG C 422 -35.37 -21.64 21.97
CA ARG C 422 -35.72 -20.27 22.31
C ARG C 422 -34.84 -19.79 23.46
N ILE C 423 -34.87 -20.52 24.57
CA ILE C 423 -34.21 -20.07 25.80
C ILE C 423 -32.72 -19.82 25.58
N ALA C 424 -32.08 -20.61 24.72
CA ALA C 424 -30.65 -20.44 24.49
C ALA C 424 -30.33 -19.01 24.04
N LYS C 425 -31.20 -18.40 23.23
CA LYS C 425 -30.99 -17.01 22.86
C LYS C 425 -31.07 -16.11 24.08
N TYR C 426 -32.07 -16.34 24.94
CA TYR C 426 -32.19 -15.52 26.14
C TYR C 426 -31.00 -15.72 27.05
N ASN C 427 -30.52 -16.96 27.18
CA ASN C 427 -29.33 -17.19 28.00
C ASN C 427 -28.12 -16.48 27.41
N ARG C 428 -28.00 -16.49 26.08
CA ARG C 428 -26.90 -15.76 25.42
C ARG C 428 -27.00 -14.27 25.69
N LEU C 429 -28.22 -13.71 25.62
CA LEU C 429 -28.38 -12.30 25.92
C LEU C 429 -28.02 -11.99 27.37
N LEU C 430 -28.34 -12.91 28.29
CA LEU C 430 -27.93 -12.70 29.68
C LEU C 430 -26.42 -12.66 29.81
N GLN C 431 -25.75 -13.57 29.11
CA GLN C 431 -24.30 -13.60 29.11
C GLN C 431 -23.72 -12.33 28.52
N ILE C 432 -24.30 -11.85 27.44
CA ILE C 432 -23.83 -10.62 26.81
C ILE C 432 -23.95 -9.45 27.78
N GLU C 433 -25.11 -9.32 28.41
CA GLU C 433 -25.31 -8.28 29.41
C GLU C 433 -24.26 -8.34 30.51
N LEU C 434 -23.98 -9.55 31.01
CA LEU C 434 -23.00 -9.69 32.09
C LEU C 434 -21.59 -9.37 31.60
N GLU C 435 -21.27 -9.75 30.35
CA GLU C 435 -19.95 -9.44 29.82
C GLU C 435 -19.74 -7.94 29.63
N LEU C 436 -20.80 -7.22 29.30
CA LEU C 436 -20.67 -5.80 28.97
C LEU C 436 -20.82 -4.90 30.19
N GLY C 437 -21.49 -5.37 31.24
CA GLY C 437 -21.66 -4.56 32.43
C GLY C 437 -22.28 -3.24 32.09
N ASN C 438 -21.60 -2.14 32.45
CA ASN C 438 -22.13 -0.81 32.21
C ASN C 438 -22.18 -0.46 30.72
N ASN C 439 -21.47 -1.20 29.88
CA ASN C 439 -21.53 -0.99 28.44
C ASN C 439 -22.76 -1.61 27.79
N ALA C 440 -23.66 -2.22 28.56
CA ALA C 440 -24.92 -2.73 28.05
C ALA C 440 -26.05 -1.85 28.57
N LYS C 441 -27.00 -1.55 27.69
CA LYS C 441 -28.16 -0.75 28.08
C LYS C 441 -29.43 -1.43 27.59
N TYR C 442 -30.35 -1.68 28.52
CA TYR C 442 -31.69 -2.14 28.19
C TYR C 442 -32.59 -0.91 28.26
N LEU C 443 -33.13 -0.50 27.11
CA LEU C 443 -33.79 0.79 26.99
C LEU C 443 -35.27 0.74 27.34
N GLY C 444 -35.86 -0.45 27.38
CA GLY C 444 -37.26 -0.55 27.74
C GLY C 444 -38.12 0.23 26.76
N TRP C 445 -39.00 1.07 27.31
CA TRP C 445 -39.91 1.83 26.46
C TRP C 445 -39.17 2.75 25.51
N ASN C 446 -37.99 3.21 25.89
CA ASN C 446 -37.21 4.07 25.01
C ASN C 446 -36.50 3.29 23.91
N THR C 447 -36.72 1.98 23.80
CA THR C 447 -36.14 1.20 22.72
C THR C 447 -36.72 1.59 21.37
N PHE C 448 -37.92 2.18 21.36
CA PHE C 448 -38.57 2.60 20.13
C PHE C 448 -38.06 3.96 19.69
N LYS C 449 -37.43 4.00 18.51
CA LYS C 449 -37.17 5.26 17.84
C LYS C 449 -38.01 5.42 16.59
N ASN C 450 -38.81 4.40 16.24
CA ASN C 450 -39.67 4.40 15.06
C ASN C 450 -41.09 4.86 15.37
N ILE C 451 -41.48 4.95 16.65
CA ILE C 451 -42.82 5.35 17.06
C ILE C 451 -42.69 6.21 18.30
N LYS C 452 -43.79 6.87 18.65
CA LYS C 452 -43.92 7.58 19.93
C LYS C 452 -45.01 6.87 20.71
N PRO C 453 -44.68 5.98 21.65
CA PRO C 453 -45.73 5.26 22.39
C PRO C 453 -46.61 6.21 23.18
N GLN C 454 -47.90 5.88 23.26
CA GLN C 454 -48.84 6.67 24.03
C GLN C 454 -48.41 6.76 25.48
N LYS C 455 -48.52 7.96 26.05
CA LYS C 455 -48.10 8.13 27.44
C LYS C 455 -48.97 7.32 28.39
N ALA C 456 -50.26 7.17 28.07
CA ALA C 456 -51.13 6.33 28.88
C ALA C 456 -50.67 4.88 28.87
N LEU C 457 -50.23 4.39 27.71
CA LEU C 457 -49.74 3.02 27.61
C LEU C 457 -48.42 2.86 28.34
N GLU C 458 -47.53 3.85 28.20
CA GLU C 458 -46.20 3.75 28.80
C GLU C 458 -46.27 3.87 30.31
N HIS C 459 -46.99 4.88 30.83
CA HIS C 459 -47.40 4.96 32.24
C HIS C 459 -48.20 6.24 32.48
N THR D 7 4.10 23.68 64.82
CA THR D 7 4.43 24.69 63.83
C THR D 7 5.75 24.38 63.16
N ASP D 8 6.76 24.05 63.99
CA ASP D 8 8.11 23.75 63.53
C ASP D 8 8.30 22.29 63.17
N LEU D 9 7.29 21.67 62.54
CA LEU D 9 7.44 20.28 62.11
C LEU D 9 8.56 20.15 61.09
N PHE D 10 8.74 21.14 60.23
CA PHE D 10 9.73 21.09 59.16
C PHE D 10 10.92 22.01 59.40
N LYS D 11 11.03 22.59 60.59
CA LYS D 11 12.12 23.52 60.88
C LYS D 11 13.45 22.76 60.94
N ILE D 12 14.43 23.22 60.17
CA ILE D 12 15.75 22.61 60.20
C ILE D 12 16.42 23.00 61.52
N ALA D 13 16.75 21.99 62.33
CA ALA D 13 17.36 22.24 63.64
C ALA D 13 18.86 22.04 63.64
N ASP D 14 19.36 21.07 62.88
CA ASP D 14 20.79 20.81 62.80
C ASP D 14 21.10 20.23 61.43
N LEU D 15 22.28 20.57 60.93
CA LEU D 15 22.72 20.17 59.61
C LEU D 15 24.24 20.04 59.66
N PHE D 16 24.75 18.88 59.26
CA PHE D 16 26.20 18.70 59.27
C PHE D 16 26.59 17.72 58.20
N ALA D 17 27.88 17.74 57.86
CA ALA D 17 28.43 16.84 56.87
C ALA D 17 29.65 16.15 57.45
N TYR D 18 29.97 15.00 56.89
CA TYR D 18 31.17 14.28 57.28
C TYR D 18 31.64 13.47 56.08
N GLN D 19 32.88 13.05 56.13
CA GLN D 19 33.49 12.33 55.02
C GLN D 19 33.21 10.84 55.14
N VAL D 20 32.69 10.24 54.07
CA VAL D 20 32.46 8.80 54.00
C VAL D 20 33.15 8.30 52.75
N PHE D 21 32.93 7.03 52.41
CA PHE D 21 33.62 6.45 51.27
C PHE D 21 32.60 6.02 50.23
N ASP D 22 32.97 6.19 48.96
CA ASP D 22 32.15 5.68 47.87
C ASP D 22 32.56 4.25 47.53
N SER D 23 31.93 3.70 46.49
CA SER D 23 32.09 2.29 46.17
C SER D 23 33.47 1.94 45.62
N ARG D 24 34.29 2.92 45.27
CA ARG D 24 35.66 2.70 44.82
C ARG D 24 36.68 2.86 45.91
N GLY D 25 36.28 3.22 47.12
CA GLY D 25 37.25 3.52 48.16
C GLY D 25 37.70 4.95 48.23
N PHE D 26 37.05 5.88 47.49
CA PHE D 26 37.35 7.31 47.45
C PHE D 26 36.48 8.06 48.47
N PRO D 27 37.02 9.06 49.16
CA PRO D 27 36.17 9.90 50.01
C PRO D 27 35.03 10.53 49.23
N THR D 28 33.91 10.72 49.91
CA THR D 28 32.82 11.55 49.40
C THR D 28 32.05 12.14 50.58
N VAL D 29 31.06 12.94 50.26
CA VAL D 29 30.36 13.75 51.26
C VAL D 29 29.07 13.06 51.65
N ALA D 30 28.85 12.95 52.96
CA ALA D 30 27.58 12.58 53.54
C ALA D 30 27.04 13.78 54.30
N CYS D 31 25.73 13.98 54.26
CA CYS D 31 25.11 15.07 54.99
C CYS D 31 23.92 14.54 55.77
N VAL D 32 23.77 15.02 57.00
CA VAL D 32 22.61 14.72 57.82
C VAL D 32 21.88 16.03 58.07
N VAL D 33 20.56 16.00 57.91
CA VAL D 33 19.70 17.12 58.26
C VAL D 33 18.75 16.63 59.34
N LYS D 34 18.79 17.27 60.50
CA LYS D 34 17.89 16.98 61.61
C LYS D 34 16.88 18.12 61.72
N LEU D 35 15.60 17.77 61.76
CA LEU D 35 14.54 18.74 61.94
C LEU D 35 14.15 18.85 63.40
N ALA D 36 13.51 19.99 63.73
CA ALA D 36 13.08 20.22 65.10
C ALA D 36 12.13 19.14 65.60
N SER D 37 11.34 18.55 64.71
CA SER D 37 10.44 17.47 65.10
C SER D 37 11.17 16.17 65.35
N GLY D 38 12.49 16.12 65.11
CA GLY D 38 13.28 14.93 65.35
C GLY D 38 13.51 14.09 64.11
N HIS D 39 12.71 14.28 63.07
CA HIS D 39 12.92 13.52 61.84
C HIS D 39 14.24 13.93 61.20
N THR D 40 14.93 12.95 60.64
CA THR D 40 16.22 13.20 60.00
C THR D 40 16.20 12.77 58.53
N GLY D 41 17.12 13.36 57.78
CA GLY D 41 17.41 12.94 56.42
C GLY D 41 18.90 12.87 56.21
N GLU D 42 19.36 11.87 55.47
CA GLU D 42 20.78 11.67 55.20
C GLU D 42 20.96 11.35 53.73
N ALA D 43 22.02 11.88 53.13
CA ALA D 43 22.32 11.61 51.74
C ALA D 43 23.82 11.52 51.55
N MET D 44 24.21 10.80 50.52
CA MET D 44 25.62 10.70 50.13
C MET D 44 25.73 11.03 48.66
N VAL D 45 26.87 11.59 48.27
CA VAL D 45 27.05 12.15 46.94
C VAL D 45 27.90 11.19 46.10
N PRO D 46 27.47 10.82 44.89
CA PRO D 46 28.26 9.92 44.05
C PRO D 46 29.36 10.71 43.37
N SER D 47 30.18 10.00 42.59
CA SER D 47 31.30 10.64 41.90
C SER D 47 31.60 9.96 40.58
N GLY D 48 31.75 10.76 39.51
CA GLY D 48 32.11 10.19 38.22
C GLY D 48 33.58 9.85 38.12
N ALA D 49 33.90 9.02 37.13
CA ALA D 49 35.28 8.59 36.97
C ALA D 49 36.17 9.75 36.51
N SER D 50 35.65 10.62 35.65
CA SER D 50 36.39 11.76 35.13
C SER D 50 35.58 13.03 35.31
N THR D 51 36.27 14.15 35.43
CA THR D 51 35.61 15.45 35.52
C THR D 51 35.10 15.85 34.14
N GLY D 52 33.80 16.13 34.05
CA GLY D 52 33.24 16.58 32.79
C GLY D 52 33.52 18.04 32.51
N GLU D 53 33.51 18.39 31.22
CA GLU D 53 33.80 19.76 30.80
C GLU D 53 32.78 20.73 31.39
N LYS D 54 31.50 20.48 31.14
CA LYS D 54 30.41 21.35 31.57
C LYS D 54 29.79 20.91 32.89
N GLU D 55 30.44 20.03 33.64
CA GLU D 55 29.86 19.55 34.88
C GLU D 55 30.08 20.57 36.00
N ALA D 56 29.13 20.60 36.93
CA ALA D 56 29.36 21.33 38.18
C ALA D 56 30.59 20.78 38.89
N ILE D 57 31.25 21.63 39.64
CA ILE D 57 32.56 21.31 40.19
C ILE D 57 32.42 20.35 41.36
N GLU D 58 33.06 19.20 41.25
CA GLU D 58 33.23 18.29 42.39
C GLU D 58 34.50 18.74 43.13
N LEU D 59 34.33 19.23 44.35
CA LEU D 59 35.44 19.87 45.06
C LEU D 59 36.26 18.84 45.82
N ARG D 60 37.53 18.70 45.43
CA ARG D 60 38.48 17.79 46.04
C ARG D 60 39.57 18.60 46.75
N ASP D 61 40.19 17.99 47.77
CA ASP D 61 41.16 18.72 48.58
C ASP D 61 42.48 18.92 47.82
N GLY D 62 42.89 17.92 47.04
CA GLY D 62 44.13 18.01 46.31
C GLY D 62 45.38 17.86 47.15
N ASP D 63 45.26 17.30 48.36
CA ASP D 63 46.44 17.06 49.20
C ASP D 63 47.00 15.70 48.86
N PRO D 64 48.15 15.60 48.17
CA PRO D 64 48.65 14.28 47.77
C PRO D 64 49.02 13.38 48.94
N LYS D 65 49.17 13.94 50.14
CA LYS D 65 49.46 13.15 51.34
C LYS D 65 48.20 12.63 52.02
N ALA D 66 47.02 13.00 51.54
CA ALA D 66 45.76 12.60 52.17
C ALA D 66 44.85 12.06 51.08
N TYR D 67 44.55 10.76 51.13
CA TYR D 67 43.63 10.13 50.21
C TYR D 67 44.03 10.40 48.76
N PHE D 68 45.32 10.25 48.47
CA PHE D 68 45.85 10.36 47.11
C PHE D 68 45.27 11.58 46.39
N GLY D 69 45.15 12.69 47.13
CA GLY D 69 44.62 13.95 46.63
C GLY D 69 43.11 14.05 46.58
N LYS D 70 42.37 13.03 47.03
CA LYS D 70 40.93 12.98 46.80
C LYS D 70 40.11 13.22 48.07
N GLY D 71 40.69 13.82 49.10
CA GLY D 71 39.91 14.16 50.28
C GLY D 71 38.81 15.15 49.96
N VAL D 72 37.75 15.13 50.77
CA VAL D 72 36.66 16.09 50.58
C VAL D 72 36.45 16.90 51.86
N SER D 73 37.50 17.08 52.66
CA SER D 73 37.34 17.79 53.91
C SER D 73 36.92 19.24 53.67
N GLN D 74 37.38 19.85 52.58
CA GLN D 74 36.98 21.23 52.29
C GLN D 74 35.50 21.31 51.93
N ALA D 75 35.00 20.39 51.10
CA ALA D 75 33.57 20.34 50.84
C ALA D 75 32.79 20.09 52.10
N VAL D 76 33.29 19.21 52.97
CA VAL D 76 32.61 18.94 54.23
C VAL D 76 32.60 20.20 55.10
N GLN D 77 33.71 20.93 55.11
CA GLN D 77 33.76 22.17 55.87
C GLN D 77 32.78 23.21 55.30
N ASN D 78 32.64 23.25 53.97
CA ASN D 78 31.73 24.20 53.34
C ASN D 78 30.30 23.95 53.76
N VAL D 79 29.91 22.68 53.92
CA VAL D 79 28.59 22.39 54.47
C VAL D 79 28.50 22.90 55.90
N ASN D 80 29.49 22.56 56.73
CA ASN D 80 29.37 22.77 58.17
C ASN D 80 29.50 24.25 58.56
N GLN D 81 30.43 24.97 57.93
CA GLN D 81 30.73 26.34 58.35
C GLN D 81 30.03 27.40 57.52
N THR D 82 29.68 27.11 56.28
CA THR D 82 29.11 28.09 55.39
C THR D 82 27.64 27.86 55.10
N ILE D 83 27.28 26.66 54.63
CA ILE D 83 25.88 26.40 54.27
C ILE D 83 25.03 26.25 55.53
N ALA D 84 25.46 25.41 56.46
CA ALA D 84 24.66 25.08 57.64
C ALA D 84 24.13 26.30 58.38
N PRO D 85 24.92 27.34 58.70
CA PRO D 85 24.34 28.47 59.45
C PRO D 85 23.22 29.18 58.71
N LYS D 86 23.21 29.14 57.38
CA LYS D 86 22.21 29.84 56.60
C LYS D 86 20.93 29.05 56.40
N LEU D 87 20.95 27.72 56.64
CA LEU D 87 19.75 26.92 56.48
C LEU D 87 19.07 26.58 57.81
N ILE D 88 19.78 26.68 58.93
CA ILE D 88 19.14 26.43 60.22
C ILE D 88 17.96 27.38 60.39
N GLY D 89 16.83 26.83 60.85
CA GLY D 89 15.63 27.61 61.02
C GLY D 89 14.71 27.66 59.81
N LEU D 90 15.21 27.30 58.63
CA LEU D 90 14.41 27.32 57.42
C LEU D 90 13.47 26.12 57.36
N ASN D 91 12.47 26.22 56.49
CA ASN D 91 11.47 25.18 56.31
C ASN D 91 11.98 24.16 55.31
N ALA D 92 12.20 22.93 55.77
CA ALA D 92 12.79 21.89 54.93
C ALA D 92 11.96 21.59 53.69
N THR D 93 10.68 21.98 53.65
CA THR D 93 9.87 21.71 52.45
C THR D 93 10.06 22.76 51.36
N ASP D 94 10.74 23.86 51.65
CA ASP D 94 10.99 24.91 50.66
C ASP D 94 12.23 24.55 49.84
N GLN D 95 12.10 23.48 49.07
CA GLN D 95 13.23 22.89 48.38
C GLN D 95 13.84 23.86 47.37
N ALA D 96 12.98 24.51 46.57
CA ALA D 96 13.48 25.42 45.55
C ALA D 96 14.17 26.63 46.18
N ALA D 97 13.61 27.16 47.27
CA ALA D 97 14.24 28.31 47.91
C ALA D 97 15.56 27.93 48.57
N ILE D 98 15.62 26.73 49.16
CA ILE D 98 16.85 26.28 49.80
C ILE D 98 17.94 26.05 48.76
N ASP D 99 17.60 25.36 47.66
CA ASP D 99 18.59 25.18 46.60
C ASP D 99 19.02 26.53 46.02
N ALA D 100 18.07 27.44 45.78
CA ALA D 100 18.41 28.77 45.27
C ALA D 100 19.32 29.51 46.23
N LEU D 101 19.08 29.39 47.53
CA LEU D 101 19.95 30.05 48.50
C LEU D 101 21.37 29.51 48.41
N MET D 102 21.53 28.18 48.29
CA MET D 102 22.86 27.61 48.17
C MET D 102 23.52 28.03 46.86
N ILE D 103 22.72 28.15 45.80
CA ILE D 103 23.28 28.56 44.51
C ILE D 103 23.84 29.97 44.59
N GLN D 104 23.13 30.89 45.26
CA GLN D 104 23.63 32.26 45.37
C GLN D 104 24.73 32.38 46.41
N LEU D 105 24.65 31.61 47.50
CA LEU D 105 25.73 31.58 48.47
C LEU D 105 27.05 31.15 47.82
N ASP D 106 26.99 30.19 46.89
CA ASP D 106 28.19 29.80 46.16
C ASP D 106 28.62 30.88 45.17
N GLY D 107 27.65 31.49 44.48
CA GLY D 107 27.93 32.67 43.68
C GLY D 107 28.66 32.44 42.37
N THR D 108 29.08 31.21 42.06
CA THR D 108 29.76 30.91 40.82
C THR D 108 28.83 30.16 39.87
N PRO D 109 29.07 30.21 38.55
CA PRO D 109 28.17 29.54 37.61
C PRO D 109 28.27 28.03 37.65
N ASN D 110 29.35 27.45 38.18
CA ASN D 110 29.54 26.00 38.17
C ASN D 110 29.75 25.43 39.57
N LYS D 111 29.33 26.16 40.60
CA LYS D 111 29.41 25.72 42.00
C LYS D 111 30.85 25.45 42.41
N ALA D 112 31.78 26.30 41.96
CA ALA D 112 33.20 26.10 42.19
C ALA D 112 33.65 26.50 43.59
N LYS D 113 32.89 27.35 44.28
CA LYS D 113 33.31 27.83 45.59
C LYS D 113 32.95 26.83 46.69
N LEU D 114 31.66 26.51 46.82
CA LEU D 114 31.24 25.54 47.83
C LEU D 114 31.47 24.11 47.37
N GLY D 115 31.45 23.87 46.06
CA GLY D 115 31.51 22.51 45.57
C GLY D 115 30.11 21.96 45.36
N ALA D 116 29.89 21.35 44.19
CA ALA D 116 28.60 20.73 43.94
C ALA D 116 28.38 19.52 44.83
N ASN D 117 29.47 18.89 45.30
CA ASN D 117 29.31 17.75 46.19
C ASN D 117 28.88 18.19 47.59
N ALA D 118 29.35 19.35 48.07
CA ALA D 118 28.76 19.94 49.28
C ALA D 118 27.29 20.30 49.07
N ILE D 119 26.99 21.03 47.99
CA ILE D 119 25.65 21.54 47.80
C ILE D 119 24.65 20.40 47.59
N LEU D 120 25.00 19.41 46.78
CA LEU D 120 24.03 18.33 46.50
C LEU D 120 23.77 17.50 47.74
N ALA D 121 24.79 17.23 48.55
CA ALA D 121 24.58 16.51 49.81
C ALA D 121 23.52 17.19 50.65
N VAL D 122 23.59 18.52 50.75
CA VAL D 122 22.60 19.24 51.55
C VAL D 122 21.25 19.20 50.85
N SER D 123 21.25 19.41 49.52
CA SER D 123 20.00 19.45 48.76
C SER D 123 19.20 18.16 48.93
N LEU D 124 19.88 17.01 48.88
CA LEU D 124 19.17 15.74 48.98
C LEU D 124 18.76 15.43 50.41
N ALA D 125 19.64 15.71 51.38
CA ALA D 125 19.32 15.40 52.77
C ALA D 125 18.13 16.22 53.26
N VAL D 126 18.03 17.48 52.82
CA VAL D 126 16.89 18.32 53.15
C VAL D 126 15.59 17.68 52.65
N ALA D 127 15.60 17.21 51.39
CA ALA D 127 14.44 16.54 50.84
C ALA D 127 14.07 15.31 51.64
N LYS D 128 15.04 14.45 51.93
CA LYS D 128 14.76 13.25 52.72
C LYS D 128 14.28 13.59 54.12
N ALA D 129 14.82 14.64 54.73
CA ALA D 129 14.33 15.05 56.03
C ALA D 129 12.86 15.44 55.96
N ALA D 130 12.50 16.21 54.94
CA ALA D 130 11.10 16.61 54.79
C ALA D 130 10.20 15.41 54.53
N ALA D 131 10.64 14.47 53.69
CA ALA D 131 9.81 13.30 53.42
C ALA D 131 9.53 12.53 54.70
N SER D 132 10.55 12.39 55.56
CA SER D 132 10.37 11.71 56.84
C SER D 132 9.37 12.45 57.72
N ALA D 133 9.50 13.78 57.83
CA ALA D 133 8.56 14.55 58.64
C ALA D 133 7.14 14.49 58.09
N GLN D 134 6.96 14.21 56.80
CA GLN D 134 5.63 14.02 56.25
C GLN D 134 5.17 12.58 56.33
N LYS D 135 6.02 11.68 56.84
CA LYS D 135 5.69 10.27 56.99
C LYS D 135 5.22 9.67 55.66
N THR D 136 5.94 9.99 54.59
CA THR D 136 5.63 9.49 53.27
C THR D 136 6.92 8.98 52.66
N SER D 137 6.79 8.11 51.66
CA SER D 137 7.97 7.59 50.99
C SER D 137 8.65 8.72 50.22
N LEU D 138 9.97 8.60 50.06
CA LEU D 138 10.70 9.66 49.36
C LEU D 138 10.10 9.90 47.98
N PHE D 139 9.79 8.83 47.24
CA PHE D 139 9.31 9.02 45.87
C PHE D 139 7.98 9.77 45.85
N LYS D 140 7.10 9.51 46.81
CA LYS D 140 5.86 10.27 46.86
C LYS D 140 6.12 11.72 47.23
N TYR D 141 7.05 11.95 48.16
CA TYR D 141 7.41 13.31 48.53
C TYR D 141 7.97 14.07 47.34
N LEU D 142 8.94 13.47 46.64
CA LEU D 142 9.48 14.12 45.46
C LEU D 142 8.40 14.38 44.42
N ALA D 143 7.53 13.40 44.18
CA ALA D 143 6.54 13.56 43.11
C ALA D 143 5.46 14.58 43.47
N ASN D 144 4.98 14.55 44.71
CA ASN D 144 3.76 15.29 45.03
C ASN D 144 3.99 16.56 45.83
N GLN D 145 5.06 16.65 46.61
CA GLN D 145 5.37 17.89 47.31
C GLN D 145 6.38 18.75 46.54
N VAL D 146 7.49 18.16 46.09
CA VAL D 146 8.48 18.94 45.35
C VAL D 146 8.01 19.21 43.92
N MET D 147 7.61 18.17 43.18
CA MET D 147 7.26 18.34 41.78
C MET D 147 5.77 18.61 41.56
N GLY D 148 4.94 18.51 42.60
CA GLY D 148 3.53 18.86 42.48
C GLY D 148 2.79 18.09 41.43
N LEU D 149 3.13 16.81 41.25
CA LEU D 149 2.56 16.01 40.17
C LEU D 149 1.20 15.41 40.51
N ASN D 150 0.79 15.42 41.78
CA ASN D 150 -0.53 14.94 42.19
C ASN D 150 -0.78 13.51 41.72
N LYS D 151 0.20 12.64 41.95
CA LYS D 151 0.19 11.29 41.42
C LYS D 151 -0.24 10.27 42.47
N THR D 152 -1.06 9.31 42.04
CA THR D 152 -1.36 8.12 42.82
C THR D 152 -0.85 6.84 42.19
N GLU D 153 -0.59 6.83 40.89
CA GLU D 153 -0.05 5.67 40.20
C GLU D 153 1.33 6.01 39.67
N PHE D 154 2.29 5.11 39.87
CA PHE D 154 3.66 5.37 39.47
C PHE D 154 4.12 4.32 38.47
N ILE D 155 5.07 4.73 37.64
CA ILE D 155 5.71 3.87 36.64
C ILE D 155 7.04 3.41 37.22
N LEU D 156 7.28 2.10 37.20
CA LEU D 156 8.56 1.55 37.62
C LEU D 156 9.56 1.64 36.47
N THR D 157 10.84 1.48 36.81
CA THR D 157 11.93 1.78 35.89
C THR D 157 12.41 0.53 35.17
N VAL D 158 12.42 0.56 33.85
CA VAL D 158 13.15 -0.45 33.09
C VAL D 158 14.63 -0.15 33.25
N PRO D 159 15.41 -1.07 33.83
CA PRO D 159 16.84 -0.80 34.04
C PRO D 159 17.65 -1.10 32.80
N MET D 160 18.72 -0.34 32.60
CA MET D 160 19.74 -0.71 31.64
C MET D 160 21.01 -1.03 32.42
N LEU D 161 21.51 -2.25 32.28
CA LEU D 161 22.55 -2.79 33.16
C LEU D 161 23.86 -2.98 32.41
N ASN D 162 24.91 -2.30 32.88
CA ASN D 162 26.24 -2.30 32.26
C ASN D 162 27.00 -3.60 32.50
N VAL D 163 26.90 -4.57 31.58
CA VAL D 163 27.45 -5.89 31.83
C VAL D 163 28.85 -6.10 31.24
N ILE D 164 29.22 -5.35 30.22
CA ILE D 164 30.56 -5.43 29.63
C ILE D 164 31.07 -4.01 29.42
N ASN D 165 32.30 -3.75 29.88
CA ASN D 165 32.90 -2.43 29.87
C ASN D 165 33.99 -2.34 28.79
N GLY D 166 34.15 -1.15 28.24
CA GLY D 166 35.28 -0.81 27.38
C GLY D 166 35.67 0.63 27.64
N GLY D 167 36.43 1.25 26.73
CA GLY D 167 36.65 2.67 26.85
C GLY D 167 37.72 3.04 27.85
N ALA D 168 37.55 4.23 28.43
CA ALA D 168 38.68 4.93 29.05
C ALA D 168 39.17 4.27 30.35
N HIS D 169 38.31 3.57 31.07
CA HIS D 169 38.72 2.96 32.33
C HIS D 169 38.59 1.43 32.34
N ALA D 170 38.51 0.81 31.17
CA ALA D 170 38.38 -0.63 31.09
C ALA D 170 39.69 -1.26 30.63
N ASP D 171 40.03 -2.39 31.24
CA ASP D 171 41.29 -3.09 30.99
C ASP D 171 41.15 -4.02 29.78
N ASN D 172 40.84 -3.42 28.63
CA ASN D 172 40.79 -4.14 27.35
C ASN D 172 40.99 -3.11 26.24
N ASN D 173 40.82 -3.54 24.99
CA ASN D 173 41.07 -2.66 23.84
C ASN D 173 39.81 -2.33 23.06
N ILE D 174 38.65 -2.41 23.71
CA ILE D 174 37.39 -1.95 23.14
C ILE D 174 37.22 -0.46 23.44
N ASP D 175 36.79 0.30 22.44
CA ASP D 175 36.69 1.75 22.59
C ASP D 175 35.35 2.22 23.16
N PHE D 176 34.23 1.58 22.78
CA PHE D 176 32.95 1.93 23.38
C PHE D 176 32.99 1.65 24.89
N GLN D 177 32.29 2.48 25.66
CA GLN D 177 32.43 2.46 27.11
C GLN D 177 31.54 1.42 27.81
N GLU D 178 30.25 1.35 27.46
CA GLU D 178 29.30 0.53 28.20
C GLU D 178 28.41 -0.29 27.27
N PHE D 179 28.35 -1.59 27.50
CA PHE D 179 27.42 -2.48 26.81
C PHE D 179 26.40 -2.95 27.83
N MET D 180 25.14 -2.63 27.60
CA MET D 180 24.11 -2.85 28.60
C MET D 180 23.02 -3.75 28.06
N ILE D 181 22.36 -4.48 28.97
CA ILE D 181 21.16 -5.22 28.64
C ILE D 181 19.98 -4.46 29.24
N MET D 182 18.82 -4.66 28.66
CA MET D 182 17.64 -3.94 29.06
C MET D 182 16.43 -4.87 29.00
N PRO D 183 15.91 -5.33 30.16
CA PRO D 183 14.83 -6.35 30.24
C PRO D 183 13.43 -5.79 29.97
N LEU D 184 13.22 -5.39 28.72
CA LEU D 184 11.97 -4.77 28.29
C LEU D 184 10.82 -5.76 28.17
N GLY D 185 11.10 -7.06 28.11
CA GLY D 185 10.01 -8.03 28.02
C GLY D 185 9.28 -8.30 29.31
N ALA D 186 9.81 -7.88 30.44
CA ALA D 186 9.18 -8.16 31.72
C ALA D 186 7.95 -7.28 31.93
N ASN D 187 7.08 -7.74 32.84
CA ASN D 187 5.86 -7.02 33.21
C ASN D 187 5.85 -6.63 34.68
N SER D 188 7.01 -6.67 35.34
CA SER D 188 7.14 -6.27 36.73
C SER D 188 8.61 -6.01 36.99
N MET D 189 8.88 -5.23 38.04
CA MET D 189 10.28 -5.01 38.41
C MET D 189 10.94 -6.32 38.85
N HIS D 190 10.19 -7.18 39.55
CA HIS D 190 10.81 -8.41 40.03
C HIS D 190 11.16 -9.34 38.87
N GLN D 191 10.27 -9.41 37.86
CA GLN D 191 10.59 -10.21 36.67
C GLN D 191 11.74 -9.60 35.89
N ALA D 192 11.78 -8.27 35.77
CA ALA D 192 12.88 -7.62 35.07
C ALA D 192 14.21 -7.96 35.72
N LEU D 193 14.28 -7.95 37.04
CA LEU D 193 15.55 -8.24 37.68
C LEU D 193 15.85 -9.74 37.67
N LYS D 194 14.82 -10.58 37.61
CA LYS D 194 15.04 -12.00 37.37
C LYS D 194 15.69 -12.22 36.01
N MET D 195 15.16 -11.58 34.98
CA MET D 195 15.77 -11.66 33.65
C MET D 195 17.22 -11.19 33.70
N ALA D 196 17.46 -10.07 34.38
CA ALA D 196 18.79 -9.48 34.42
C ALA D 196 19.75 -10.33 35.25
N SER D 197 19.30 -10.82 36.40
CA SER D 197 20.14 -11.68 37.25
C SER D 197 20.56 -12.94 36.51
N GLU D 198 19.60 -13.60 35.85
CA GLU D 198 19.88 -14.85 35.15
C GLU D 198 20.79 -14.64 33.96
N THR D 199 20.58 -13.55 33.22
CA THR D 199 21.43 -13.25 32.07
C THR D 199 22.84 -12.87 32.51
N PHE D 200 22.95 -12.11 33.61
CA PHE D 200 24.26 -11.76 34.13
C PHE D 200 25.05 -13.00 34.52
N HIS D 201 24.39 -13.97 35.18
CA HIS D 201 25.15 -15.15 35.55
C HIS D 201 25.41 -16.07 34.37
N ALA D 202 24.53 -16.08 33.37
CA ALA D 202 24.82 -16.85 32.16
C ALA D 202 26.00 -16.25 31.41
N LEU D 203 26.10 -14.91 31.39
CA LEU D 203 27.25 -14.24 30.80
C LEU D 203 28.52 -14.59 31.54
N GLN D 204 28.47 -14.55 32.88
CA GLN D 204 29.63 -14.92 33.68
C GLN D 204 30.14 -16.32 33.33
N LYS D 205 29.22 -17.27 33.20
CA LYS D 205 29.62 -18.63 32.84
C LYS D 205 30.22 -18.67 31.44
N LEU D 206 29.63 -17.94 30.48
CA LEU D 206 30.20 -17.90 29.14
C LEU D 206 31.63 -17.35 29.16
N LEU D 207 31.88 -16.32 29.96
CA LEU D 207 33.22 -15.75 30.05
C LEU D 207 34.19 -16.75 30.67
N LYS D 208 33.76 -17.44 31.74
CA LYS D 208 34.59 -18.47 32.36
C LYS D 208 34.95 -19.56 31.36
N GLN D 209 34.00 -19.94 30.52
CA GLN D 209 34.27 -20.99 29.54
C GLN D 209 35.28 -20.56 28.50
N ARG D 210 35.37 -19.26 28.21
CA ARG D 210 36.34 -18.72 27.30
C ARG D 210 37.63 -18.28 28.00
N GLY D 211 37.78 -18.60 29.28
CA GLY D 211 38.98 -18.24 30.02
C GLY D 211 39.19 -16.76 30.18
N LEU D 212 38.12 -15.98 30.17
CA LEU D 212 38.19 -14.54 30.29
C LEU D 212 37.96 -14.14 31.74
N ASN D 213 38.51 -12.99 32.11
CA ASN D 213 38.47 -12.56 33.51
C ASN D 213 37.05 -12.20 33.92
N THR D 214 36.64 -12.65 35.10
CA THR D 214 35.30 -12.37 35.60
C THR D 214 35.30 -11.53 36.87
N ASN D 215 36.44 -10.94 37.26
CA ASN D 215 36.43 -9.90 38.28
C ASN D 215 35.58 -8.73 37.78
N LYS D 216 35.10 -7.90 38.72
CA LYS D 216 34.11 -6.88 38.38
C LYS D 216 34.73 -5.51 38.17
N GLY D 217 34.25 -4.80 37.14
CA GLY D 217 34.53 -3.38 36.98
C GLY D 217 33.82 -2.56 38.05
N ASP D 218 34.06 -1.24 37.99
CA ASP D 218 33.53 -0.34 39.00
C ASP D 218 32.01 -0.42 39.12
N GLU D 219 31.29 -0.66 38.02
CA GLU D 219 29.84 -0.68 38.06
C GLU D 219 29.27 -2.09 38.11
N GLY D 220 30.10 -3.08 38.41
CA GLY D 220 29.66 -4.43 38.67
C GLY D 220 29.60 -5.33 37.47
N GLY D 221 29.93 -4.82 36.28
CA GLY D 221 30.00 -5.63 35.09
C GLY D 221 31.40 -6.17 34.87
N PHE D 222 31.61 -6.69 33.67
CA PHE D 222 32.87 -7.34 33.33
C PHE D 222 33.67 -6.48 32.38
N ALA D 223 35.00 -6.57 32.50
CA ALA D 223 35.93 -5.93 31.57
C ALA D 223 36.84 -7.01 31.03
N PRO D 224 36.31 -7.95 30.26
CA PRO D 224 37.13 -9.04 29.73
C PRO D 224 37.98 -8.58 28.56
N ASN D 225 39.03 -9.35 28.29
CA ASN D 225 39.97 -9.05 27.20
C ASN D 225 39.35 -9.46 25.86
N LEU D 226 38.33 -8.71 25.45
CA LEU D 226 37.72 -8.83 24.13
C LEU D 226 38.34 -7.80 23.18
N LYS D 227 38.36 -8.13 21.88
CA LYS D 227 39.03 -7.28 20.90
C LYS D 227 38.08 -6.33 20.17
N LEU D 228 36.79 -6.65 20.09
CA LEU D 228 35.86 -5.92 19.24
C LEU D 228 34.55 -5.68 19.99
N ALA D 229 33.94 -4.52 19.73
CA ALA D 229 32.60 -4.27 20.23
C ALA D 229 31.64 -5.36 19.78
N GLU D 230 31.82 -5.87 18.56
CA GLU D 230 30.94 -6.92 18.08
C GLU D 230 31.10 -8.20 18.90
N GLU D 231 32.29 -8.45 19.43
CA GLU D 231 32.48 -9.63 20.27
C GLU D 231 31.73 -9.51 21.59
N ALA D 232 31.67 -8.29 22.15
CA ALA D 232 30.89 -8.07 23.37
C ALA D 232 29.40 -8.24 23.07
N LEU D 233 28.93 -7.64 21.97
CA LEU D 233 27.53 -7.78 21.59
C LEU D 233 27.17 -9.23 21.31
N ASP D 234 28.04 -9.98 20.63
CA ASP D 234 27.78 -11.40 20.40
C ASP D 234 27.61 -12.16 21.72
N LEU D 235 28.51 -11.90 22.68
CA LEU D 235 28.43 -12.59 23.97
C LEU D 235 27.15 -12.24 24.71
N MET D 236 26.73 -10.99 24.62
CA MET D 236 25.50 -10.57 25.29
C MET D 236 24.28 -11.28 24.70
N VAL D 237 24.15 -11.28 23.37
CA VAL D 237 23.08 -12.05 22.74
C VAL D 237 23.15 -13.51 23.17
N GLU D 238 24.36 -14.08 23.17
CA GLU D 238 24.52 -15.48 23.56
C GLU D 238 24.09 -15.71 25.01
N ALA D 239 24.46 -14.79 25.92
CA ALA D 239 24.05 -14.91 27.31
C ALA D 239 22.53 -14.79 27.47
N ILE D 240 21.92 -13.83 26.77
CA ILE D 240 20.46 -13.70 26.80
C ILE D 240 19.79 -15.02 26.42
N LYS D 241 20.26 -15.63 25.34
CA LYS D 241 19.70 -16.91 24.92
C LYS D 241 20.02 -18.02 25.92
N ALA D 242 21.23 -18.01 26.50
CA ALA D 242 21.60 -19.03 27.47
C ALA D 242 20.74 -18.95 28.73
N ALA D 243 20.34 -17.76 29.13
CA ALA D 243 19.47 -17.62 30.28
C ALA D 243 18.03 -18.02 29.98
N GLY D 244 17.71 -18.32 28.72
CA GLY D 244 16.38 -18.75 28.35
C GLY D 244 15.49 -17.68 27.78
N TYR D 245 16.06 -16.56 27.32
CA TYR D 245 15.29 -15.39 26.92
C TYR D 245 15.52 -15.07 25.45
N GLN D 246 14.63 -14.25 24.91
CA GLN D 246 14.68 -13.87 23.50
C GLN D 246 15.42 -12.55 23.33
N PRO D 247 16.54 -12.51 22.62
CA PRO D 247 17.18 -11.21 22.33
C PRO D 247 16.21 -10.29 21.61
N GLY D 248 16.15 -9.03 22.05
CA GLY D 248 15.18 -8.10 21.51
C GLY D 248 13.89 -8.04 22.28
N SER D 249 12.93 -8.93 21.95
CA SER D 249 11.61 -8.88 22.56
C SER D 249 11.68 -9.02 24.08
N ASP D 250 12.51 -9.93 24.58
CA ASP D 250 12.66 -10.09 26.02
C ASP D 250 13.71 -9.13 26.57
N ILE D 251 14.94 -9.21 26.05
CA ILE D 251 16.07 -8.43 26.55
C ILE D 251 16.73 -7.76 25.36
N ALA D 252 16.77 -6.43 25.37
CA ALA D 252 17.41 -5.65 24.34
C ALA D 252 18.73 -5.12 24.86
N ILE D 253 19.45 -4.39 24.01
CA ILE D 253 20.78 -3.90 24.32
C ILE D 253 20.79 -2.38 24.25
N ALA D 254 21.46 -1.76 25.21
CA ALA D 254 21.71 -0.32 25.20
C ALA D 254 23.22 -0.10 25.19
N LEU D 255 23.68 0.88 24.40
CA LEU D 255 25.08 1.26 24.39
C LEU D 255 25.28 2.63 25.03
N ASP D 256 26.36 2.78 25.82
CA ASP D 256 26.94 4.09 26.09
C ASP D 256 28.25 4.14 25.31
N VAL D 257 28.22 4.80 24.16
CA VAL D 257 29.41 4.84 23.32
C VAL D 257 30.50 5.67 23.99
N ALA D 258 30.10 6.76 24.66
CA ALA D 258 31.01 7.75 25.20
C ALA D 258 31.96 8.24 24.10
N ALA D 259 31.38 8.64 22.97
CA ALA D 259 32.18 9.00 21.80
C ALA D 259 33.09 10.20 22.05
N SER D 260 32.78 11.05 23.03
CA SER D 260 33.70 12.14 23.34
C SER D 260 35.07 11.63 23.76
N GLU D 261 35.17 10.40 24.25
CA GLU D 261 36.46 9.89 24.72
C GLU D 261 37.41 9.61 23.58
N PHE D 262 36.90 9.33 22.37
CA PHE D 262 37.79 9.01 21.27
C PHE D 262 37.57 9.89 20.04
N TYR D 263 36.78 10.94 20.17
CA TYR D 263 36.70 11.96 19.12
C TYR D 263 38.00 12.73 19.03
N ASP D 264 38.61 12.74 17.85
CA ASP D 264 39.85 13.47 17.58
C ASP D 264 39.48 14.88 17.13
N ASP D 265 39.72 15.87 17.99
CA ASP D 265 39.30 17.24 17.69
C ASP D 265 40.17 17.90 16.62
N THR D 266 41.38 17.39 16.40
CA THR D 266 42.19 17.96 15.32
C THR D 266 41.60 17.62 13.96
N THR D 267 41.15 16.38 13.77
CA THR D 267 40.71 15.91 12.48
C THR D 267 39.20 15.81 12.35
N LYS D 268 38.45 16.03 13.44
CA LYS D 268 37.00 15.82 13.46
C LYS D 268 36.67 14.39 13.02
N ARG D 269 37.45 13.43 13.52
CA ARG D 269 37.23 12.02 13.24
C ARG D 269 37.02 11.27 14.56
N TYR D 270 36.21 10.24 14.49
CA TYR D 270 36.04 9.29 15.60
C TYR D 270 37.10 8.23 15.43
N VAL D 271 38.18 8.35 16.21
CA VAL D 271 39.36 7.50 16.08
C VAL D 271 39.29 6.44 17.15
N PHE D 272 39.18 5.17 16.72
CA PHE D 272 39.03 4.07 17.66
C PHE D 272 40.42 3.77 18.20
N LYS D 273 40.86 4.64 19.11
CA LYS D 273 42.27 4.73 19.47
C LYS D 273 42.76 3.48 20.19
N LYS D 274 41.92 2.88 21.02
CA LYS D 274 42.38 1.68 21.74
C LYS D 274 42.56 0.51 20.78
N GLY D 275 41.58 0.31 19.89
CA GLY D 275 41.69 -0.77 18.93
C GLY D 275 42.81 -0.54 17.94
N ILE D 276 43.02 0.72 17.54
CA ILE D 276 44.15 1.03 16.65
C ILE D 276 45.47 0.76 17.34
N LYS D 277 45.63 1.27 18.56
CA LYS D 277 46.93 1.18 19.21
C LYS D 277 47.33 -0.26 19.48
N ALA D 278 46.35 -1.12 19.71
CA ALA D 278 46.59 -2.53 19.97
C ALA D 278 46.77 -3.35 18.71
N LYS D 279 46.66 -2.73 17.53
CA LYS D 279 46.81 -3.35 16.21
C LYS D 279 45.63 -4.23 15.83
N ILE D 280 44.47 -3.99 16.42
CA ILE D 280 43.27 -4.71 16.04
C ILE D 280 42.64 -4.09 14.80
N LEU D 281 42.72 -2.77 14.71
CA LEU D 281 42.00 -1.97 13.73
C LEU D 281 42.99 -1.17 12.91
N ASP D 282 42.77 -1.13 11.60
CA ASP D 282 43.54 -0.24 10.74
C ASP D 282 43.23 1.22 11.06
N GLU D 283 44.28 2.05 11.08
CA GLU D 283 44.15 3.43 11.54
C GLU D 283 43.15 4.23 10.70
N LYS D 284 43.28 4.18 9.37
CA LYS D 284 42.40 5.04 8.57
C LYS D 284 41.00 4.47 8.49
N GLU D 285 40.88 3.15 8.38
CA GLU D 285 39.57 2.51 8.35
C GLU D 285 38.75 2.81 9.60
N TRP D 286 39.40 2.97 10.75
CA TRP D 286 38.68 3.25 11.99
C TRP D 286 38.99 4.64 12.53
N SER D 287 39.27 5.57 11.63
CA SER D 287 39.21 7.00 11.92
C SER D 287 38.01 7.53 11.13
N LEU D 288 36.86 7.59 11.80
CA LEU D 288 35.61 7.76 11.08
C LEU D 288 35.17 9.22 11.07
N THR D 289 34.67 9.67 9.93
CA THR D 289 33.91 10.90 9.88
C THR D 289 32.61 10.75 10.68
N THR D 290 31.99 11.88 11.00
CA THR D 290 30.66 11.83 11.61
C THR D 290 29.72 10.96 10.80
N ALA D 291 29.70 11.15 9.47
CA ALA D 291 28.80 10.35 8.63
C ALA D 291 29.12 8.87 8.75
N GLN D 292 30.41 8.52 8.75
CA GLN D 292 30.78 7.11 8.85
C GLN D 292 30.46 6.56 10.24
N MET D 293 30.64 7.37 11.28
CA MET D 293 30.30 6.94 12.63
C MET D 293 28.80 6.68 12.74
N ILE D 294 27.99 7.60 12.23
CA ILE D 294 26.54 7.38 12.24
C ILE D 294 26.18 6.11 11.48
N ALA D 295 26.81 5.90 10.32
CA ALA D 295 26.52 4.70 9.54
C ALA D 295 26.90 3.45 10.32
N TYR D 296 28.03 3.49 11.03
CA TYR D 296 28.45 2.35 11.84
C TYR D 296 27.43 2.05 12.94
N LEU D 297 27.02 3.08 13.69
CA LEU D 297 25.98 2.88 14.70
C LEU D 297 24.71 2.31 14.09
N LYS D 298 24.31 2.83 12.93
CA LYS D 298 23.12 2.31 12.25
C LYS D 298 23.27 0.84 11.92
N LYS D 299 24.45 0.44 11.42
CA LYS D 299 24.70 -0.96 11.13
C LYS D 299 24.64 -1.81 12.39
N LEU D 300 25.15 -1.29 13.51
CA LEU D 300 25.10 -2.07 14.75
C LEU D 300 23.66 -2.30 15.18
N THR D 301 22.80 -1.30 15.01
CA THR D 301 21.40 -1.47 15.43
C THR D 301 20.65 -2.42 14.52
N GLU D 302 21.18 -2.70 13.33
CA GLU D 302 20.61 -3.68 12.42
C GLU D 302 21.16 -5.07 12.68
N GLN D 303 22.38 -5.18 13.20
CA GLN D 303 23.00 -6.47 13.51
C GLN D 303 22.60 -6.98 14.89
N TYR D 304 22.26 -6.09 15.81
CA TYR D 304 22.04 -6.43 17.21
C TYR D 304 20.79 -5.72 17.69
N PRO D 305 20.13 -6.29 18.69
CA PRO D 305 18.87 -5.69 19.17
C PRO D 305 19.12 -4.47 20.07
N ILE D 306 19.77 -3.45 19.50
CA ILE D 306 20.11 -2.23 20.22
C ILE D 306 18.91 -1.28 20.16
N ILE D 307 18.42 -0.88 21.33
CA ILE D 307 17.29 0.02 21.42
C ILE D 307 17.70 1.43 21.86
N SER D 308 18.92 1.59 22.39
CA SER D 308 19.30 2.87 22.97
C SER D 308 20.79 3.10 22.79
N ILE D 309 21.15 4.33 22.40
CA ILE D 309 22.54 4.72 22.19
C ILE D 309 22.78 6.01 22.97
N GLU D 310 23.74 5.97 23.88
CA GLU D 310 24.11 7.12 24.70
C GLU D 310 25.45 7.67 24.20
N ASP D 311 25.51 9.00 24.03
CA ASP D 311 26.69 9.72 23.54
C ASP D 311 27.34 9.00 22.36
N GLY D 312 26.53 8.71 21.34
CA GLY D 312 27.02 8.07 20.14
C GLY D 312 27.97 8.93 19.35
N LEU D 313 27.88 10.24 19.53
CA LEU D 313 28.76 11.23 18.91
C LEU D 313 29.28 12.14 20.01
N SER D 314 30.31 12.92 19.67
CA SER D 314 30.99 13.72 20.68
C SER D 314 30.13 14.90 21.12
N GLU D 315 30.38 15.34 22.36
CA GLU D 315 29.77 16.57 22.85
C GLU D 315 30.16 17.77 22.00
N HIS D 316 31.26 17.68 21.24
CA HIS D 316 31.72 18.71 20.32
C HIS D 316 31.21 18.48 18.89
N ASP D 317 30.16 17.68 18.73
CA ASP D 317 29.62 17.34 17.41
C ASP D 317 28.10 17.44 17.44
N TRP D 318 27.60 18.63 17.79
CA TRP D 318 26.14 18.85 17.84
C TRP D 318 25.48 18.54 16.49
N GLU D 319 26.07 19.00 15.39
CA GLU D 319 25.48 18.71 14.08
C GLU D 319 25.38 17.21 13.85
N GLY D 320 26.39 16.46 14.31
CA GLY D 320 26.34 15.01 14.18
C GLY D 320 25.22 14.39 15.00
N MET D 321 25.10 14.79 16.28
CA MET D 321 24.06 14.25 17.14
C MET D 321 22.68 14.51 16.57
N GLU D 322 22.47 15.70 16.00
CA GLU D 322 21.20 16.01 15.34
C GLU D 322 20.93 15.06 14.19
N THR D 323 21.96 14.78 13.37
CA THR D 323 21.78 13.87 12.25
C THR D 323 21.53 12.44 12.73
N LEU D 324 22.23 12.02 13.79
CA LEU D 324 21.96 10.71 14.38
C LEU D 324 20.51 10.59 14.82
N THR D 325 20.03 11.61 15.54
CA THR D 325 18.65 11.60 16.04
C THR D 325 17.66 11.63 14.88
N LYS D 326 17.98 12.34 13.81
CA LYS D 326 17.07 12.34 12.67
C LYS D 326 17.08 11.00 11.96
N THR D 327 18.26 10.38 11.87
CA THR D 327 18.45 9.14 11.11
C THR D 327 17.87 7.93 11.83
N LEU D 328 18.22 7.78 13.11
CA LEU D 328 17.82 6.62 13.90
C LEU D 328 16.74 6.92 14.93
N GLY D 329 16.58 8.18 15.33
CA GLY D 329 15.78 8.54 16.48
C GLY D 329 14.32 8.19 16.39
N GLN D 330 13.81 7.84 15.21
CA GLN D 330 12.41 7.46 15.09
C GLN D 330 12.11 6.19 15.87
N HIS D 331 13.04 5.23 15.87
CA HIS D 331 12.83 3.93 16.49
C HIS D 331 13.90 3.57 17.51
N ILE D 332 14.96 4.38 17.63
CA ILE D 332 16.06 4.14 18.54
C ILE D 332 16.16 5.32 19.49
N GLN D 333 16.26 5.05 20.78
CA GLN D 333 16.50 6.10 21.75
C GLN D 333 17.93 6.64 21.63
N ILE D 334 18.05 7.96 21.55
CA ILE D 334 19.34 8.64 21.43
C ILE D 334 19.50 9.49 22.68
N VAL D 335 20.45 9.13 23.54
CA VAL D 335 20.58 9.73 24.85
C VAL D 335 21.74 10.73 24.83
N GLY D 336 21.48 11.94 25.32
CA GLY D 336 22.53 12.89 25.58
C GLY D 336 22.93 12.78 27.03
N ASP D 337 24.21 12.51 27.28
CA ASP D 337 24.78 12.44 28.62
C ASP D 337 25.73 13.62 28.75
N ASP D 338 27.00 13.48 28.36
CA ASP D 338 27.92 14.60 28.46
C ASP D 338 27.60 15.72 27.47
N LEU D 339 26.70 15.48 26.52
CA LEU D 339 26.22 16.57 25.66
C LEU D 339 25.54 17.65 26.49
N TYR D 340 24.83 17.25 27.55
CA TYR D 340 24.07 18.17 28.39
C TYR D 340 24.61 18.31 29.79
N CYS D 341 25.24 17.26 30.34
CA CYS D 341 25.71 17.28 31.72
C CYS D 341 24.60 17.71 32.69
N THR D 342 23.39 17.20 32.45
CA THR D 342 22.22 17.47 33.30
C THR D 342 22.04 18.97 33.53
N ASN D 343 22.49 19.77 32.58
CA ASN D 343 22.42 21.22 32.71
C ASN D 343 21.16 21.73 32.02
N PRO D 344 20.20 22.31 32.75
CA PRO D 344 18.97 22.81 32.10
C PRO D 344 19.20 23.73 30.90
N ALA D 345 20.15 24.67 31.00
CA ALA D 345 20.36 25.60 29.91
C ALA D 345 20.85 24.89 28.65
N ILE D 346 21.66 23.84 28.83
CA ILE D 346 22.19 23.10 27.69
C ILE D 346 21.14 22.12 27.16
N ALA D 347 20.38 21.50 28.06
CA ALA D 347 19.26 20.67 27.65
C ALA D 347 18.28 21.45 26.79
N GLU D 348 17.99 22.70 27.17
CA GLU D 348 17.10 23.53 26.37
C GLU D 348 17.64 23.74 24.98
N LYS D 349 18.97 23.91 24.87
CA LYS D 349 19.61 24.02 23.56
C LYS D 349 19.44 22.72 22.77
N GLY D 350 19.58 21.58 23.46
CA GLY D 350 19.36 20.30 22.79
C GLY D 350 17.95 20.14 22.27
N VAL D 351 16.96 20.56 23.07
CA VAL D 351 15.58 20.56 22.61
C VAL D 351 15.44 21.43 21.37
N ALA D 352 16.07 22.59 21.38
CA ALA D 352 15.95 23.51 20.24
C ALA D 352 16.56 22.91 18.98
N HIS D 353 17.66 22.19 19.12
CA HIS D 353 18.33 21.58 17.97
C HIS D 353 17.79 20.20 17.64
N LYS D 354 16.89 19.65 18.46
CA LYS D 354 16.46 18.25 18.38
C LYS D 354 17.66 17.31 18.32
N ALA D 355 18.59 17.54 19.25
CA ALA D 355 19.88 16.86 19.21
C ALA D 355 19.79 15.41 19.67
N THR D 356 18.84 15.11 20.55
CA THR D 356 18.64 13.77 21.09
C THR D 356 17.14 13.57 21.23
N ASN D 357 16.74 12.43 21.77
CA ASN D 357 15.35 12.26 22.19
C ASN D 357 15.28 11.72 23.62
N SER D 358 16.34 11.99 24.37
CA SER D 358 16.52 11.45 25.71
C SER D 358 17.67 12.17 26.36
N ILE D 359 17.59 12.33 27.68
CA ILE D 359 18.66 12.91 28.46
C ILE D 359 19.01 11.96 29.61
N LEU D 360 20.30 11.80 29.88
CA LEU D 360 20.75 11.09 31.07
C LEU D 360 20.84 12.10 32.22
N ILE D 361 20.24 11.77 33.35
CA ILE D 361 20.11 12.69 34.46
C ILE D 361 21.07 12.26 35.54
N LYS D 362 22.10 13.07 35.80
CA LYS D 362 23.07 12.81 36.86
C LYS D 362 22.99 13.98 37.85
N LEU D 363 22.35 13.73 39.00
CA LEU D 363 22.17 14.79 40.01
C LEU D 363 23.45 15.57 40.28
N ASN D 364 24.58 14.87 40.37
CA ASN D 364 25.78 15.58 40.81
C ASN D 364 26.50 16.30 39.68
N GLN D 365 26.06 16.14 38.42
CA GLN D 365 26.59 16.98 37.35
C GLN D 365 26.08 18.41 37.42
N ILE D 366 24.96 18.66 38.10
CA ILE D 366 24.37 20.00 38.20
C ILE D 366 24.34 20.51 39.63
N GLY D 367 24.07 19.64 40.60
CA GLY D 367 24.39 19.95 41.99
C GLY D 367 23.22 20.27 42.91
N THR D 368 22.01 20.43 42.40
CA THR D 368 20.86 20.57 43.28
C THR D 368 19.73 19.71 42.75
N LEU D 369 18.85 19.31 43.66
CA LEU D 369 17.65 18.58 43.28
C LEU D 369 16.74 19.44 42.40
N THR D 370 16.64 20.74 42.72
CA THR D 370 15.76 21.62 41.97
C THR D 370 16.22 21.75 40.52
N GLU D 371 17.51 21.99 40.28
CA GLU D 371 17.99 22.09 38.91
C GLU D 371 17.82 20.77 38.18
N THR D 372 18.05 19.65 38.88
CA THR D 372 17.86 18.35 38.26
C THR D 372 16.42 18.16 37.80
N ILE D 373 15.46 18.56 38.65
CA ILE D 373 14.06 18.47 38.26
C ILE D 373 13.77 19.40 37.09
N LYS D 374 14.40 20.57 37.05
CA LYS D 374 14.25 21.45 35.90
C LYS D 374 14.66 20.74 34.61
N ALA D 375 15.80 20.05 34.63
CA ALA D 375 16.25 19.34 33.44
C ALA D 375 15.29 18.21 33.06
N ILE D 376 14.77 17.50 34.06
CA ILE D 376 13.78 16.46 33.80
C ILE D 376 12.57 17.06 33.10
N ASN D 377 12.09 18.20 33.59
CA ASN D 377 10.89 18.81 33.05
C ASN D 377 11.12 19.37 31.66
N ILE D 378 12.30 19.93 31.42
CA ILE D 378 12.66 20.32 30.06
C ILE D 378 12.53 19.13 29.12
N ALA D 379 13.05 17.97 29.53
CA ALA D 379 12.93 16.78 28.71
C ALA D 379 11.47 16.35 28.56
N LYS D 380 10.71 16.33 29.67
CA LYS D 380 9.30 15.95 29.57
C LYS D 380 8.56 16.83 28.58
N ASP D 381 8.79 18.15 28.64
CA ASP D 381 8.07 19.06 27.75
C ASP D 381 8.42 18.82 26.29
N ALA D 382 9.61 18.27 26.01
CA ALA D 382 10.04 17.98 24.65
C ALA D 382 9.69 16.56 24.22
N ASN D 383 9.00 15.81 25.07
CA ASN D 383 8.69 14.40 24.82
C ASN D 383 9.97 13.58 24.70
N TRP D 384 11.00 13.95 25.46
CA TRP D 384 12.17 13.10 25.60
C TRP D 384 12.00 12.18 26.79
N SER D 385 12.62 11.02 26.72
CA SER D 385 12.72 10.23 27.94
C SER D 385 13.81 10.82 28.84
N GLN D 386 13.74 10.49 30.12
CA GLN D 386 14.74 10.90 31.09
C GLN D 386 15.26 9.63 31.75
N VAL D 387 16.55 9.37 31.59
CA VAL D 387 17.17 8.19 32.17
C VAL D 387 17.94 8.63 33.40
N ILE D 388 17.38 8.34 34.57
CA ILE D 388 18.09 8.65 35.82
C ILE D 388 19.29 7.73 35.93
N SER D 389 20.44 8.29 36.28
CA SER D 389 21.70 7.57 36.18
C SER D 389 22.49 7.61 37.48
N HIS D 390 23.22 6.53 37.73
CA HIS D 390 24.26 6.48 38.74
C HIS D 390 25.53 7.14 38.22
N ARG D 391 26.54 7.22 39.08
CA ARG D 391 27.91 7.50 38.67
C ARG D 391 28.77 6.26 38.89
N SER D 392 29.96 6.23 38.28
CA SER D 392 30.82 5.06 38.44
C SER D 392 31.28 4.89 39.88
N GLY D 393 31.42 6.00 40.61
CA GLY D 393 31.58 5.89 42.05
C GLY D 393 30.24 6.16 42.73
N GLU D 394 29.62 5.12 43.27
CA GLU D 394 28.32 5.22 43.89
C GLU D 394 28.45 5.00 45.39
N THR D 395 27.31 5.09 46.08
CA THR D 395 27.24 4.77 47.50
C THR D 395 26.02 3.90 47.71
N GLU D 396 25.83 3.48 48.96
CA GLU D 396 24.63 2.75 49.37
C GLU D 396 23.37 3.61 49.33
N ASP D 397 23.51 4.90 49.04
CA ASP D 397 22.35 5.78 48.92
C ASP D 397 21.49 5.39 47.73
N THR D 398 20.16 5.40 47.89
CA THR D 398 19.29 4.89 46.85
C THR D 398 18.36 5.96 46.30
N THR D 399 18.74 7.23 46.47
CA THR D 399 17.93 8.37 46.02
C THR D 399 17.46 8.22 44.58
N ILE D 400 18.35 7.83 43.67
CA ILE D 400 17.96 7.83 42.26
C ILE D 400 16.83 6.85 41.98
N ALA D 401 16.69 5.80 42.78
CA ALA D 401 15.54 4.91 42.61
C ALA D 401 14.24 5.67 42.86
N ASP D 402 14.18 6.38 43.98
CA ASP D 402 12.99 7.15 44.32
C ASP D 402 12.77 8.32 43.36
N LEU D 403 13.86 8.94 42.91
CA LEU D 403 13.72 10.03 41.94
C LEU D 403 13.14 9.52 40.63
N ALA D 404 13.66 8.40 40.13
CA ALA D 404 13.19 7.86 38.86
C ALA D 404 11.72 7.46 38.92
N VAL D 405 11.30 6.88 40.05
CA VAL D 405 9.89 6.56 40.24
C VAL D 405 9.07 7.83 40.40
N ALA D 406 9.56 8.77 41.20
CA ALA D 406 8.82 10.01 41.45
C ALA D 406 8.54 10.75 40.15
N ALA D 407 9.51 10.78 39.24
CA ALA D 407 9.33 11.50 37.98
C ALA D 407 8.66 10.64 36.91
N CYS D 408 8.34 9.39 37.24
CA CYS D 408 7.79 8.40 36.29
C CYS D 408 8.54 8.40 34.97
N THR D 409 9.88 8.36 35.07
CA THR D 409 10.72 8.33 33.86
C THR D 409 10.63 6.98 33.15
N GLY D 410 10.35 5.91 33.88
CA GLY D 410 10.30 4.58 33.30
C GLY D 410 11.63 3.97 32.94
N GLN D 411 12.75 4.64 33.24
CA GLN D 411 14.07 4.14 32.87
C GLN D 411 15.12 4.56 33.89
N ILE D 412 16.07 3.66 34.15
CA ILE D 412 17.15 3.95 35.09
C ILE D 412 18.41 3.27 34.58
N LYS D 413 19.56 3.89 34.85
CA LYS D 413 20.85 3.27 34.58
C LYS D 413 21.62 3.28 35.90
N THR D 414 21.70 2.13 36.55
CA THR D 414 22.33 2.14 37.86
C THR D 414 23.17 0.89 38.11
N GLY D 415 23.65 0.23 37.06
CA GLY D 415 24.74 -0.71 37.18
C GLY D 415 24.36 -2.13 36.82
N SER D 416 25.34 -3.00 36.97
CA SER D 416 25.21 -4.41 36.61
C SER D 416 24.53 -5.13 37.78
N MET D 417 24.46 -6.46 37.71
CA MET D 417 23.89 -7.24 38.81
C MET D 417 24.96 -7.73 39.80
N SER D 418 25.91 -6.87 40.15
CA SER D 418 26.78 -7.14 41.29
C SER D 418 27.23 -5.80 41.87
N ARG D 419 27.70 -5.85 43.12
CA ARG D 419 28.12 -4.69 43.92
C ARG D 419 26.91 -3.93 44.47
N SER D 420 26.77 -3.88 45.79
CA SER D 420 25.49 -3.40 46.33
C SER D 420 25.31 -1.90 46.21
N GLU D 421 26.32 -1.12 45.81
CA GLU D 421 26.00 0.25 45.45
C GLU D 421 25.17 0.30 44.17
N ARG D 422 25.14 -0.78 43.40
CA ARG D 422 24.17 -0.87 42.33
C ARG D 422 22.92 -1.60 42.80
N ILE D 423 23.12 -2.77 43.42
CA ILE D 423 22.01 -3.64 43.79
C ILE D 423 21.07 -2.95 44.77
N ALA D 424 21.60 -2.08 45.64
CA ALA D 424 20.71 -1.42 46.61
C ALA D 424 19.63 -0.61 45.90
N LYS D 425 19.95 0.00 44.76
CA LYS D 425 18.91 0.70 44.01
C LYS D 425 17.84 -0.28 43.54
N TYR D 426 18.27 -1.42 42.99
CA TYR D 426 17.31 -2.42 42.53
C TYR D 426 16.46 -2.93 43.68
N ASN D 427 17.08 -3.23 44.82
CA ASN D 427 16.31 -3.68 45.98
C ASN D 427 15.30 -2.63 46.41
N ARG D 428 15.69 -1.36 46.31
CA ARG D 428 14.75 -0.30 46.65
C ARG D 428 13.57 -0.27 45.68
N LEU D 429 13.83 -0.47 44.38
CA LEU D 429 12.74 -0.53 43.41
C LEU D 429 11.82 -1.73 43.67
N LEU D 430 12.38 -2.86 44.08
CA LEU D 430 11.53 -4.00 44.45
C LEU D 430 10.64 -3.64 45.64
N GLN D 431 11.20 -2.90 46.60
CA GLN D 431 10.41 -2.54 47.77
C GLN D 431 9.31 -1.55 47.40
N ILE D 432 9.64 -0.61 46.51
CA ILE D 432 8.66 0.35 46.02
C ILE D 432 7.54 -0.37 45.28
N GLU D 433 7.90 -1.28 44.37
CA GLU D 433 6.89 -2.06 43.66
C GLU D 433 5.97 -2.78 44.63
N LEU D 434 6.56 -3.49 45.60
CA LEU D 434 5.75 -4.23 46.56
C LEU D 434 4.87 -3.29 47.38
N GLU D 435 5.43 -2.17 47.83
CA GLU D 435 4.66 -1.18 48.58
C GLU D 435 3.46 -0.65 47.79
N LEU D 436 3.66 -0.35 46.51
CA LEU D 436 2.62 0.31 45.73
C LEU D 436 1.54 -0.64 45.24
N GLY D 437 1.86 -1.92 45.06
CA GLY D 437 0.84 -2.87 44.61
C GLY D 437 0.27 -2.46 43.26
N ASN D 438 -1.06 -2.46 43.17
CA ASN D 438 -1.74 -2.08 41.93
C ASN D 438 -1.41 -0.67 41.48
N ASN D 439 -0.89 0.18 42.36
CA ASN D 439 -0.54 1.54 41.99
C ASN D 439 0.84 1.65 41.35
N ALA D 440 1.52 0.53 41.04
CA ALA D 440 2.77 0.55 40.30
C ALA D 440 2.64 -0.32 39.07
N LYS D 441 3.19 0.17 37.96
CA LYS D 441 3.18 -0.58 36.72
C LYS D 441 4.57 -0.54 36.12
N TYR D 442 5.05 -1.69 35.69
CA TYR D 442 6.29 -1.80 34.92
C TYR D 442 5.86 -1.93 33.47
N LEU D 443 6.19 -0.93 32.65
CA LEU D 443 5.60 -0.83 31.33
C LEU D 443 6.32 -1.65 30.27
N GLY D 444 7.53 -2.12 30.55
CA GLY D 444 8.26 -2.88 29.55
C GLY D 444 8.41 -2.09 28.26
N TRP D 445 8.14 -2.73 27.13
CA TRP D 445 8.32 -2.05 25.85
C TRP D 445 7.50 -0.78 25.74
N ASN D 446 6.44 -0.62 26.54
CA ASN D 446 5.66 0.61 26.45
C ASN D 446 6.17 1.72 27.35
N THR D 447 7.32 1.51 28.01
CA THR D 447 7.93 2.59 28.78
C THR D 447 8.39 3.73 27.89
N PHE D 448 8.64 3.45 26.61
CA PHE D 448 9.10 4.47 25.67
C PHE D 448 7.91 5.27 25.17
N LYS D 449 7.87 6.56 25.52
CA LYS D 449 6.99 7.51 24.85
C LYS D 449 7.76 8.45 23.93
N ASN D 450 9.08 8.32 23.87
CA ASN D 450 9.92 9.21 23.08
C ASN D 450 10.26 8.64 21.71
N ILE D 451 10.09 7.34 21.53
CA ILE D 451 10.37 6.65 20.27
C ILE D 451 9.23 5.68 20.02
N LYS D 452 9.17 5.17 18.79
CA LYS D 452 8.28 4.06 18.47
C LYS D 452 9.15 2.86 18.12
N PRO D 453 9.31 1.89 19.02
CA PRO D 453 10.24 0.78 18.75
C PRO D 453 9.78 -0.02 17.54
N GLN D 454 10.75 -0.51 16.76
CA GLN D 454 10.42 -1.34 15.61
C GLN D 454 9.68 -2.59 16.06
N LYS D 455 8.55 -2.88 15.40
CA LYS D 455 7.72 -3.99 15.84
C LYS D 455 8.46 -5.32 15.79
N ALA D 456 9.36 -5.49 14.81
CA ALA D 456 10.16 -6.72 14.74
C ALA D 456 11.04 -6.86 15.98
N LEU D 457 11.69 -5.77 16.40
CA LEU D 457 12.49 -5.80 17.62
C LEU D 457 11.63 -6.13 18.84
N GLU D 458 10.43 -5.57 18.89
CA GLU D 458 9.58 -5.64 20.07
C GLU D 458 8.94 -7.00 20.27
N HIS D 459 8.68 -7.76 19.20
CA HIS D 459 7.88 -8.97 19.31
C HIS D 459 8.67 -10.21 18.90
N HIS D 460 8.19 -11.35 19.36
CA HIS D 460 8.82 -12.65 19.09
C HIS D 460 7.78 -13.68 18.65
S SO4 E . 14.96 15.86 -31.30
O1 SO4 E . 13.88 15.98 -32.27
O2 SO4 E . 14.45 15.46 -30.00
O3 SO4 E . 15.92 14.85 -31.76
O4 SO4 E . 15.62 17.15 -31.13
S SO4 F . 2.75 -12.58 -28.15
O1 SO4 F . 1.97 -13.80 -27.88
O2 SO4 F . 4.16 -12.88 -28.17
O3 SO4 F . 2.32 -12.02 -29.42
O4 SO4 F . 2.46 -11.60 -27.12
S SO4 G . -42.10 -18.92 10.54
O1 SO4 G . -42.71 -18.02 11.51
O2 SO4 G . -40.71 -19.14 10.91
O3 SO4 G . -42.78 -20.22 10.53
O4 SO4 G . -42.22 -18.35 9.21
S SO4 H . 30.56 8.20 35.03
O1 SO4 H . 29.76 8.13 36.23
O2 SO4 H . 31.96 7.90 35.34
O3 SO4 H . 30.09 7.21 34.06
O4 SO4 H . 30.43 9.55 34.49
#